data_6JP6
#
_entry.id   6JP6
#
_cell.length_a   253.643
_cell.length_b   110.351
_cell.length_c   133.503
_cell.angle_alpha   90.000
_cell.angle_beta   90.020
_cell.angle_gamma   90.000
#
_symmetry.space_group_name_H-M   'C 1 2 1'
#
loop_
_entity.id
_entity.type
_entity.pdbx_description
1 polymer "tRNA (guanosine(34)-2'-O)-methyltransferase non-catalytic subunit TRM734"
2 polymer "tRNA (cytidine(34)/guanosine(34)-2'-O)-methyltransferase"
3 non-polymer 'SULFATE ION'
4 non-polymer '4-(2-HYDROXYETHYL)-1-PIPERAZINE ETHANESULFONIC ACID'
5 water water
#
loop_
_entity_poly.entity_id
_entity_poly.type
_entity_poly.pdbx_seq_one_letter_code
_entity_poly.pdbx_strand_id
1 'polypeptide(L)'
;MKDLSHYGPALCVKFYNDYVLAGYGPFIHVYDYHSATLINKCRLFHYNKVHGLSLSSEGKILAYGARSVTIVELEDVLKK
ESLVDFERINSDWITGATFSFDNLQIYLLTCYNKVLICDLNCEVLFRKSLGGERSILYSGIIKVFGPDKVYVNAGTVMGG
VIIWDLFSETKIHNLLGHEGSIFYVNLSNNGRYVASCSDDRSIRLWDLETGKQLSVGWSHTARIWNLMFFDNDSKLISVS
EDCTCRVWNIIESRENVAELSISNVYEVHLIKSIWGVDVKDDEMIAVTSGNDGRLKLIDLLQLKRHGDEETSFSLDDIAK
QCGDIFEKNESIKGFQWFSFGVIAITSLGKILKYSDVTKQWKLLLTNEKFNSYPITNGIQTQNIAVFSNNKSDILLIKFS
KDSADIIETEEFHLDELSKTNNCLVTEYDDDSFLLTLQSPNPREKFVCLEISLQNLKIKSKHCFNKPENFSSSCLTSFRN
HILVGSRFSTLVIYNLLDESEEPFIIRRLSPGDTTTSIEFVEDKDNSAVFSVTNRDGYYVFIELTKNSLEEGPYRLSYKV
LHSNKMMKGFLEGAFFNSKGEYITYGFKSSLFYLYNETNCYELASEVCGGSHRLWNLAKITDGHVLMYIKASRFHLRKIY
NSIVPETLENGVHGREIRDISICPVSNTNTNDNFKDGHIFCTASEDTTIKLGYFNNRTGKVQNFWTQRKHVSGLQRCQFI
NHKLMISSSAREELFLWELNDKYNKRPYMTIRQALPVSTNNSDLRIMDFDVKFISQSGDFLLVTVYSDSTIKIWHYRENQ
NKFDLIMQGRYKTCCLFNVVFIALKEELLVVISPTDGHLVVYNITEYVPFSVDPISGDLVDHKLDATISNLPAPVAQLPV
HQSGVKSLDYVANATRTSATILTGGDDNGLGLSNLKLDDSNKVTLKTSDFIAAAASSTITSGMLINGGKEVITTSVDQVI
RAWEITAGKLSLVDKKRTTVADTGSLEIISNDEDADSEKTLLIGGVGLSIWKKLEVLFQGPSHHHHHH
;
A,C
2 'polypeptide(L)'
;MGKSSKDKRDLYYRKAKEQGYRARSAFKLLQLNDQFHFLDDPNLKRVVDLCAAPGSWSQVLSRKLFDESPSSDKEDRKIV
SVDLQPMSPIPHVTTLQADITHPKTLARILKLFGNEKADFVCSDGAPDVTGLHDLDEYVQQQLIMSALQLTACILKKGGT
FVAKIFRGRDIDMLYSQLGYLFDKIVCAKPRSSRGTSLEAFIVCLGYNPPSNWTPKLDVNTSVDEFFQGCFLNKLCISDK
LSHWNEEERNIAEFMACGSLQSFDSDATYHDLPSSVAGTSSSLDPVQSPTNPPYKKALELKRSGKLTRSVLEVLFQGPSH
HHHHH
;
B,D
#
loop_
_chem_comp.id
_chem_comp.type
_chem_comp.name
_chem_comp.formula
EPE non-polymer '4-(2-HYDROXYETHYL)-1-PIPERAZINE ETHANESULFONIC ACID' 'C8 H18 N2 O4 S'
SO4 non-polymer 'SULFATE ION' 'O4 S -2'
#
# COMPACT_ATOMS: atom_id res chain seq x y z
N MET A 1 17.95 22.01 35.86
CA MET A 1 17.02 20.90 35.75
C MET A 1 17.66 19.62 36.26
N LYS A 2 16.85 18.67 36.77
CA LYS A 2 17.37 17.40 37.26
C LYS A 2 16.69 16.26 36.51
N ASP A 3 17.50 15.29 36.09
CA ASP A 3 17.00 14.11 35.42
C ASP A 3 16.54 13.10 36.46
N LEU A 4 15.37 12.54 36.27
CA LEU A 4 14.75 11.66 37.26
C LEU A 4 14.70 10.20 36.80
N SER A 5 14.06 9.91 35.68
CA SER A 5 14.03 8.54 35.16
C SER A 5 14.24 8.55 33.65
N HIS A 6 14.64 7.39 33.13
CA HIS A 6 14.84 7.21 31.69
C HIS A 6 14.43 5.81 31.28
N TYR A 7 13.64 5.71 30.22
CA TYR A 7 13.38 4.45 29.55
C TYR A 7 13.71 4.62 28.08
N GLY A 8 14.67 3.85 27.59
CA GLY A 8 15.14 4.02 26.25
C GLY A 8 16.15 2.96 25.91
N PRO A 9 16.79 3.11 24.75
CA PRO A 9 17.68 2.07 24.25
C PRO A 9 18.70 1.60 25.30
N ALA A 10 18.72 0.29 25.52
CA ALA A 10 19.59 -0.37 26.49
C ALA A 10 20.51 -1.27 25.69
N LEU A 11 21.78 -0.88 25.57
CA LEU A 11 22.62 -1.45 24.53
C LEU A 11 23.33 -2.74 24.92
N CYS A 12 23.51 -3.05 26.19
CA CYS A 12 24.24 -4.26 26.57
C CYS A 12 23.76 -4.77 27.92
N VAL A 13 24.02 -6.06 28.18
CA VAL A 13 23.65 -6.66 29.46
C VAL A 13 24.67 -7.74 29.82
N LYS A 14 24.96 -7.85 31.11
CA LYS A 14 25.90 -8.86 31.58
C LYS A 14 25.35 -9.50 32.82
N PHE A 15 25.43 -10.83 32.87
CA PHE A 15 25.25 -11.58 34.11
C PHE A 15 26.52 -11.51 34.94
N TYR A 16 26.35 -11.34 36.26
CA TYR A 16 27.50 -11.34 37.18
C TYR A 16 26.99 -11.79 38.55
N ASN A 17 27.12 -13.10 38.84
CA ASN A 17 26.86 -13.66 40.17
C ASN A 17 25.60 -13.10 40.80
N ASP A 18 24.44 -13.42 40.25
CA ASP A 18 23.13 -13.05 40.79
C ASP A 18 22.76 -11.58 40.52
N TYR A 19 23.64 -10.81 39.91
CA TYR A 19 23.28 -9.52 39.35
C TYR A 19 23.14 -9.61 37.83
N VAL A 20 22.33 -8.71 37.29
CA VAL A 20 22.42 -8.31 35.89
C VAL A 20 22.87 -6.87 35.85
N LEU A 21 23.94 -6.60 35.11
CA LEU A 21 24.39 -5.23 34.87
C LEU A 21 23.97 -4.84 33.46
N ALA A 22 23.24 -3.74 33.34
CA ALA A 22 22.74 -3.31 32.05
C ALA A 22 23.24 -1.92 31.74
N GLY A 23 23.88 -1.76 30.58
CA GLY A 23 24.06 -0.46 29.99
C GLY A 23 22.71 0.01 29.55
N TYR A 24 22.29 1.17 30.03
CA TYR A 24 20.91 1.61 29.88
C TYR A 24 20.99 3.12 29.62
N GLY A 25 20.99 3.50 28.36
CA GLY A 25 21.33 4.86 28.03
C GLY A 25 22.73 5.13 28.53
N PRO A 26 22.94 6.28 29.16
CA PRO A 26 24.26 6.58 29.72
C PRO A 26 24.49 6.00 31.10
N PHE A 27 23.57 5.17 31.61
CA PHE A 27 23.67 4.62 32.95
C PHE A 27 24.07 3.14 32.92
N ILE A 28 24.48 2.68 34.10
CA ILE A 28 24.49 1.27 34.47
C ILE A 28 23.32 1.04 35.42
N HIS A 29 22.51 0.03 35.14
CA HIS A 29 21.51 -0.47 36.08
C HIS A 29 22.03 -1.78 36.67
N VAL A 30 21.95 -1.92 37.99
CA VAL A 30 22.28 -3.20 38.62
C VAL A 30 20.99 -3.76 39.20
N TYR A 31 20.65 -4.97 38.80
CA TYR A 31 19.45 -5.65 39.26
C TYR A 31 19.84 -6.91 40.00
N ASP A 32 19.04 -7.26 40.99
CA ASP A 32 19.03 -8.62 41.53
C ASP A 32 18.00 -9.38 40.70
N TYR A 33 18.48 -10.23 39.80
CA TYR A 33 17.58 -10.70 38.75
C TYR A 33 16.59 -11.77 39.22
N HIS A 34 16.86 -12.48 40.33
CA HIS A 34 15.88 -13.47 40.79
C HIS A 34 14.62 -12.79 41.34
N SER A 35 14.76 -11.62 41.94
CA SER A 35 13.61 -10.85 42.39
C SER A 35 13.26 -9.68 41.48
N ALA A 36 14.09 -9.38 40.48
CA ALA A 36 13.85 -8.25 39.56
C ALA A 36 13.82 -6.92 40.30
N THR A 37 14.71 -6.74 41.26
CA THR A 37 14.78 -5.51 42.02
C THR A 37 15.90 -4.64 41.48
N LEU A 38 15.61 -3.36 41.27
CA LEU A 38 16.66 -2.46 40.80
C LEU A 38 17.42 -1.99 42.01
N ILE A 39 18.68 -2.41 42.11
CA ILE A 39 19.49 -2.06 43.27
C ILE A 39 19.98 -0.62 43.18
N ASN A 40 20.46 -0.21 42.00
CA ASN A 40 20.88 1.18 41.83
C ASN A 40 21.00 1.53 40.34
N LYS A 41 20.86 2.82 40.06
CA LYS A 41 21.08 3.42 38.77
C LYS A 41 22.25 4.37 38.91
N CYS A 42 23.31 4.14 38.13
CA CYS A 42 24.49 4.99 38.20
C CYS A 42 24.80 5.52 36.80
N ARG A 43 24.82 6.85 36.66
CA ARG A 43 25.18 7.47 35.39
C ARG A 43 26.70 7.41 35.19
N LEU A 44 27.13 6.76 34.10
CA LEU A 44 28.56 6.67 33.82
C LEU A 44 29.07 7.77 32.88
N PHE A 45 28.27 8.15 31.88
CA PHE A 45 28.69 9.04 30.81
C PHE A 45 27.81 10.28 30.80
N HIS A 46 28.39 11.42 30.40
CA HIS A 46 27.62 12.66 30.41
C HIS A 46 26.43 12.57 29.43
N TYR A 47 26.67 12.14 28.20
CA TYR A 47 25.58 12.00 27.23
C TYR A 47 25.64 10.68 26.43
N ASN A 48 26.82 10.09 26.26
CA ASN A 48 26.89 8.89 25.42
C ASN A 48 26.18 7.71 26.08
N LYS A 49 25.65 6.83 25.26
CA LYS A 49 25.12 5.60 25.81
C LYS A 49 26.24 4.59 26.05
N VAL A 50 25.99 3.64 26.96
CA VAL A 50 26.93 2.55 27.22
C VAL A 50 26.69 1.48 26.16
N HIS A 51 27.64 1.31 25.25
CA HIS A 51 27.53 0.25 24.25
C HIS A 51 28.02 -1.11 24.75
N GLY A 52 28.98 -1.13 25.67
CA GLY A 52 29.51 -2.40 26.16
C GLY A 52 30.05 -2.26 27.57
N LEU A 53 30.05 -3.38 28.28
CA LEU A 53 30.68 -3.38 29.59
C LEU A 53 31.13 -4.78 29.96
N SER A 54 32.17 -4.87 30.77
CA SER A 54 32.57 -6.16 31.32
C SER A 54 33.17 -5.95 32.71
N LEU A 55 33.16 -7.02 33.50
CA LEU A 55 33.63 -6.98 34.88
C LEU A 55 34.87 -7.83 35.06
N SER A 56 35.85 -7.29 35.78
CA SER A 56 36.96 -8.11 36.23
C SER A 56 36.50 -8.96 37.40
N SER A 57 37.21 -10.07 37.62
CA SER A 57 36.92 -10.93 38.77
C SER A 57 36.89 -10.14 40.09
N GLU A 58 37.68 -9.08 40.20
CA GLU A 58 37.80 -8.31 41.42
C GLU A 58 36.87 -7.09 41.47
N GLY A 59 35.84 -7.03 40.62
CA GLY A 59 34.82 -6.00 40.73
C GLY A 59 35.06 -4.68 40.04
N LYS A 60 36.08 -4.56 39.20
CA LYS A 60 36.21 -3.37 38.36
C LYS A 60 35.32 -3.49 37.12
N ILE A 61 34.65 -2.40 36.77
CA ILE A 61 33.78 -2.35 35.59
C ILE A 61 34.44 -1.52 34.49
N LEU A 62 34.69 -2.14 33.34
CA LEU A 62 35.13 -1.44 32.14
C LEU A 62 33.93 -1.21 31.22
N ALA A 63 33.66 0.05 30.88
CA ALA A 63 32.52 0.41 30.04
C ALA A 63 32.94 1.39 28.95
N TYR A 64 32.32 1.25 27.79
CA TYR A 64 32.61 2.12 26.67
C TYR A 64 31.33 2.37 25.90
N GLY A 65 31.37 3.41 25.06
CA GLY A 65 30.27 3.71 24.18
C GLY A 65 30.61 4.89 23.31
N ALA A 66 30.59 4.70 21.97
CA ALA A 66 30.94 5.75 21.02
C ALA A 66 32.40 6.10 21.28
N ARG A 67 32.72 7.33 21.69
CA ARG A 67 34.09 7.69 22.03
C ARG A 67 34.37 7.68 23.54
N SER A 68 33.38 7.30 24.37
CA SER A 68 33.50 7.33 25.81
C SER A 68 34.02 6.00 26.36
N VAL A 69 34.83 6.09 27.42
CA VAL A 69 35.29 4.89 28.12
C VAL A 69 35.50 5.23 29.59
N THR A 70 35.27 4.24 30.45
CA THR A 70 35.51 4.44 31.86
C THR A 70 35.84 3.12 32.55
N ILE A 71 36.60 3.22 33.63
CA ILE A 71 36.87 2.14 34.55
C ILE A 71 36.37 2.57 35.92
N VAL A 72 35.52 1.76 36.50
CA VAL A 72 34.74 2.21 37.63
C VAL A 72 34.56 1.01 38.56
N GLU A 73 34.32 1.30 39.83
CA GLU A 73 34.24 0.25 40.83
C GLU A 73 32.80 -0.22 41.04
N LEU A 74 32.59 -1.55 41.00
CA LEU A 74 31.25 -2.07 41.22
C LEU A 74 30.68 -1.60 42.56
N GLU A 75 31.52 -1.53 43.59
CA GLU A 75 31.09 -0.99 44.88
C GLU A 75 30.49 0.41 44.73
N ASP A 76 31.16 1.30 43.98
CA ASP A 76 30.62 2.65 43.81
C ASP A 76 29.34 2.64 42.98
N VAL A 77 29.32 1.89 41.88
CA VAL A 77 28.14 1.81 41.02
C VAL A 77 26.92 1.38 41.81
N LEU A 78 27.12 0.53 42.83
CA LEU A 78 26.04 0.08 43.70
C LEU A 78 25.48 1.18 44.60
N LYS A 79 26.24 2.23 44.89
CA LYS A 79 25.74 3.22 45.85
C LYS A 79 25.81 4.67 45.39
N LYS A 80 26.53 4.99 44.33
CA LYS A 80 26.60 6.37 43.88
C LYS A 80 25.58 6.60 42.76
N GLU A 81 25.02 7.80 42.73
CA GLU A 81 24.07 8.14 41.68
C GLU A 81 24.77 8.44 40.35
N SER A 82 25.99 8.98 40.38
CA SER A 82 26.71 9.33 39.17
C SER A 82 28.21 9.19 39.41
N LEU A 83 28.93 8.79 38.35
CA LEU A 83 30.38 8.67 38.33
C LEU A 83 30.95 9.26 37.04
N VAL A 84 30.30 10.29 36.48
CA VAL A 84 30.68 10.85 35.18
C VAL A 84 32.05 11.48 35.18
N ASP A 85 32.62 11.80 36.35
CA ASP A 85 33.95 12.41 36.33
C ASP A 85 35.01 11.41 35.91
N PHE A 86 34.72 10.12 36.03
CA PHE A 86 35.69 9.13 35.58
C PHE A 86 35.59 8.86 34.09
N GLU A 87 34.65 9.50 33.40
CA GLU A 87 34.52 9.26 31.97
C GLU A 87 35.69 9.90 31.21
N ARG A 88 36.27 9.15 30.26
CA ARG A 88 37.28 9.70 29.35
C ARG A 88 36.83 9.55 27.90
N ILE A 89 37.31 10.45 27.06
CA ILE A 89 36.90 10.53 25.67
C ILE A 89 38.10 10.14 24.80
N ASN A 90 37.95 9.09 23.99
CA ASN A 90 39.02 8.76 23.06
C ASN A 90 38.74 9.42 21.72
N SER A 91 39.80 9.61 20.93
CA SER A 91 39.66 10.40 19.71
C SER A 91 38.83 9.66 18.66
N ASP A 92 38.88 8.34 18.64
CA ASP A 92 38.14 7.54 17.67
C ASP A 92 37.02 6.78 18.38
N TRP A 93 36.00 6.42 17.58
CA TRP A 93 34.94 5.54 18.09
C TRP A 93 35.57 4.26 18.64
N ILE A 94 35.07 3.81 19.79
CA ILE A 94 35.54 2.60 20.44
C ILE A 94 34.60 1.47 20.07
N THR A 95 35.12 0.46 19.37
CA THR A 95 34.29 -0.67 18.97
C THR A 95 34.19 -1.72 20.06
N GLY A 96 35.26 -1.95 20.82
CA GLY A 96 35.23 -2.95 21.86
C GLY A 96 36.24 -2.66 22.94
N ALA A 97 36.09 -3.36 24.06
CA ALA A 97 36.99 -3.18 25.19
C ALA A 97 36.97 -4.44 26.03
N THR A 98 38.14 -4.87 26.49
CA THR A 98 38.21 -5.98 27.44
C THR A 98 39.40 -5.78 28.37
N PHE A 99 39.31 -6.38 29.57
CA PHE A 99 40.45 -6.38 30.49
C PHE A 99 41.55 -7.29 29.97
N SER A 100 42.80 -6.93 30.29
CA SER A 100 43.88 -7.87 30.06
C SER A 100 43.68 -9.09 30.95
N PHE A 101 44.38 -10.16 30.62
CA PHE A 101 44.22 -11.42 31.35
C PHE A 101 44.34 -11.24 32.87
N ASP A 102 45.28 -10.41 33.33
CA ASP A 102 45.46 -10.20 34.76
C ASP A 102 44.73 -8.97 35.29
N ASN A 103 43.94 -8.29 34.44
CA ASN A 103 43.12 -7.14 34.83
C ASN A 103 43.93 -5.92 35.25
N LEU A 104 45.19 -5.82 34.82
CA LEU A 104 45.99 -4.63 35.11
C LEU A 104 46.07 -3.63 33.95
N GLN A 105 45.77 -4.07 32.73
CA GLN A 105 45.55 -3.17 31.60
C GLN A 105 44.14 -3.38 31.05
N ILE A 106 43.73 -2.46 30.17
CA ILE A 106 42.57 -2.66 29.30
C ILE A 106 43.01 -2.56 27.84
N TYR A 107 42.30 -3.28 26.98
CA TYR A 107 42.52 -3.26 25.54
C TYR A 107 41.31 -2.62 24.86
N LEU A 108 41.53 -1.53 24.13
CA LEU A 108 40.47 -0.82 23.42
C LEU A 108 40.61 -1.05 21.93
N LEU A 109 39.56 -1.59 21.29
CA LEU A 109 39.53 -1.73 19.84
C LEU A 109 38.82 -0.52 19.23
N THR A 110 39.49 0.20 18.36
CA THR A 110 38.85 1.32 17.68
C THR A 110 38.16 0.83 16.42
N CYS A 111 37.37 1.72 15.83
CA CYS A 111 36.65 1.41 14.60
C CYS A 111 37.58 1.31 13.40
N TYR A 112 38.84 1.69 13.55
CA TYR A 112 39.84 1.57 12.50
C TYR A 112 40.78 0.40 12.75
N ASN A 113 40.36 -0.54 13.60
CA ASN A 113 41.09 -1.79 13.84
C ASN A 113 42.47 -1.55 14.44
N LYS A 114 42.60 -0.53 15.30
CA LYS A 114 43.78 -0.37 16.15
C LYS A 114 43.39 -0.71 17.57
N VAL A 115 44.31 -1.33 18.30
CA VAL A 115 44.08 -1.66 19.70
C VAL A 115 44.94 -0.71 20.56
N LEU A 116 44.30 -0.01 21.49
CA LEU A 116 45.02 0.82 22.45
C LEU A 116 45.14 0.04 23.75
N ILE A 117 46.37 -0.32 24.13
CA ILE A 117 46.62 -0.91 25.44
C ILE A 117 46.78 0.22 26.45
N CYS A 118 45.90 0.26 27.45
CA CYS A 118 45.85 1.35 28.42
C CYS A 118 46.01 0.83 29.84
N ASP A 119 46.36 1.75 30.74
CA ASP A 119 46.41 1.44 32.16
C ASP A 119 45.02 1.62 32.74
N LEU A 120 44.86 1.35 34.04
CA LEU A 120 43.54 1.43 34.67
C LEU A 120 43.08 2.85 34.94
N ASN A 121 43.79 3.88 34.49
CA ASN A 121 43.23 5.22 34.40
C ASN A 121 42.82 5.55 32.96
N CYS A 122 42.85 4.55 32.07
CA CYS A 122 42.49 4.71 30.67
C CYS A 122 43.49 5.57 29.91
N GLU A 123 44.75 5.58 30.33
CA GLU A 123 45.76 6.29 29.57
C GLU A 123 46.54 5.29 28.73
N VAL A 124 46.88 5.69 27.51
CA VAL A 124 47.45 4.78 26.55
C VAL A 124 48.89 4.49 26.92
N LEU A 125 49.25 3.21 26.88
CA LEU A 125 50.61 2.71 27.02
C LEU A 125 51.26 2.47 25.66
N PHE A 126 50.56 1.83 24.73
CA PHE A 126 51.04 1.72 23.35
C PHE A 126 49.89 1.24 22.47
N ARG A 127 50.15 1.18 21.18
CA ARG A 127 49.13 0.84 20.21
C ARG A 127 49.61 -0.30 19.34
N LYS A 128 48.70 -1.21 19.03
CA LYS A 128 48.99 -2.29 18.10
C LYS A 128 48.08 -2.12 16.90
N SER A 129 48.59 -2.47 15.73
CA SER A 129 47.80 -2.40 14.50
C SER A 129 48.46 -3.29 13.46
N LEU A 130 47.71 -3.57 12.41
CA LEU A 130 48.20 -4.34 11.29
C LEU A 130 48.87 -3.44 10.25
N GLY A 131 49.53 -4.07 9.30
CA GLY A 131 49.99 -3.40 8.11
C GLY A 131 48.97 -3.59 7.00
N GLY A 132 49.05 -2.72 6.01
CA GLY A 132 48.13 -2.78 4.90
C GLY A 132 47.11 -1.67 4.98
N GLU A 133 46.08 -1.79 4.14
CA GLU A 133 45.06 -0.76 4.04
C GLU A 133 44.24 -0.64 5.32
N ARG A 134 43.80 0.59 5.64
CA ARG A 134 42.92 0.77 6.79
C ARG A 134 41.67 -0.08 6.63
N SER A 135 41.09 -0.45 7.76
CA SER A 135 39.81 -1.14 7.80
C SER A 135 38.85 -0.34 8.67
N ILE A 136 37.65 -0.13 8.16
CA ILE A 136 36.59 0.51 8.92
C ILE A 136 35.73 -0.60 9.50
N LEU A 137 35.47 -0.55 10.82
CA LEU A 137 34.77 -1.63 11.50
C LEU A 137 33.37 -1.21 11.92
N TYR A 138 32.42 -2.13 11.74
CA TYR A 138 31.11 -2.03 12.37
C TYR A 138 30.97 -2.93 13.59
N SER A 139 31.95 -3.80 13.85
CA SER A 139 31.95 -4.63 15.03
C SER A 139 33.36 -5.14 15.32
N GLY A 140 33.50 -5.77 16.48
CA GLY A 140 34.71 -6.47 16.85
C GLY A 140 34.74 -6.77 18.34
N ILE A 141 35.53 -7.78 18.69
CA ILE A 141 35.84 -8.06 20.08
C ILE A 141 37.31 -8.46 20.19
N ILE A 142 37.87 -8.20 21.35
CA ILE A 142 39.18 -8.68 21.73
C ILE A 142 38.97 -9.84 22.70
N LYS A 143 39.46 -11.01 22.31
CA LYS A 143 39.27 -12.26 23.04
C LYS A 143 40.59 -12.66 23.68
N VAL A 144 40.62 -12.73 25.01
CA VAL A 144 41.82 -13.00 25.79
C VAL A 144 41.82 -14.47 26.14
N PHE A 145 42.68 -15.26 25.50
CA PHE A 145 42.78 -16.70 25.79
C PHE A 145 43.79 -17.01 26.90
N GLY A 146 44.87 -16.24 26.96
CA GLY A 146 45.86 -16.36 28.00
C GLY A 146 46.59 -15.05 28.15
N PRO A 147 47.60 -15.01 29.03
CA PRO A 147 48.32 -13.73 29.26
C PRO A 147 48.92 -13.13 27.99
N ASP A 148 49.47 -13.95 27.10
CA ASP A 148 50.07 -13.43 25.87
C ASP A 148 49.32 -13.85 24.61
N LYS A 149 48.18 -14.53 24.73
CA LYS A 149 47.41 -15.02 23.58
C LYS A 149 46.11 -14.21 23.50
N VAL A 150 46.17 -13.08 22.80
CA VAL A 150 45.04 -12.17 22.66
C VAL A 150 44.68 -12.05 21.18
N TYR A 151 43.45 -12.40 20.84
CA TYR A 151 43.00 -12.30 19.46
C TYR A 151 42.11 -11.08 19.28
N VAL A 152 42.41 -10.29 18.27
CA VAL A 152 41.60 -9.16 17.85
C VAL A 152 40.75 -9.64 16.67
N ASN A 153 39.43 -9.53 16.81
CA ASN A 153 38.48 -10.10 15.86
C ASN A 153 37.66 -8.96 15.27
N ALA A 154 37.99 -8.53 14.06
CA ALA A 154 37.47 -7.29 13.49
C ALA A 154 36.39 -7.57 12.43
N GLY A 155 35.22 -6.93 12.59
CA GLY A 155 34.16 -7.05 11.61
C GLY A 155 34.06 -5.84 10.69
N THR A 156 34.50 -5.96 9.44
CA THR A 156 34.62 -4.78 8.59
C THR A 156 33.32 -4.44 7.86
N VAL A 157 33.25 -3.18 7.43
CA VAL A 157 32.14 -2.70 6.62
C VAL A 157 32.03 -3.47 5.32
N MET A 158 33.18 -3.86 4.75
CA MET A 158 33.23 -4.55 3.47
C MET A 158 32.89 -6.02 3.57
N GLY A 159 32.63 -6.55 4.77
CA GLY A 159 32.18 -7.91 4.88
C GLY A 159 33.23 -8.97 5.13
N GLY A 160 34.43 -8.57 5.53
CA GLY A 160 35.44 -9.51 5.99
C GLY A 160 35.52 -9.48 7.51
N VAL A 161 35.84 -10.63 8.08
CA VAL A 161 36.09 -10.77 9.51
C VAL A 161 37.58 -11.03 9.68
N ILE A 162 38.31 -10.03 10.18
CA ILE A 162 39.75 -10.13 10.32
C ILE A 162 40.09 -10.62 11.71
N ILE A 163 40.80 -11.74 11.79
CA ILE A 163 41.27 -12.31 13.04
C ILE A 163 42.79 -12.16 13.09
N TRP A 164 43.29 -11.35 14.02
CA TRP A 164 44.74 -11.15 14.12
C TRP A 164 45.22 -11.23 15.56
N ASP A 165 46.50 -11.58 15.71
CA ASP A 165 47.14 -11.78 17.01
C ASP A 165 47.65 -10.44 17.52
N LEU A 166 47.24 -10.08 18.74
CA LEU A 166 47.44 -8.73 19.23
C LEU A 166 48.90 -8.36 19.34
N PHE A 167 49.70 -9.19 20.03
CA PHE A 167 51.03 -8.72 20.41
C PHE A 167 52.05 -8.86 19.29
N SER A 168 51.89 -9.87 18.43
CA SER A 168 52.76 -9.96 17.27
C SER A 168 52.29 -9.12 16.10
N GLU A 169 51.12 -8.48 16.19
CA GLU A 169 50.56 -7.70 15.08
C GLU A 169 50.58 -8.51 13.78
N THR A 170 50.05 -9.72 13.85
CA THR A 170 50.11 -10.67 12.76
C THR A 170 48.72 -11.14 12.36
N LYS A 171 48.40 -11.04 11.07
CA LYS A 171 47.12 -11.51 10.56
C LYS A 171 47.05 -13.04 10.65
N ILE A 172 45.99 -13.56 11.26
CA ILE A 172 45.76 -14.98 11.36
C ILE A 172 44.79 -15.48 10.28
N HIS A 173 43.69 -14.76 10.07
CA HIS A 173 42.68 -15.13 9.07
C HIS A 173 42.05 -13.86 8.49
N ASN A 174 41.62 -13.97 7.25
CA ASN A 174 40.68 -13.04 6.67
C ASN A 174 39.50 -13.89 6.21
N LEU A 175 38.48 -13.99 7.08
CA LEU A 175 37.31 -14.81 6.80
C LEU A 175 36.40 -14.07 5.85
N LEU A 176 36.27 -14.59 4.62
CA LEU A 176 35.40 -14.00 3.60
C LEU A 176 34.25 -14.96 3.27
N GLY A 177 33.10 -14.40 2.92
CA GLY A 177 31.92 -15.20 2.65
C GLY A 177 30.61 -14.47 2.88
N HIS A 178 30.58 -13.62 3.91
CA HIS A 178 29.43 -12.77 4.15
C HIS A 178 29.17 -11.85 2.96
N GLU A 179 27.94 -11.37 2.84
CA GLU A 179 27.61 -10.46 1.76
C GLU A 179 27.48 -9.01 2.18
N GLY A 180 27.19 -8.72 3.44
CA GLY A 180 27.14 -7.32 3.82
C GLY A 180 28.16 -6.94 4.87
N SER A 181 27.93 -5.81 5.54
CA SER A 181 28.78 -5.42 6.64
C SER A 181 28.64 -6.39 7.81
N ILE A 182 29.72 -6.52 8.59
CA ILE A 182 29.75 -7.44 9.73
C ILE A 182 29.28 -6.69 10.96
N PHE A 183 28.18 -7.14 11.54
CA PHE A 183 27.67 -6.43 12.70
C PHE A 183 27.93 -7.14 14.03
N TYR A 184 28.38 -8.38 14.01
CA TYR A 184 28.93 -8.87 15.26
C TYR A 184 29.85 -10.05 15.01
N VAL A 185 30.90 -10.13 15.83
CA VAL A 185 31.85 -11.23 15.78
C VAL A 185 32.01 -11.72 17.20
N ASN A 186 32.05 -13.04 17.37
CA ASN A 186 32.36 -13.57 18.69
C ASN A 186 33.13 -14.87 18.52
N LEU A 187 33.80 -15.27 19.59
CA LEU A 187 34.61 -16.49 19.62
C LEU A 187 34.11 -17.37 20.75
N SER A 188 34.07 -18.68 20.48
CA SER A 188 33.81 -19.64 21.54
C SER A 188 34.92 -19.63 22.58
N ASN A 189 34.57 -19.97 23.81
CA ASN A 189 35.56 -20.00 24.88
C ASN A 189 36.64 -21.06 24.67
N ASN A 190 36.32 -22.19 24.06
CA ASN A 190 37.31 -23.26 23.92
C ASN A 190 38.27 -23.03 22.76
N GLY A 191 38.24 -21.88 22.10
CA GLY A 191 39.14 -21.61 20.99
C GLY A 191 38.82 -22.32 19.69
N ARG A 192 37.69 -22.99 19.57
CA ARG A 192 37.44 -23.73 18.33
C ARG A 192 36.87 -22.86 17.24
N TYR A 193 35.95 -21.93 17.58
CA TYR A 193 35.05 -21.36 16.59
C TYR A 193 34.97 -19.83 16.62
N VAL A 194 34.71 -19.28 15.44
CA VAL A 194 34.26 -17.91 15.28
C VAL A 194 32.80 -17.95 14.81
N ALA A 195 32.00 -17.01 15.30
CA ALA A 195 30.67 -16.78 14.76
C ALA A 195 30.58 -15.31 14.38
N SER A 196 30.08 -15.06 13.18
CA SER A 196 29.89 -13.71 12.69
C SER A 196 28.49 -13.59 12.11
N CYS A 197 28.00 -12.36 12.09
CA CYS A 197 26.69 -12.09 11.53
C CYS A 197 26.75 -10.77 10.78
N SER A 198 25.87 -10.64 9.80
CA SER A 198 25.86 -9.50 8.89
C SER A 198 24.43 -9.02 8.68
N ASP A 199 24.30 -7.96 7.89
CA ASP A 199 22.97 -7.56 7.43
C ASP A 199 22.54 -8.34 6.17
N ASP A 200 23.34 -9.32 5.74
CA ASP A 200 22.83 -10.31 4.80
C ASP A 200 21.92 -11.32 5.48
N ARG A 201 21.69 -11.18 6.78
CA ARG A 201 20.77 -11.96 7.58
C ARG A 201 21.30 -13.36 7.91
N SER A 202 22.54 -13.65 7.58
CA SER A 202 23.11 -14.95 7.87
C SER A 202 24.00 -14.90 9.12
N ILE A 203 24.14 -16.02 9.77
CA ILE A 203 25.14 -16.23 10.76
C ILE A 203 26.11 -17.23 10.17
N ARG A 204 27.40 -16.98 10.29
CA ARG A 204 28.38 -17.92 9.78
C ARG A 204 29.31 -18.49 10.81
N LEU A 205 29.45 -19.80 10.85
CA LEU A 205 30.35 -20.45 11.74
C LEU A 205 31.66 -20.75 11.06
N TRP A 206 32.75 -20.29 11.66
CA TRP A 206 34.07 -20.48 11.14
C TRP A 206 34.95 -21.29 12.04
N ASP A 207 35.88 -22.04 11.47
CA ASP A 207 36.89 -22.77 12.21
C ASP A 207 38.04 -21.88 12.45
N LEU A 208 38.34 -21.63 13.71
CA LEU A 208 39.37 -20.70 14.08
C LEU A 208 40.78 -21.22 13.85
N GLU A 209 40.97 -22.53 13.80
CA GLU A 209 42.28 -23.08 13.50
C GLU A 209 42.52 -23.09 12.04
N THR A 210 41.53 -23.48 11.26
CA THR A 210 41.71 -23.57 9.82
C THR A 210 41.22 -22.39 9.04
N GLY A 211 40.30 -21.61 9.57
CA GLY A 211 39.82 -20.45 8.86
C GLY A 211 38.75 -20.72 7.82
N LYS A 212 38.18 -21.89 7.87
CA LYS A 212 37.19 -22.31 6.94
C LYS A 212 35.81 -22.09 7.46
N GLN A 213 34.88 -21.85 6.57
CA GLN A 213 33.50 -21.73 6.93
C GLN A 213 32.94 -23.11 7.09
N LEU A 214 32.20 -23.33 8.15
CA LEU A 214 31.66 -24.62 8.41
C LEU A 214 30.17 -24.60 8.24
N SER A 215 29.55 -23.46 8.46
CA SER A 215 28.12 -23.39 8.49
C SER A 215 27.54 -22.01 8.36
N VAL A 216 26.48 -21.92 7.60
CA VAL A 216 25.76 -20.70 7.45
C VAL A 216 24.38 -20.93 7.96
N GLY A 217 23.88 -20.02 8.75
CA GLY A 217 22.58 -20.17 9.33
C GLY A 217 21.71 -19.04 8.90
N TRP A 218 20.51 -19.35 8.47
CA TRP A 218 19.55 -18.36 8.08
C TRP A 218 18.26 -18.57 8.80
N SER A 219 17.92 -17.76 9.78
CA SER A 219 16.67 -17.89 10.47
C SER A 219 16.13 -16.52 10.66
N HIS A 220 16.98 -15.61 11.09
CA HIS A 220 16.58 -14.28 11.42
C HIS A 220 16.07 -13.63 10.16
N THR A 221 15.14 -12.72 10.31
CA THR A 221 14.50 -12.09 9.18
C THR A 221 14.86 -10.66 9.03
N ALA A 222 15.78 -10.19 9.83
CA ALA A 222 16.32 -8.87 9.65
C ALA A 222 17.76 -8.86 10.06
N ARG A 223 18.34 -7.70 10.19
CA ARG A 223 19.75 -7.60 10.49
C ARG A 223 20.03 -8.10 11.86
N ILE A 224 21.17 -8.75 12.03
CA ILE A 224 21.53 -9.37 13.30
C ILE A 224 22.57 -8.52 14.01
N TRP A 225 22.32 -8.20 15.28
CA TRP A 225 23.10 -7.18 15.98
C TRP A 225 24.09 -7.72 17.02
N ASN A 226 23.98 -8.97 17.44
CA ASN A 226 24.75 -9.48 18.56
C ASN A 226 24.64 -11.00 18.60
N LEU A 227 25.73 -11.66 18.99
CA LEU A 227 25.66 -13.10 19.19
C LEU A 227 26.80 -13.53 20.09
N MET A 228 26.69 -14.76 20.61
CA MET A 228 27.71 -15.32 21.49
C MET A 228 27.48 -16.82 21.65
N PHE A 229 28.54 -17.51 22.07
CA PHE A 229 28.49 -18.91 22.44
C PHE A 229 28.09 -19.04 23.90
N PHE A 230 27.49 -20.18 24.24
CA PHE A 230 27.12 -20.47 25.62
C PHE A 230 26.99 -21.98 25.78
N ASP A 231 26.77 -22.40 27.04
CA ASP A 231 26.62 -23.82 27.38
C ASP A 231 27.82 -24.63 26.86
N ASN A 232 28.99 -24.29 27.42
CA ASN A 232 30.28 -24.84 27.01
C ASN A 232 30.40 -24.95 25.48
N ASP A 233 30.13 -23.84 24.79
CA ASP A 233 30.38 -23.69 23.37
C ASP A 233 29.61 -24.70 22.53
N SER A 234 28.52 -25.27 23.06
CA SER A 234 27.69 -26.20 22.31
C SER A 234 26.49 -25.51 21.66
N LYS A 235 26.22 -24.25 22.00
CA LYS A 235 25.08 -23.52 21.50
C LYS A 235 25.47 -22.09 21.16
N LEU A 236 24.65 -21.47 20.34
CA LEU A 236 24.85 -20.07 19.98
C LEU A 236 23.55 -19.31 20.19
N ILE A 237 23.64 -18.08 20.68
CA ILE A 237 22.48 -17.23 20.89
C ILE A 237 22.71 -15.95 20.12
N SER A 238 21.71 -15.54 19.35
CA SER A 238 21.79 -14.36 18.52
C SER A 238 20.53 -13.53 18.73
N VAL A 239 20.62 -12.26 18.36
CA VAL A 239 19.65 -11.26 18.77
C VAL A 239 19.57 -10.23 17.65
N SER A 240 18.36 -9.83 17.26
CA SER A 240 18.17 -9.24 15.95
C SER A 240 17.25 -8.02 15.92
N GLU A 241 17.36 -7.29 14.81
CA GLU A 241 16.36 -6.28 14.42
C GLU A 241 14.97 -6.89 14.25
N ASP A 242 14.88 -8.16 13.99
CA ASP A 242 13.57 -8.78 13.89
C ASP A 242 12.85 -8.95 15.27
N CYS A 243 13.42 -8.42 16.35
CA CYS A 243 12.89 -8.49 17.70
C CYS A 243 12.88 -9.90 18.27
N THR A 244 13.59 -10.82 17.64
CA THR A 244 13.67 -12.17 18.20
C THR A 244 15.07 -12.42 18.72
N CYS A 245 15.11 -13.31 19.71
CA CYS A 245 16.32 -13.94 20.21
C CYS A 245 16.27 -15.40 19.76
N ARG A 246 17.31 -15.86 19.09
CA ARG A 246 17.32 -17.20 18.53
C ARG A 246 18.49 -18.01 19.08
N VAL A 247 18.17 -19.24 19.51
CA VAL A 247 19.15 -20.19 20.05
C VAL A 247 19.42 -21.25 18.99
N TRP A 248 20.71 -21.57 18.82
CA TRP A 248 21.19 -22.50 17.81
C TRP A 248 22.01 -23.58 18.51
N ASN A 249 21.94 -24.80 17.98
CA ASN A 249 22.78 -25.89 18.45
C ASN A 249 24.02 -25.94 17.60
N ILE A 250 25.18 -26.13 18.24
CA ILE A 250 26.41 -26.43 17.51
C ILE A 250 26.52 -27.95 17.50
N ILE A 251 26.33 -28.57 16.34
CA ILE A 251 26.34 -30.02 16.22
C ILE A 251 27.64 -30.47 15.58
N GLU A 252 28.45 -31.20 16.34
CA GLU A 252 29.79 -31.60 15.91
C GLU A 252 29.77 -33.04 15.41
N SER A 253 30.42 -33.28 14.27
CA SER A 253 30.51 -34.62 13.70
C SER A 253 31.90 -34.86 13.10
N ARG A 254 32.24 -36.12 12.87
CA ARG A 254 33.40 -36.49 12.07
C ARG A 254 33.36 -35.91 10.63
N GLU A 255 32.35 -36.25 9.79
CA GLU A 255 32.46 -35.87 8.36
C GLU A 255 32.35 -34.36 8.10
N ASN A 256 31.62 -33.61 8.91
CA ASN A 256 31.62 -32.15 8.80
C ASN A 256 31.94 -31.63 10.18
N VAL A 257 32.80 -30.60 10.24
CA VAL A 257 33.40 -30.27 11.53
C VAL A 257 32.32 -29.91 12.55
N ALA A 258 31.43 -28.97 12.19
CA ALA A 258 30.33 -28.57 13.05
C ALA A 258 29.33 -27.78 12.21
N GLU A 259 28.07 -27.79 12.62
CA GLU A 259 27.05 -27.09 11.87
C GLU A 259 26.06 -26.45 12.83
N LEU A 260 25.55 -25.28 12.42
CA LEU A 260 24.50 -24.58 13.15
C LEU A 260 23.14 -25.17 12.80
N SER A 261 22.33 -25.39 13.83
CA SER A 261 20.98 -25.92 13.65
C SER A 261 20.05 -25.10 14.52
N ILE A 262 19.04 -24.47 13.90
CA ILE A 262 18.15 -23.61 14.66
C ILE A 262 17.37 -24.45 15.66
N SER A 263 17.26 -23.94 16.89
CA SER A 263 16.71 -24.68 18.02
C SER A 263 15.48 -24.01 18.62
N ASN A 264 15.53 -22.71 18.88
CA ASN A 264 14.41 -22.02 19.52
C ASN A 264 14.38 -20.58 19.06
N VAL A 265 13.18 -20.03 18.95
CA VAL A 265 12.94 -18.65 18.55
C VAL A 265 12.08 -18.01 19.63
N TYR A 266 12.50 -16.86 20.14
CA TYR A 266 11.75 -16.13 21.17
C TYR A 266 11.55 -14.71 20.69
N GLU A 267 10.31 -14.26 20.63
CA GLU A 267 10.01 -12.88 20.29
C GLU A 267 9.83 -12.14 21.61
N VAL A 268 10.74 -11.19 21.90
CA VAL A 268 10.88 -10.71 23.28
C VAL A 268 10.97 -9.19 23.39
N HIS A 269 11.06 -8.48 22.27
CA HIS A 269 11.11 -7.02 22.33
C HIS A 269 10.13 -6.37 21.37
N LEU A 270 9.86 -5.09 21.63
CA LEU A 270 8.95 -4.33 20.79
C LEU A 270 9.71 -3.77 19.58
N ILE A 271 8.96 -3.45 18.53
CA ILE A 271 9.56 -2.99 17.28
C ILE A 271 10.35 -1.67 17.56
N LYS A 272 11.66 -1.63 17.25
CA LYS A 272 12.31 -2.81 16.68
C LYS A 272 13.61 -3.40 17.32
N SER A 273 14.82 -2.88 17.21
CA SER A 273 15.94 -3.82 17.36
C SER A 273 16.18 -4.36 18.81
N ILE A 274 16.86 -5.51 18.90
CA ILE A 274 17.45 -6.01 20.16
C ILE A 274 18.98 -5.89 20.08
N TRP A 275 19.58 -5.28 21.11
CA TRP A 275 21.01 -4.96 21.07
C TRP A 275 21.88 -5.83 21.97
N GLY A 276 21.47 -6.14 23.20
CA GLY A 276 22.32 -6.83 24.14
C GLY A 276 21.78 -8.22 24.43
N VAL A 277 22.68 -9.12 24.83
CA VAL A 277 22.30 -10.48 25.20
C VAL A 277 23.38 -11.05 26.10
N ASP A 278 22.96 -11.88 27.05
CA ASP A 278 23.96 -12.68 27.74
C ASP A 278 23.23 -13.85 28.37
N VAL A 279 23.98 -14.92 28.63
CA VAL A 279 23.43 -16.18 29.10
C VAL A 279 24.15 -16.54 30.39
N LYS A 280 23.38 -17.01 31.36
CA LYS A 280 23.88 -17.56 32.62
C LYS A 280 23.91 -19.08 32.48
N ASP A 281 25.08 -19.64 32.15
CA ASP A 281 25.17 -21.08 31.85
C ASP A 281 24.60 -21.94 32.98
N ASP A 282 24.82 -21.52 34.23
CA ASP A 282 24.29 -22.21 35.40
C ASP A 282 22.83 -22.60 35.23
N GLU A 283 21.97 -21.59 35.13
CA GLU A 283 20.53 -21.75 35.17
C GLU A 283 19.90 -21.85 33.77
N MET A 284 20.70 -21.76 32.71
CA MET A 284 20.22 -21.71 31.33
C MET A 284 19.18 -20.61 31.17
N ILE A 285 19.53 -19.42 31.63
CA ILE A 285 18.71 -18.23 31.52
C ILE A 285 19.43 -17.23 30.63
N ALA A 286 18.66 -16.51 29.81
CA ALA A 286 19.23 -15.41 29.03
C ALA A 286 18.61 -14.09 29.45
N VAL A 287 19.35 -13.01 29.21
CA VAL A 287 18.87 -11.66 29.42
C VAL A 287 19.11 -10.92 28.10
N THR A 288 18.10 -10.17 27.65
CA THR A 288 18.23 -9.38 26.43
C THR A 288 17.86 -7.94 26.73
N SER A 289 18.54 -7.01 26.05
CA SER A 289 18.25 -5.59 26.21
C SER A 289 17.88 -5.00 24.85
N GLY A 290 16.83 -4.16 24.81
CA GLY A 290 16.24 -3.73 23.58
C GLY A 290 16.25 -2.22 23.34
N ASN A 291 15.95 -1.87 22.07
CA ASN A 291 15.71 -0.48 21.73
C ASN A 291 14.52 0.07 22.51
N ASP A 292 13.55 -0.78 22.83
CA ASP A 292 12.37 -0.40 23.60
C ASP A 292 12.65 -0.15 25.09
N GLY A 293 13.89 -0.27 25.54
CA GLY A 293 14.18 -0.06 26.94
C GLY A 293 13.77 -1.22 27.81
N ARG A 294 13.37 -2.32 27.22
CA ARG A 294 13.00 -3.50 27.97
C ARG A 294 14.23 -4.36 28.23
N LEU A 295 14.28 -4.94 29.42
CA LEU A 295 15.26 -5.97 29.76
C LEU A 295 14.49 -7.27 30.01
N LYS A 296 14.73 -8.27 29.17
CA LYS A 296 13.94 -9.50 29.19
C LYS A 296 14.77 -10.66 29.70
N LEU A 297 14.21 -11.42 30.64
CA LEU A 297 14.79 -12.68 31.07
C LEU A 297 14.10 -13.83 30.33
N ILE A 298 14.89 -14.76 29.80
CA ILE A 298 14.39 -15.84 28.96
C ILE A 298 14.81 -17.17 29.56
N ASP A 299 13.84 -18.03 29.80
CA ASP A 299 14.08 -19.41 30.23
C ASP A 299 14.49 -20.24 29.00
N LEU A 300 15.77 -20.58 28.91
CA LEU A 300 16.18 -21.36 27.75
C LEU A 300 15.68 -22.80 27.80
N LEU A 301 15.12 -23.25 28.92
CA LEU A 301 14.59 -24.61 29.09
C LEU A 301 13.08 -24.61 29.39
N GLN A 302 12.35 -23.65 28.81
CA GLN A 302 10.91 -23.59 29.03
C GLN A 302 10.22 -24.91 28.71
N LEU A 303 10.78 -25.69 27.77
CA LEU A 303 10.18 -26.97 27.39
C LEU A 303 10.85 -28.18 28.01
N LYS A 304 11.87 -28.00 28.85
CA LYS A 304 12.61 -29.14 29.38
C LYS A 304 12.91 -29.09 30.86
N ARG A 305 12.73 -27.95 31.53
CA ARG A 305 13.30 -27.74 32.87
C ARG A 305 12.79 -28.75 33.87
N HIS A 306 11.49 -28.98 33.90
CA HIS A 306 10.94 -29.89 34.89
C HIS A 306 10.70 -31.29 34.34
N GLY A 307 10.93 -31.52 33.06
CA GLY A 307 10.91 -32.86 32.52
C GLY A 307 9.53 -33.38 32.12
N ASP A 308 8.45 -32.65 32.39
CA ASP A 308 7.14 -33.09 31.95
C ASP A 308 6.41 -32.05 31.11
N GLU A 309 7.17 -31.17 30.44
CA GLU A 309 6.53 -30.07 29.71
C GLU A 309 5.79 -30.52 28.45
N GLU A 310 6.29 -31.53 27.73
CA GLU A 310 5.70 -31.99 26.48
C GLU A 310 5.47 -33.49 26.51
N THR A 311 4.24 -33.91 26.19
CA THR A 311 3.83 -35.31 26.15
C THR A 311 2.83 -35.51 25.04
N SER A 312 2.91 -36.63 24.33
CA SER A 312 1.89 -36.85 23.32
C SER A 312 1.56 -38.34 23.23
N PHE A 313 0.33 -38.63 22.82
CA PHE A 313 -0.10 -40.00 22.68
C PHE A 313 -0.90 -40.10 21.39
N SER A 314 -0.55 -41.08 20.56
CA SER A 314 -1.46 -41.47 19.50
C SER A 314 -2.52 -42.42 20.05
N LEU A 315 -3.54 -42.69 19.24
CA LEU A 315 -4.54 -43.64 19.70
C LEU A 315 -3.97 -45.06 19.83
N ASP A 316 -2.89 -45.37 19.11
CA ASP A 316 -2.21 -46.65 19.31
C ASP A 316 -1.47 -46.70 20.64
N ASP A 317 -0.76 -45.62 20.98
CA ASP A 317 -0.14 -45.57 22.30
C ASP A 317 -1.16 -45.86 23.37
N ILE A 318 -2.34 -45.24 23.27
CA ILE A 318 -3.37 -45.41 24.27
C ILE A 318 -3.87 -46.84 24.27
N ALA A 319 -4.16 -47.38 23.09
CA ALA A 319 -4.63 -48.75 22.97
C ALA A 319 -3.63 -49.76 23.55
N LYS A 320 -2.34 -49.44 23.51
CA LYS A 320 -1.38 -50.37 24.13
C LYS A 320 -1.59 -50.50 25.63
N GLN A 321 -2.25 -49.51 26.25
CA GLN A 321 -2.51 -49.50 27.68
C GLN A 321 -3.96 -49.85 28.04
N CYS A 322 -4.93 -49.41 27.26
CA CYS A 322 -6.31 -49.80 27.49
C CYS A 322 -6.66 -51.12 26.84
N GLY A 323 -5.86 -51.58 25.89
CA GLY A 323 -6.22 -52.71 25.07
C GLY A 323 -6.76 -52.28 23.72
N ASP A 324 -6.87 -53.26 22.83
CA ASP A 324 -7.35 -53.02 21.47
C ASP A 324 -8.88 -52.93 21.55
N ILE A 325 -9.35 -51.74 21.89
CA ILE A 325 -10.78 -51.50 22.13
C ILE A 325 -11.40 -50.51 21.16
N PHE A 326 -10.63 -49.83 20.33
CA PHE A 326 -11.21 -48.77 19.51
C PHE A 326 -11.70 -49.28 18.17
N GLU A 327 -12.86 -48.78 17.75
CA GLU A 327 -13.44 -49.21 16.50
C GLU A 327 -12.86 -48.39 15.36
N LYS A 328 -13.15 -48.83 14.14
CA LYS A 328 -12.61 -48.12 12.98
C LYS A 328 -13.18 -46.70 12.98
N ASN A 329 -12.30 -45.72 12.75
CA ASN A 329 -12.63 -44.30 12.65
C ASN A 329 -13.03 -43.66 13.97
N GLU A 330 -12.74 -44.30 15.11
CA GLU A 330 -13.06 -43.74 16.42
C GLU A 330 -11.88 -42.92 16.92
N SER A 331 -12.15 -41.70 17.40
CA SER A 331 -11.09 -40.81 17.88
C SER A 331 -11.57 -40.01 19.09
N ILE A 332 -10.61 -39.36 19.76
CA ILE A 332 -10.91 -38.52 20.90
C ILE A 332 -11.60 -37.25 20.43
N LYS A 333 -12.76 -36.95 21.02
CA LYS A 333 -13.57 -35.80 20.64
C LYS A 333 -13.78 -34.79 21.78
N GLY A 334 -13.24 -35.04 22.96
CA GLY A 334 -13.32 -34.08 24.04
C GLY A 334 -12.38 -34.48 25.15
N PHE A 335 -11.97 -33.49 25.95
CA PHE A 335 -11.06 -33.77 27.06
C PHE A 335 -11.09 -32.63 28.05
N GLN A 336 -10.84 -32.96 29.31
CA GLN A 336 -10.74 -31.99 30.39
C GLN A 336 -9.57 -32.36 31.27
N TRP A 337 -8.99 -31.35 31.92
CA TRP A 337 -7.92 -31.56 32.88
C TRP A 337 -8.45 -31.43 34.30
N PHE A 338 -8.12 -32.41 35.14
CA PHE A 338 -8.45 -32.36 36.57
C PHE A 338 -7.17 -32.55 37.37
N SER A 339 -7.32 -32.63 38.69
CA SER A 339 -6.16 -32.77 39.57
C SER A 339 -5.31 -33.98 39.18
N PHE A 340 -5.97 -35.09 38.86
CA PHE A 340 -5.32 -36.34 38.55
C PHE A 340 -4.84 -36.44 37.11
N GLY A 341 -5.32 -35.59 36.22
CA GLY A 341 -4.99 -35.73 34.84
C GLY A 341 -6.15 -35.48 33.90
N VAL A 342 -6.27 -36.29 32.86
CA VAL A 342 -7.19 -36.02 31.77
C VAL A 342 -8.38 -36.96 31.89
N ILE A 343 -9.56 -36.43 31.65
CA ILE A 343 -10.73 -37.22 31.31
C ILE A 343 -11.05 -36.89 29.86
N ALA A 344 -11.22 -37.93 29.04
CA ALA A 344 -11.48 -37.75 27.64
C ALA A 344 -12.64 -38.64 27.23
N ILE A 345 -13.24 -38.32 26.09
CA ILE A 345 -14.34 -39.10 25.54
C ILE A 345 -14.12 -39.27 24.04
N THR A 346 -14.48 -40.45 23.52
CA THR A 346 -14.30 -40.75 22.11
C THR A 346 -15.59 -40.47 21.34
N SER A 347 -15.45 -40.48 20.01
CA SER A 347 -16.58 -40.30 19.12
C SER A 347 -17.63 -41.39 19.27
N LEU A 348 -17.28 -42.51 19.90
CA LEU A 348 -18.23 -43.56 20.18
C LEU A 348 -18.65 -43.61 21.66
N GLY A 349 -18.37 -42.56 22.42
CA GLY A 349 -18.80 -42.50 23.80
C GLY A 349 -17.97 -43.31 24.79
N LYS A 350 -16.72 -43.62 24.45
CA LYS A 350 -15.81 -44.23 25.42
C LYS A 350 -15.18 -43.14 26.26
N ILE A 351 -15.27 -43.27 27.57
CA ILE A 351 -14.72 -42.28 28.49
C ILE A 351 -13.41 -42.82 29.05
N LEU A 352 -12.32 -42.11 28.81
CA LEU A 352 -10.98 -42.55 29.15
C LEU A 352 -10.37 -41.65 30.22
N LYS A 353 -9.45 -42.20 30.98
CA LYS A 353 -8.78 -41.43 32.02
C LYS A 353 -7.27 -41.55 31.83
N TYR A 354 -6.59 -40.41 31.77
CA TYR A 354 -5.14 -40.38 31.77
C TYR A 354 -4.66 -39.84 33.11
N SER A 355 -3.77 -40.58 33.76
CA SER A 355 -3.26 -40.23 35.09
C SER A 355 -1.93 -39.48 34.95
N ASP A 356 -1.89 -38.26 35.44
CA ASP A 356 -0.63 -37.51 35.43
C ASP A 356 0.47 -38.19 36.25
N VAL A 357 0.11 -38.91 37.31
CA VAL A 357 1.13 -39.53 38.18
C VAL A 357 1.72 -40.78 37.52
N THR A 358 0.87 -41.75 37.14
CA THR A 358 1.35 -43.02 36.60
C THR A 358 1.61 -43.02 35.09
N LYS A 359 1.17 -41.99 34.36
CA LYS A 359 1.30 -41.93 32.90
C LYS A 359 0.48 -43.00 32.17
N GLN A 360 -0.50 -43.62 32.84
CA GLN A 360 -1.29 -44.68 32.24
C GLN A 360 -2.68 -44.20 31.83
N TRP A 361 -3.18 -44.75 30.74
CA TRP A 361 -4.55 -44.56 30.27
C TRP A 361 -5.39 -45.77 30.65
N LYS A 362 -6.67 -45.55 30.89
CA LYS A 362 -7.55 -46.68 31.10
C LYS A 362 -8.97 -46.33 30.70
N LEU A 363 -9.68 -47.32 30.17
CA LEU A 363 -11.10 -47.14 29.85
C LEU A 363 -11.86 -47.07 31.16
N LEU A 364 -12.71 -46.04 31.29
CA LEU A 364 -13.47 -45.83 32.52
C LEU A 364 -14.88 -46.36 32.44
N LEU A 365 -15.55 -46.18 31.29
CA LEU A 365 -16.92 -46.63 31.04
C LEU A 365 -17.31 -46.15 29.64
N THR A 366 -18.41 -46.71 29.14
CA THR A 366 -18.91 -46.38 27.82
C THR A 366 -20.36 -45.94 27.98
N ASN A 367 -20.74 -44.87 27.29
CA ASN A 367 -22.13 -44.41 27.28
C ASN A 367 -22.51 -44.14 25.84
N GLU A 368 -23.28 -45.07 25.25
CA GLU A 368 -23.51 -45.09 23.82
C GLU A 368 -24.38 -43.94 23.36
N LYS A 369 -25.08 -43.26 24.28
CA LYS A 369 -25.79 -42.02 23.97
C LYS A 369 -24.86 -40.96 23.38
N PHE A 370 -23.61 -40.94 23.82
CA PHE A 370 -22.66 -39.89 23.44
C PHE A 370 -21.71 -40.34 22.32
N ASN A 371 -22.16 -41.30 21.50
CA ASN A 371 -21.54 -41.55 20.20
C ASN A 371 -22.14 -40.67 19.12
N SER A 372 -22.91 -39.66 19.52
CA SER A 372 -23.58 -38.77 18.60
C SER A 372 -23.05 -37.35 18.83
N TYR A 373 -21.80 -37.11 18.39
CA TYR A 373 -21.15 -35.81 18.43
C TYR A 373 -21.07 -35.26 19.86
N PRO A 374 -20.33 -35.93 20.73
CA PRO A 374 -20.25 -35.47 22.12
C PRO A 374 -19.49 -34.16 22.25
N ILE A 375 -19.94 -33.34 23.19
CA ILE A 375 -19.30 -32.10 23.58
C ILE A 375 -18.87 -32.26 25.04
N THR A 376 -17.73 -31.69 25.40
CA THR A 376 -17.17 -31.85 26.73
C THR A 376 -17.10 -30.50 27.41
N ASN A 377 -17.45 -30.48 28.69
CA ASN A 377 -17.31 -29.31 29.51
C ASN A 377 -16.84 -29.77 30.88
N GLY A 378 -16.55 -28.81 31.77
CA GLY A 378 -16.08 -29.20 33.08
C GLY A 378 -16.01 -28.05 34.05
N ILE A 379 -15.97 -28.44 35.33
CA ILE A 379 -15.64 -27.59 36.45
C ILE A 379 -14.34 -28.14 37.00
N GLN A 380 -13.21 -27.65 36.48
CA GLN A 380 -11.91 -28.24 36.81
C GLN A 380 -11.63 -28.23 38.30
N THR A 381 -11.96 -27.10 38.95
CA THR A 381 -11.74 -26.96 40.40
C THR A 381 -12.37 -28.10 41.19
N GLN A 382 -13.49 -28.64 40.73
CA GLN A 382 -14.20 -29.65 41.49
C GLN A 382 -14.34 -30.98 40.78
N ASN A 383 -13.49 -31.24 39.78
CA ASN A 383 -13.34 -32.58 39.18
C ASN A 383 -14.69 -33.09 38.66
N ILE A 384 -15.39 -32.23 37.93
CA ILE A 384 -16.69 -32.55 37.38
C ILE A 384 -16.63 -32.47 35.86
N ALA A 385 -16.94 -33.58 35.20
CA ALA A 385 -17.00 -33.64 33.76
C ALA A 385 -18.45 -33.52 33.30
N VAL A 386 -18.65 -32.79 32.22
CA VAL A 386 -19.96 -32.52 31.67
C VAL A 386 -19.94 -32.99 30.22
N PHE A 387 -20.77 -33.98 29.91
CA PHE A 387 -20.87 -34.50 28.56
C PHE A 387 -22.26 -34.20 28.02
N SER A 388 -22.34 -33.68 26.81
CA SER A 388 -23.60 -33.44 26.14
C SER A 388 -23.50 -33.97 24.73
N ASN A 389 -24.63 -34.07 24.05
CA ASN A 389 -24.67 -34.52 22.66
C ASN A 389 -25.70 -33.69 21.93
N ASN A 390 -26.01 -34.08 20.70
CA ASN A 390 -26.96 -33.37 19.87
C ASN A 390 -28.38 -33.86 20.05
N LYS A 391 -28.61 -34.79 20.99
CA LYS A 391 -29.93 -35.35 21.29
C LYS A 391 -30.43 -34.93 22.67
N SER A 392 -30.02 -33.76 23.15
CA SER A 392 -30.47 -33.21 24.43
C SER A 392 -30.15 -34.12 25.62
N ASP A 393 -29.06 -34.88 25.55
CA ASP A 393 -28.65 -35.70 26.68
C ASP A 393 -27.44 -35.09 27.39
N ILE A 394 -27.45 -35.21 28.71
CA ILE A 394 -26.39 -34.71 29.58
C ILE A 394 -25.92 -35.86 30.46
N LEU A 395 -24.62 -35.93 30.70
CA LEU A 395 -24.02 -36.85 31.64
C LEU A 395 -23.02 -36.07 32.49
N LEU A 396 -23.19 -36.11 33.81
CA LEU A 396 -22.29 -35.45 34.74
C LEU A 396 -21.59 -36.50 35.57
N ILE A 397 -20.28 -36.35 35.77
CA ILE A 397 -19.52 -37.29 36.59
C ILE A 397 -18.61 -36.46 37.48
N LYS A 398 -18.52 -36.85 38.75
CA LYS A 398 -17.58 -36.26 39.69
C LYS A 398 -16.55 -37.30 40.09
N PHE A 399 -15.29 -36.85 40.22
CA PHE A 399 -14.15 -37.71 40.49
C PHE A 399 -13.46 -37.30 41.78
N SER A 400 -12.94 -38.27 42.52
CA SER A 400 -12.15 -38.00 43.72
C SER A 400 -10.78 -37.39 43.37
N LYS A 401 -10.27 -36.58 44.29
CA LYS A 401 -9.08 -35.75 44.09
C LYS A 401 -7.87 -36.51 43.54
N ASP A 402 -7.30 -37.42 44.34
CA ASP A 402 -6.15 -38.22 43.94
C ASP A 402 -6.59 -39.52 43.30
N SER A 403 -7.63 -40.12 43.87
CA SER A 403 -8.06 -41.47 43.51
C SER A 403 -8.56 -41.53 42.08
N ALA A 404 -9.32 -40.51 41.65
CA ALA A 404 -10.03 -40.41 40.36
C ALA A 404 -11.20 -41.36 40.25
N ASP A 405 -11.64 -41.93 41.37
CA ASP A 405 -12.82 -42.76 41.38
C ASP A 405 -14.06 -41.93 41.07
N ILE A 406 -15.02 -42.56 40.40
CA ILE A 406 -16.32 -41.94 40.19
C ILE A 406 -17.08 -41.97 41.51
N ILE A 407 -17.35 -40.79 42.07
CA ILE A 407 -18.03 -40.69 43.36
C ILE A 407 -19.45 -40.17 43.23
N GLU A 408 -19.82 -39.56 42.11
CA GLU A 408 -21.19 -39.12 41.83
C GLU A 408 -21.43 -39.20 40.33
N THR A 409 -22.66 -39.53 39.96
CA THR A 409 -23.02 -39.56 38.55
C THR A 409 -24.50 -39.23 38.40
N GLU A 410 -24.82 -38.46 37.35
CA GLU A 410 -26.19 -38.06 37.05
C GLU A 410 -26.34 -37.90 35.55
N GLU A 411 -27.54 -38.18 35.06
CA GLU A 411 -27.83 -38.24 33.64
C GLU A 411 -29.24 -37.74 33.43
N PHE A 412 -29.47 -36.95 32.37
CA PHE A 412 -30.84 -36.57 32.10
C PHE A 412 -30.99 -36.11 30.66
N HIS A 413 -32.24 -35.97 30.27
CA HIS A 413 -32.61 -35.61 28.91
C HIS A 413 -33.57 -34.42 29.00
N LEU A 414 -33.36 -33.41 28.17
CA LEU A 414 -34.14 -32.17 28.22
C LEU A 414 -35.20 -32.23 27.13
N ASP A 415 -36.44 -32.52 27.52
CA ASP A 415 -37.51 -32.62 26.53
C ASP A 415 -37.80 -31.30 25.83
N GLU A 416 -37.49 -30.16 26.46
CA GLU A 416 -37.73 -28.84 25.85
C GLU A 416 -36.91 -28.63 24.58
N LEU A 417 -35.86 -29.41 24.38
CA LEU A 417 -34.91 -29.22 23.30
C LEU A 417 -35.00 -30.40 22.34
N SER A 418 -35.16 -30.10 21.05
CA SER A 418 -35.23 -31.17 20.06
C SER A 418 -33.83 -31.65 19.67
N LYS A 419 -33.01 -30.75 19.14
CA LYS A 419 -31.62 -31.02 18.78
C LYS A 419 -30.77 -30.00 19.54
N THR A 420 -29.61 -30.41 20.00
CA THR A 420 -28.80 -29.51 20.82
C THR A 420 -27.44 -29.30 20.16
N ASN A 421 -27.01 -28.05 20.10
CA ASN A 421 -25.78 -27.70 19.39
C ASN A 421 -24.79 -26.89 20.22
N ASN A 422 -25.09 -26.60 21.49
CA ASN A 422 -24.12 -25.88 22.31
C ASN A 422 -24.42 -26.03 23.79
N CYS A 423 -23.38 -26.37 24.55
CA CYS A 423 -23.46 -26.52 25.99
C CYS A 423 -22.36 -25.70 26.65
N LEU A 424 -22.75 -24.80 27.54
CA LEU A 424 -21.80 -23.97 28.27
C LEU A 424 -21.96 -24.21 29.77
N VAL A 425 -20.87 -24.03 30.52
CA VAL A 425 -20.92 -24.18 31.97
C VAL A 425 -20.16 -23.03 32.64
N THR A 426 -20.56 -22.68 33.85
CA THR A 426 -19.83 -21.67 34.59
C THR A 426 -20.06 -21.91 36.07
N GLU A 427 -19.10 -21.45 36.88
CA GLU A 427 -19.26 -21.54 38.31
C GLU A 427 -20.32 -20.55 38.79
N TYR A 428 -21.03 -20.92 39.86
CA TYR A 428 -22.10 -20.10 40.38
C TYR A 428 -21.86 -19.65 41.83
N ASP A 429 -21.72 -20.58 42.77
CA ASP A 429 -21.39 -20.23 44.15
C ASP A 429 -20.78 -21.47 44.82
N ASP A 430 -20.68 -21.41 46.15
CA ASP A 430 -19.94 -22.44 46.88
C ASP A 430 -20.54 -23.83 46.72
N ASP A 431 -21.83 -23.93 46.40
CA ASP A 431 -22.50 -25.22 46.36
C ASP A 431 -23.08 -25.62 45.00
N SER A 432 -22.95 -24.80 43.96
CA SER A 432 -23.57 -25.20 42.71
C SER A 432 -22.88 -24.51 41.53
N PHE A 433 -23.14 -25.07 40.34
CA PHE A 433 -22.70 -24.46 39.08
C PHE A 433 -23.88 -24.37 38.13
N LEU A 434 -23.67 -23.65 37.02
CA LEU A 434 -24.69 -23.48 36.00
C LEU A 434 -24.30 -24.20 34.72
N LEU A 435 -25.31 -24.65 33.99
CA LEU A 435 -25.14 -25.34 32.71
C LEU A 435 -26.21 -24.79 31.78
N THR A 436 -25.79 -24.31 30.61
CA THR A 436 -26.78 -23.88 29.63
C THR A 436 -26.71 -24.77 28.40
N LEU A 437 -27.87 -24.98 27.80
CA LEU A 437 -28.06 -25.85 26.65
C LEU A 437 -28.96 -25.10 25.69
N GLN A 438 -28.66 -25.17 24.40
CA GLN A 438 -29.38 -24.40 23.40
C GLN A 438 -29.65 -25.29 22.19
N SER A 439 -30.65 -24.91 21.40
CA SER A 439 -31.02 -25.64 20.19
C SER A 439 -31.05 -24.65 19.04
N PRO A 440 -31.03 -25.14 17.80
CA PRO A 440 -31.18 -24.22 16.65
C PRO A 440 -32.62 -23.88 16.28
N ASN A 441 -33.65 -24.55 16.83
CA ASN A 441 -35.04 -24.14 16.53
C ASN A 441 -35.30 -22.79 17.19
N PRO A 442 -35.75 -21.78 16.42
CA PRO A 442 -35.88 -20.42 16.98
C PRO A 442 -36.90 -20.28 18.08
N ARG A 443 -37.92 -21.15 18.12
CA ARG A 443 -38.96 -21.00 19.13
C ARG A 443 -38.77 -21.93 20.33
N GLU A 444 -37.79 -22.84 20.29
CA GLU A 444 -37.39 -23.52 21.50
C GLU A 444 -36.67 -22.55 22.44
N LYS A 445 -36.55 -22.96 23.69
CA LYS A 445 -36.07 -22.11 24.76
C LYS A 445 -34.56 -22.24 24.93
N PHE A 446 -33.97 -21.23 25.55
CA PHE A 446 -32.60 -21.29 26.04
C PHE A 446 -32.67 -21.76 27.49
N VAL A 447 -32.06 -22.92 27.77
CA VAL A 447 -32.23 -23.61 29.05
C VAL A 447 -30.99 -23.43 29.93
N CYS A 448 -31.19 -22.96 31.15
CA CYS A 448 -30.13 -22.82 32.13
C CYS A 448 -30.47 -23.68 33.35
N LEU A 449 -29.58 -24.59 33.71
CA LEU A 449 -29.77 -25.48 34.85
C LEU A 449 -28.81 -25.11 35.97
N GLU A 450 -29.33 -25.05 37.19
CA GLU A 450 -28.50 -24.91 38.39
C GLU A 450 -28.32 -26.30 38.99
N ILE A 451 -27.07 -26.73 39.14
CA ILE A 451 -26.74 -28.10 39.46
C ILE A 451 -25.85 -28.13 40.68
N SER A 452 -26.08 -29.10 41.58
CA SER A 452 -25.31 -29.19 42.82
C SER A 452 -23.86 -29.61 42.55
N LEU A 453 -22.93 -28.92 43.19
CA LEU A 453 -21.55 -29.39 43.15
C LEU A 453 -21.33 -30.63 44.01
N GLN A 454 -22.24 -30.96 44.93
CA GLN A 454 -21.98 -32.11 45.79
C GLN A 454 -22.45 -33.42 45.18
N ASN A 455 -23.67 -33.45 44.64
CA ASN A 455 -24.24 -34.69 44.10
C ASN A 455 -24.77 -34.54 42.66
N LEU A 456 -24.49 -33.42 42.00
CA LEU A 456 -24.80 -33.20 40.58
C LEU A 456 -26.30 -33.30 40.28
N LYS A 457 -27.16 -33.05 41.25
CA LYS A 457 -28.57 -33.03 40.94
C LYS A 457 -29.01 -31.62 40.54
N ILE A 458 -30.12 -31.56 39.82
CA ILE A 458 -30.66 -30.28 39.35
C ILE A 458 -31.36 -29.57 40.51
N LYS A 459 -30.92 -28.35 40.82
CA LYS A 459 -31.53 -27.53 41.84
C LYS A 459 -32.65 -26.69 41.27
N SER A 460 -32.49 -26.22 40.05
CA SER A 460 -33.53 -25.44 39.40
C SER A 460 -33.22 -25.38 37.92
N LYS A 461 -34.28 -25.28 37.14
CA LYS A 461 -34.23 -25.22 35.69
C LYS A 461 -34.94 -23.95 35.23
N HIS A 462 -34.27 -23.14 34.40
CA HIS A 462 -34.81 -21.88 33.89
C HIS A 462 -34.85 -21.89 32.37
N CYS A 463 -35.98 -21.45 31.81
CA CYS A 463 -36.18 -21.45 30.36
C CYS A 463 -36.47 -20.03 29.90
N PHE A 464 -35.60 -19.52 29.03
CA PHE A 464 -35.67 -18.15 28.52
C PHE A 464 -36.00 -18.15 27.04
N ASN A 465 -36.67 -17.09 26.59
CA ASN A 465 -36.87 -16.90 25.17
C ASN A 465 -35.59 -16.34 24.53
N LYS A 466 -35.29 -16.82 23.34
CA LYS A 466 -34.07 -16.36 22.69
C LYS A 466 -34.36 -15.10 21.86
N PRO A 467 -33.55 -14.06 21.96
CA PRO A 467 -33.67 -12.93 21.04
C PRO A 467 -33.34 -13.35 19.61
N GLU A 468 -33.58 -12.43 18.68
CA GLU A 468 -33.64 -12.79 17.26
C GLU A 468 -32.31 -13.36 16.74
N ASN A 469 -31.22 -12.60 16.82
CA ASN A 469 -29.96 -13.07 16.24
C ASN A 469 -29.03 -13.50 17.38
N PHE A 470 -29.23 -14.73 17.88
CA PHE A 470 -28.60 -15.16 19.12
C PHE A 470 -28.16 -16.61 18.99
N SER A 471 -26.87 -16.85 19.17
CA SER A 471 -26.32 -18.20 19.29
C SER A 471 -25.28 -18.11 20.39
N SER A 472 -25.52 -18.80 21.51
CA SER A 472 -24.68 -18.62 22.68
C SER A 472 -23.27 -19.15 22.44
N SER A 473 -22.28 -18.40 22.91
CA SER A 473 -20.88 -18.78 22.72
C SER A 473 -20.04 -18.79 23.99
N CYS A 474 -20.44 -18.09 25.05
CA CYS A 474 -19.74 -18.19 26.33
C CYS A 474 -20.69 -17.76 27.43
N LEU A 475 -20.31 -18.03 28.66
CA LEU A 475 -21.21 -17.83 29.79
C LEU A 475 -20.43 -17.44 31.05
N THR A 476 -20.97 -16.48 31.78
CA THR A 476 -20.50 -16.10 33.09
C THR A 476 -21.72 -15.84 33.96
N SER A 477 -21.60 -15.91 35.26
CA SER A 477 -22.69 -15.54 36.14
C SER A 477 -22.31 -14.40 37.03
N PHE A 478 -23.27 -13.61 37.44
CA PHE A 478 -23.02 -12.50 38.31
C PHE A 478 -24.23 -12.22 39.10
N ARG A 479 -24.10 -12.27 40.41
CA ARG A 479 -25.23 -12.21 41.30
C ARG A 479 -26.33 -13.15 40.83
N ASN A 480 -27.48 -12.62 40.47
CA ASN A 480 -28.57 -13.47 40.03
C ASN A 480 -28.80 -13.42 38.56
N HIS A 481 -27.84 -12.94 37.79
CA HIS A 481 -27.98 -12.90 36.35
C HIS A 481 -26.99 -13.76 35.65
N ILE A 482 -27.26 -14.10 34.41
CA ILE A 482 -26.27 -14.76 33.58
C ILE A 482 -25.96 -13.86 32.41
N LEU A 483 -24.69 -13.66 32.12
CA LEU A 483 -24.24 -12.93 30.95
C LEU A 483 -23.88 -13.96 29.90
N VAL A 484 -24.55 -13.91 28.75
CA VAL A 484 -24.37 -14.90 27.70
C VAL A 484 -23.72 -14.23 26.50
N GLY A 485 -22.47 -14.58 26.22
CA GLY A 485 -21.86 -14.14 24.98
C GLY A 485 -22.52 -14.82 23.80
N SER A 486 -22.74 -14.03 22.74
CA SER A 486 -23.37 -14.52 21.52
C SER A 486 -22.57 -14.07 20.31
N ARG A 487 -22.98 -14.56 19.15
CA ARG A 487 -22.44 -14.13 17.88
C ARG A 487 -22.79 -12.66 17.62
N PHE A 488 -22.14 -12.12 16.59
CA PHE A 488 -22.36 -10.74 16.14
C PHE A 488 -22.01 -9.73 17.23
N SER A 489 -21.07 -10.09 18.11
CA SER A 489 -20.65 -9.25 19.23
C SER A 489 -21.80 -8.94 20.18
N THR A 490 -22.79 -9.81 20.22
CA THR A 490 -23.93 -9.63 21.10
C THR A 490 -23.67 -10.26 22.45
N LEU A 491 -24.20 -9.62 23.49
CA LEU A 491 -24.15 -10.13 24.84
C LEU A 491 -25.55 -10.03 25.42
N VAL A 492 -26.14 -11.16 25.81
CA VAL A 492 -27.49 -11.21 26.37
C VAL A 492 -27.43 -11.54 27.85
N ILE A 493 -28.07 -10.70 28.68
CA ILE A 493 -28.11 -10.87 30.13
C ILE A 493 -29.52 -11.30 30.54
N TYR A 494 -29.63 -12.46 31.18
CA TYR A 494 -30.88 -12.98 31.68
C TYR A 494 -30.91 -12.92 33.19
N ASN A 495 -32.12 -12.94 33.73
CA ASN A 495 -32.38 -12.86 35.16
C ASN A 495 -32.82 -14.24 35.63
N LEU A 496 -31.99 -14.89 36.46
CA LEU A 496 -32.33 -16.25 36.88
C LEU A 496 -33.56 -16.28 37.77
N LEU A 497 -33.93 -15.13 38.34
CA LEU A 497 -35.09 -15.06 39.20
C LEU A 497 -36.39 -14.86 38.44
N ASP A 498 -36.33 -14.48 37.17
CA ASP A 498 -37.56 -14.14 36.45
C ASP A 498 -37.33 -14.39 34.95
N GLU A 499 -37.65 -15.62 34.52
CA GLU A 499 -37.48 -16.01 33.13
C GLU A 499 -38.53 -15.38 32.21
N SER A 500 -39.42 -14.55 32.74
CA SER A 500 -40.34 -13.81 31.86
C SER A 500 -39.88 -12.39 31.61
N GLU A 501 -38.93 -11.89 32.42
CA GLU A 501 -38.37 -10.56 32.23
C GLU A 501 -37.67 -10.48 30.88
N GLU A 502 -37.76 -9.31 30.27
CA GLU A 502 -37.09 -9.13 29.00
C GLU A 502 -35.59 -9.05 29.23
N PRO A 503 -34.78 -9.80 28.50
CA PRO A 503 -33.33 -9.77 28.71
C PRO A 503 -32.76 -8.39 28.38
N PHE A 504 -31.64 -8.09 29.00
CA PHE A 504 -30.86 -6.91 28.67
C PHE A 504 -29.88 -7.28 27.55
N ILE A 505 -30.05 -6.68 26.38
CA ILE A 505 -29.31 -7.09 25.20
C ILE A 505 -28.33 -5.99 24.84
N ILE A 506 -27.05 -6.30 24.86
CA ILE A 506 -26.01 -5.41 24.37
C ILE A 506 -25.61 -5.92 22.99
N ARG A 507 -25.90 -5.12 21.96
CA ARG A 507 -25.62 -5.51 20.58
C ARG A 507 -24.31 -4.88 20.11
N ARG A 508 -23.67 -5.54 19.14
CA ARG A 508 -22.52 -5.00 18.42
C ARG A 508 -21.52 -4.26 19.33
N LEU A 509 -20.83 -4.98 20.19
CA LEU A 509 -19.79 -4.41 21.04
C LEU A 509 -18.50 -4.14 20.28
N SER A 510 -18.31 -4.79 19.14
CA SER A 510 -17.08 -4.75 18.39
C SER A 510 -17.39 -5.20 16.97
N PRO A 511 -16.48 -4.98 16.02
CA PRO A 511 -16.74 -5.45 14.64
C PRO A 511 -16.78 -6.95 14.50
N GLY A 512 -16.36 -7.71 15.52
CA GLY A 512 -16.22 -9.14 15.40
C GLY A 512 -17.51 -9.91 15.55
N ASP A 513 -17.36 -11.24 15.56
CA ASP A 513 -18.49 -12.14 15.53
C ASP A 513 -18.58 -12.81 16.92
N THR A 514 -17.94 -13.95 17.11
CA THR A 514 -18.18 -14.75 18.31
C THR A 514 -17.58 -14.15 19.58
N THR A 515 -18.42 -14.00 20.60
CA THR A 515 -17.93 -13.62 21.92
C THR A 515 -17.32 -14.83 22.60
N THR A 516 -16.04 -14.73 22.96
CA THR A 516 -15.28 -15.86 23.45
C THR A 516 -15.15 -15.92 24.96
N SER A 517 -15.25 -14.81 25.67
CA SER A 517 -15.18 -14.88 27.13
C SER A 517 -15.80 -13.63 27.72
N ILE A 518 -16.45 -13.81 28.88
CA ILE A 518 -16.95 -12.71 29.70
C ILE A 518 -16.38 -12.95 31.09
N GLU A 519 -15.60 -12.00 31.60
CA GLU A 519 -14.89 -12.21 32.85
C GLU A 519 -15.05 -11.01 33.75
N PHE A 520 -15.59 -11.26 34.95
CA PHE A 520 -15.75 -10.19 35.93
C PHE A 520 -14.39 -9.67 36.37
N VAL A 521 -14.28 -8.36 36.49
CA VAL A 521 -13.04 -7.68 36.85
C VAL A 521 -13.14 -7.03 38.22
N GLU A 522 -14.10 -6.13 38.40
CA GLU A 522 -14.18 -5.35 39.63
C GLU A 522 -15.54 -4.68 39.68
N ASP A 523 -15.89 -4.24 40.88
CA ASP A 523 -17.14 -3.51 41.11
C ASP A 523 -16.88 -2.35 42.04
N LYS A 524 -17.71 -1.33 41.93
CA LYS A 524 -17.63 -0.22 42.85
C LYS A 524 -18.98 0.50 42.84
N ASP A 525 -19.48 0.82 44.04
CA ASP A 525 -20.82 1.38 44.21
C ASP A 525 -21.84 0.44 43.57
N ASN A 526 -22.60 0.95 42.60
CA ASN A 526 -23.61 0.14 41.92
C ASN A 526 -23.17 -0.30 40.54
N SER A 527 -21.88 -0.41 40.30
CA SER A 527 -21.38 -0.77 38.98
C SER A 527 -20.45 -1.97 39.08
N ALA A 528 -20.55 -2.86 38.09
CA ALA A 528 -19.60 -3.94 37.94
C ALA A 528 -18.95 -3.84 36.57
N VAL A 529 -17.65 -4.15 36.48
CA VAL A 529 -16.88 -4.04 35.25
C VAL A 529 -16.61 -5.44 34.74
N PHE A 530 -16.86 -5.68 33.45
CA PHE A 530 -16.57 -6.99 32.88
C PHE A 530 -15.66 -6.87 31.69
N SER A 531 -14.73 -7.81 31.57
CA SER A 531 -13.93 -7.99 30.37
C SER A 531 -14.67 -8.89 29.39
N VAL A 532 -14.82 -8.43 28.15
CA VAL A 532 -15.51 -9.18 27.11
C VAL A 532 -14.59 -9.30 25.91
N THR A 533 -14.18 -10.52 25.57
CA THR A 533 -13.31 -10.74 24.43
C THR A 533 -14.10 -11.26 23.24
N ASN A 534 -13.57 -11.02 22.04
CA ASN A 534 -14.19 -11.42 20.79
C ASN A 534 -13.19 -12.23 19.98
N ARG A 535 -13.67 -13.29 19.32
CA ARG A 535 -12.75 -14.21 18.65
C ARG A 535 -11.84 -13.48 17.67
N ASP A 536 -12.36 -12.45 17.00
CA ASP A 536 -11.64 -11.73 15.95
C ASP A 536 -10.60 -10.75 16.47
N GLY A 537 -10.33 -10.72 17.76
CA GLY A 537 -9.26 -9.92 18.32
C GLY A 537 -9.68 -8.77 19.20
N TYR A 538 -10.95 -8.37 19.19
CA TYR A 538 -11.36 -7.19 19.95
C TYR A 538 -11.67 -7.58 21.37
N TYR A 539 -11.35 -6.69 22.29
CA TYR A 539 -11.82 -6.85 23.65
C TYR A 539 -12.36 -5.52 24.16
N VAL A 540 -13.42 -5.62 24.94
CA VAL A 540 -14.15 -4.49 25.47
C VAL A 540 -14.31 -4.72 26.96
N PHE A 541 -14.22 -3.65 27.73
CA PHE A 541 -14.60 -3.67 29.14
C PHE A 541 -15.89 -2.89 29.24
N ILE A 542 -16.95 -3.53 29.76
CA ILE A 542 -18.24 -2.85 29.91
C ILE A 542 -18.50 -2.61 31.39
N GLU A 543 -19.24 -1.56 31.66
CA GLU A 543 -19.67 -1.22 33.01
C GLU A 543 -21.18 -1.44 33.12
N LEU A 544 -21.57 -2.35 33.99
CA LEU A 544 -22.98 -2.63 34.26
C LEU A 544 -23.37 -1.95 35.56
N THR A 545 -24.44 -1.15 35.51
CA THR A 545 -24.89 -0.40 36.68
C THR A 545 -26.33 -0.76 37.02
N LYS A 546 -26.58 -0.96 38.32
CA LYS A 546 -27.93 -1.13 38.86
C LYS A 546 -28.47 0.23 39.27
N ASN A 547 -29.49 0.74 38.56
CA ASN A 547 -30.08 2.04 38.92
C ASN A 547 -31.30 1.87 39.84
N ARG A 555 -33.51 -1.88 37.39
CA ARG A 555 -33.12 -1.54 36.02
C ARG A 555 -31.61 -1.49 35.80
N LEU A 556 -31.14 -1.96 34.64
CA LEU A 556 -29.73 -1.89 34.28
C LEU A 556 -29.47 -0.88 33.17
N SER A 557 -28.24 -0.39 33.15
CA SER A 557 -27.67 0.35 32.02
C SER A 557 -26.22 -0.08 31.87
N TYR A 558 -25.62 0.24 30.73
CA TYR A 558 -24.23 -0.13 30.52
C TYR A 558 -23.48 0.98 29.79
N LYS A 559 -22.16 0.99 30.01
CA LYS A 559 -21.22 1.89 29.35
C LYS A 559 -20.01 1.07 28.94
N VAL A 560 -19.47 1.37 27.76
CA VAL A 560 -18.20 0.77 27.34
C VAL A 560 -17.09 1.62 27.96
N LEU A 561 -16.27 1.00 28.79
CA LEU A 561 -15.16 1.73 29.40
C LEU A 561 -13.86 1.58 28.62
N HIS A 562 -13.63 0.41 28.02
CA HIS A 562 -12.36 0.14 27.35
C HIS A 562 -12.64 -0.64 26.08
N SER A 563 -11.89 -0.31 25.03
CA SER A 563 -11.91 -1.12 23.83
C SER A 563 -10.52 -1.12 23.21
N ASN A 564 -10.18 -2.25 22.61
CA ASN A 564 -8.91 -2.39 21.91
C ASN A 564 -8.99 -3.65 21.07
N LYS A 565 -7.96 -3.85 20.24
CA LYS A 565 -7.82 -5.03 19.41
C LYS A 565 -6.44 -5.63 19.64
N MET A 566 -6.36 -6.96 19.68
CA MET A 566 -5.06 -7.64 19.71
C MET A 566 -4.30 -7.33 18.43
N MET A 567 -2.98 -7.34 18.51
CA MET A 567 -2.21 -7.04 17.30
C MET A 567 -2.47 -8.09 16.21
N LYS A 568 -2.65 -9.35 16.57
CA LYS A 568 -2.66 -10.40 15.56
C LYS A 568 -3.44 -11.59 16.11
N GLY A 569 -4.24 -12.23 15.26
CA GLY A 569 -4.76 -13.55 15.54
C GLY A 569 -6.06 -13.58 16.33
N PHE A 570 -6.52 -14.80 16.57
CA PHE A 570 -7.78 -15.02 17.29
C PHE A 570 -7.60 -14.81 18.79
N LEU A 571 -8.58 -14.17 19.42
CA LEU A 571 -8.58 -13.94 20.87
C LEU A 571 -9.64 -14.85 21.47
N GLU A 572 -9.18 -15.87 22.21
CA GLU A 572 -10.07 -16.89 22.74
C GLU A 572 -10.40 -16.68 24.20
N GLY A 573 -9.71 -15.78 24.89
CA GLY A 573 -10.04 -15.52 26.27
C GLY A 573 -9.05 -14.57 26.87
N ALA A 574 -9.41 -14.05 28.04
CA ALA A 574 -8.54 -13.13 28.76
C ALA A 574 -8.91 -13.13 30.24
N PHE A 575 -7.90 -12.94 31.07
CA PHE A 575 -8.10 -12.91 32.52
C PHE A 575 -7.03 -12.02 33.14
N PHE A 576 -7.23 -11.70 34.40
CA PHE A 576 -6.25 -10.95 35.18
C PHE A 576 -5.50 -11.91 36.11
N ASN A 577 -4.17 -11.75 36.18
CA ASN A 577 -3.36 -12.54 37.09
C ASN A 577 -3.27 -11.86 38.46
N SER A 578 -2.49 -12.43 39.37
CA SER A 578 -2.45 -11.86 40.72
C SER A 578 -1.78 -10.50 40.78
N LYS A 579 -1.01 -10.11 39.76
CA LYS A 579 -0.41 -8.79 39.76
C LYS A 579 -1.25 -7.79 39.00
N GLY A 580 -2.47 -8.13 38.61
CA GLY A 580 -3.36 -7.18 37.95
C GLY A 580 -3.10 -6.98 36.48
N GLU A 581 -2.38 -7.88 35.85
CA GLU A 581 -2.01 -7.75 34.45
C GLU A 581 -2.99 -8.54 33.60
N TYR A 582 -3.36 -7.96 32.45
CA TYR A 582 -4.34 -8.56 31.55
C TYR A 582 -3.62 -9.63 30.73
N ILE A 583 -3.98 -10.88 30.93
CA ILE A 583 -3.37 -11.98 30.22
C ILE A 583 -4.39 -12.48 29.20
N THR A 584 -3.92 -12.77 28.00
CA THR A 584 -4.78 -13.16 26.90
C THR A 584 -4.26 -14.45 26.29
N TYR A 585 -5.15 -15.19 25.64
CA TYR A 585 -4.74 -16.38 24.91
C TYR A 585 -5.61 -16.52 23.67
N GLY A 586 -5.05 -17.21 22.68
CA GLY A 586 -5.71 -17.36 21.40
C GLY A 586 -4.75 -18.02 20.43
N PHE A 587 -5.03 -17.82 19.15
CA PHE A 587 -4.25 -18.42 18.08
C PHE A 587 -3.92 -17.44 16.97
N LYS A 588 -2.77 -17.63 16.36
CA LYS A 588 -2.39 -16.93 15.15
C LYS A 588 -2.11 -18.02 14.15
N SER A 589 -3.08 -18.28 13.28
CA SER A 589 -3.00 -19.36 12.32
C SER A 589 -2.75 -20.62 13.15
N SER A 590 -1.61 -21.28 13.00
CA SER A 590 -1.32 -22.55 13.64
C SER A 590 -0.97 -22.44 15.13
N LEU A 591 -0.57 -21.26 15.60
CA LEU A 591 0.22 -21.12 16.82
C LEU A 591 -0.64 -20.65 17.99
N PHE A 592 -0.66 -21.43 19.07
CA PHE A 592 -1.31 -20.98 20.29
C PHE A 592 -0.41 -19.98 20.99
N TYR A 593 -1.00 -18.93 21.54
CA TYR A 593 -0.22 -17.94 22.29
C TYR A 593 -0.87 -17.71 23.65
N LEU A 594 -0.02 -17.39 24.62
CA LEU A 594 -0.43 -16.85 25.92
C LEU A 594 0.36 -15.57 26.09
N TYR A 595 -0.33 -14.44 26.23
CA TYR A 595 0.28 -13.14 26.01
C TYR A 595 -0.09 -12.17 27.11
N ASN A 596 0.92 -11.51 27.67
CA ASN A 596 0.72 -10.46 28.67
C ASN A 596 0.42 -9.17 27.93
N GLU A 597 -0.89 -8.83 27.86
CA GLU A 597 -1.35 -7.69 27.08
C GLU A 597 -1.11 -6.36 27.80
N THR A 598 -0.95 -6.39 29.12
CA THR A 598 -0.63 -5.16 29.85
C THR A 598 0.76 -4.66 29.49
N ASN A 599 1.75 -5.56 29.44
CA ASN A 599 3.14 -5.19 29.17
C ASN A 599 3.65 -5.67 27.83
N CYS A 600 2.81 -6.32 27.02
CA CYS A 600 3.14 -6.61 25.62
C CYS A 600 4.33 -7.54 25.48
N TYR A 601 4.21 -8.76 26.02
CA TYR A 601 5.16 -9.81 25.67
C TYR A 601 4.52 -11.18 25.77
N GLU A 602 5.06 -12.10 25.01
CA GLU A 602 4.54 -13.45 24.97
C GLU A 602 5.04 -14.27 26.17
N LEU A 603 4.13 -15.00 26.80
CA LEU A 603 4.49 -15.92 27.88
C LEU A 603 4.77 -17.32 27.38
N ALA A 604 4.08 -17.77 26.34
CA ALA A 604 4.31 -19.10 25.82
C ALA A 604 3.64 -19.21 24.47
N SER A 605 4.09 -20.20 23.71
CA SER A 605 3.55 -20.44 22.38
C SER A 605 3.71 -21.92 22.08
N GLU A 606 2.89 -22.40 21.15
CA GLU A 606 2.85 -23.82 20.84
C GLU A 606 2.23 -23.98 19.46
N VAL A 607 2.81 -24.85 18.64
CA VAL A 607 2.28 -25.14 17.32
C VAL A 607 1.21 -26.21 17.49
N CYS A 608 -0.04 -25.85 17.19
CA CYS A 608 -1.15 -26.79 17.24
C CYS A 608 -1.54 -27.19 15.83
N GLY A 609 -2.69 -27.85 15.70
CA GLY A 609 -3.07 -28.43 14.43
C GLY A 609 -3.80 -27.50 13.47
N GLY A 610 -3.10 -26.46 12.98
CA GLY A 610 -3.55 -25.57 11.91
C GLY A 610 -5.03 -25.17 11.91
N SER A 611 -5.89 -26.16 11.62
CA SER A 611 -7.31 -26.03 11.93
C SER A 611 -7.53 -25.75 13.42
N HIS A 612 -6.70 -26.37 14.28
CA HIS A 612 -6.86 -26.45 15.73
C HIS A 612 -8.33 -26.67 16.12
N ARG A 613 -8.88 -27.77 15.59
CA ARG A 613 -10.28 -28.05 15.83
C ARG A 613 -10.55 -28.28 17.31
N LEU A 614 -9.71 -29.07 17.99
CA LEU A 614 -9.97 -29.47 19.38
C LEU A 614 -8.80 -29.11 20.28
N TRP A 615 -9.07 -28.27 21.27
CA TRP A 615 -8.03 -27.80 22.16
C TRP A 615 -8.70 -27.39 23.46
N ASN A 616 -7.90 -27.26 24.51
CA ASN A 616 -8.49 -26.84 25.78
C ASN A 616 -7.35 -26.37 26.65
N LEU A 617 -7.64 -25.37 27.49
CA LEU A 617 -6.67 -24.80 28.40
C LEU A 617 -7.21 -24.88 29.82
N ALA A 618 -6.36 -25.23 30.77
CA ALA A 618 -6.76 -25.28 32.18
C ALA A 618 -5.67 -24.69 33.05
N LYS A 619 -6.08 -24.06 34.15
CA LYS A 619 -5.12 -23.55 35.12
C LYS A 619 -4.70 -24.66 36.07
N ILE A 620 -3.41 -24.70 36.37
CA ILE A 620 -2.85 -25.62 37.36
C ILE A 620 -1.95 -24.81 38.26
N THR A 621 -1.59 -25.40 39.39
CA THR A 621 -0.65 -24.74 40.29
C THR A 621 0.70 -24.64 39.60
N ASP A 622 1.19 -23.41 39.51
CA ASP A 622 2.44 -23.06 38.84
C ASP A 622 2.29 -23.05 37.33
N GLY A 623 1.06 -22.93 36.80
CA GLY A 623 0.95 -22.71 35.39
C GLY A 623 -0.36 -23.06 34.72
N HIS A 624 -0.22 -23.60 33.52
CA HIS A 624 -1.36 -24.02 32.73
C HIS A 624 -0.99 -25.31 32.03
N VAL A 625 -2.01 -26.08 31.69
CA VAL A 625 -1.90 -27.21 30.78
C VAL A 625 -2.68 -26.86 29.52
N LEU A 626 -2.04 -27.03 28.38
CA LEU A 626 -2.70 -26.85 27.09
C LEU A 626 -2.87 -28.25 26.52
N MET A 627 -4.10 -28.62 26.20
CA MET A 627 -4.43 -29.90 25.60
C MET A 627 -4.91 -29.66 24.17
N TYR A 628 -4.47 -30.48 23.22
CA TYR A 628 -4.93 -30.32 21.85
C TYR A 628 -4.62 -31.57 21.03
N ILE A 629 -5.37 -31.72 19.94
CA ILE A 629 -5.17 -32.78 18.97
C ILE A 629 -4.41 -32.20 17.78
N LYS A 630 -3.28 -32.83 17.41
CA LYS A 630 -2.52 -32.46 16.22
C LYS A 630 -2.01 -33.73 15.56
N ALA A 631 -2.29 -33.87 14.27
CA ALA A 631 -1.73 -34.93 13.43
C ALA A 631 -1.90 -36.30 14.08
N SER A 632 -3.16 -36.60 14.42
CA SER A 632 -3.57 -37.89 14.97
C SER A 632 -2.91 -38.18 16.30
N ARG A 633 -2.47 -37.15 17.00
CA ARG A 633 -1.93 -37.28 18.35
C ARG A 633 -2.69 -36.40 19.33
N PHE A 634 -2.84 -36.89 20.56
CA PHE A 634 -3.30 -36.09 21.68
C PHE A 634 -2.05 -35.51 22.38
N HIS A 635 -1.99 -34.19 22.49
CA HIS A 635 -0.84 -33.50 23.05
C HIS A 635 -1.16 -32.85 24.39
N LEU A 636 -0.23 -32.97 25.34
CA LEU A 636 -0.26 -32.25 26.61
C LEU A 636 0.96 -31.34 26.68
N ARG A 637 0.74 -30.05 26.72
CA ARG A 637 1.81 -29.07 26.88
C ARG A 637 1.63 -28.38 28.22
N LYS A 638 2.61 -28.50 29.11
CA LYS A 638 2.56 -27.83 30.40
C LYS A 638 3.33 -26.52 30.32
N ILE A 639 2.68 -25.43 30.70
CA ILE A 639 3.26 -24.10 30.59
C ILE A 639 3.52 -23.62 32.01
N TYR A 640 4.75 -23.76 32.46
CA TYR A 640 5.07 -23.42 33.84
C TYR A 640 5.38 -21.94 33.98
N ASN A 641 4.98 -21.39 35.13
CA ASN A 641 5.40 -20.04 35.46
C ASN A 641 6.89 -19.96 35.40
N SER A 642 7.35 -18.88 34.77
CA SER A 642 8.75 -18.53 34.67
C SER A 642 9.52 -18.82 35.96
N ILE A 643 10.67 -19.50 35.82
CA ILE A 643 11.60 -19.64 36.94
C ILE A 643 12.19 -18.31 37.43
N VAL A 644 12.33 -17.29 36.60
CA VAL A 644 12.86 -15.98 37.03
C VAL A 644 11.80 -14.97 36.61
N PRO A 645 11.79 -13.71 37.04
CA PRO A 645 10.80 -12.76 36.50
C PRO A 645 10.85 -12.64 34.98
N GLU A 646 9.74 -12.20 34.40
CA GLU A 646 9.69 -12.11 32.94
C GLU A 646 10.59 -10.98 32.43
N THR A 647 10.58 -9.83 33.11
CA THR A 647 11.39 -8.68 32.73
C THR A 647 12.05 -8.09 33.96
N LEU A 648 13.15 -7.37 33.75
CA LEU A 648 13.72 -6.48 34.76
C LEU A 648 13.29 -5.04 34.58
N GLU A 649 12.96 -4.67 33.34
CA GLU A 649 12.23 -3.48 32.95
C GLU A 649 11.25 -3.88 31.86
N ASN A 650 10.02 -3.36 31.94
CA ASN A 650 9.02 -3.72 30.93
C ASN A 650 9.29 -3.05 29.59
N GLY A 651 9.74 -1.80 29.61
CA GLY A 651 10.06 -1.05 28.42
C GLY A 651 8.92 -0.13 27.97
N VAL A 652 9.23 0.68 26.97
CA VAL A 652 8.26 1.58 26.36
C VAL A 652 8.21 1.29 24.86
N HIS A 653 7.89 2.29 24.04
CA HIS A 653 7.97 2.10 22.60
C HIS A 653 9.43 1.85 22.18
N GLY A 654 9.60 1.05 21.13
CA GLY A 654 10.89 0.87 20.53
C GLY A 654 11.11 1.70 19.29
N ARG A 655 10.21 2.66 19.00
CA ARG A 655 10.34 3.62 17.90
C ARG A 655 10.06 5.01 18.44
N GLU A 656 10.18 6.00 17.54
CA GLU A 656 10.04 7.40 17.91
C GLU A 656 8.74 7.65 18.67
N ILE A 657 8.84 8.49 19.70
CA ILE A 657 7.69 8.96 20.43
C ILE A 657 7.41 10.36 19.88
N ARG A 658 6.36 10.47 19.07
CA ARG A 658 6.08 11.74 18.40
C ARG A 658 5.28 12.68 19.27
N ASP A 659 4.55 12.18 20.26
CA ASP A 659 3.83 13.09 21.12
C ASP A 659 3.60 12.43 22.46
N ILE A 660 3.37 13.27 23.47
CA ILE A 660 3.15 12.87 24.85
C ILE A 660 2.07 13.77 25.43
N SER A 661 1.14 13.19 26.20
CA SER A 661 0.14 14.00 26.85
C SER A 661 -0.17 13.48 28.24
N ILE A 662 -0.14 14.38 29.23
CA ILE A 662 -0.51 14.06 30.60
C ILE A 662 -1.98 14.43 30.81
N CYS A 663 -2.73 13.50 31.38
CA CYS A 663 -4.12 13.72 31.70
C CYS A 663 -4.23 14.78 32.77
N PRO A 664 -4.86 15.91 32.51
CA PRO A 664 -4.77 17.05 33.43
C PRO A 664 -5.51 16.81 34.73
N VAL A 665 -5.02 17.47 35.79
CA VAL A 665 -5.66 17.39 37.10
C VAL A 665 -7.04 18.05 37.08
N SER A 666 -7.92 17.53 37.95
CA SER A 666 -9.36 17.64 37.84
C SER A 666 -9.94 17.94 39.23
N ASN A 667 -11.17 18.46 39.24
CA ASN A 667 -12.02 18.38 40.43
C ASN A 667 -12.82 17.09 40.52
N THR A 668 -12.72 16.21 39.52
CA THR A 668 -13.47 14.97 39.47
C THR A 668 -12.98 13.94 40.49
N ASN A 669 -13.62 12.78 40.40
CA ASN A 669 -13.39 11.59 41.22
C ASN A 669 -12.28 10.70 40.66
N THR A 670 -11.08 11.27 40.46
CA THR A 670 -9.98 10.38 40.08
C THR A 670 -9.57 9.54 41.29
N ASN A 671 -9.38 8.25 41.05
CA ASN A 671 -9.11 7.30 42.12
C ASN A 671 -7.85 7.67 42.92
N ASP A 672 -7.86 7.29 44.20
CA ASP A 672 -6.79 7.69 45.11
C ASP A 672 -5.48 6.98 44.83
N ASN A 673 -5.50 5.83 44.14
CA ASN A 673 -4.23 5.14 43.92
C ASN A 673 -3.37 5.85 42.90
N PHE A 674 -3.97 6.72 42.10
CA PHE A 674 -3.22 7.53 41.15
C PHE A 674 -2.73 8.83 41.77
N LYS A 675 -3.06 9.09 43.05
CA LYS A 675 -2.71 10.33 43.73
C LYS A 675 -1.21 10.65 43.70
N ASP A 676 -0.35 9.64 43.76
CA ASP A 676 1.08 9.90 43.84
C ASP A 676 1.73 10.12 42.49
N GLY A 677 0.95 10.24 41.42
CA GLY A 677 1.50 10.35 40.09
C GLY A 677 0.51 10.91 39.12
N HIS A 678 0.69 10.56 37.85
CA HIS A 678 -0.16 11.07 36.79
C HIS A 678 -0.32 10.01 35.72
N ILE A 679 -1.52 9.96 35.15
CA ILE A 679 -1.79 9.15 33.98
C ILE A 679 -1.33 9.92 32.74
N PHE A 680 -0.73 9.21 31.78
CA PHE A 680 -0.26 9.91 30.59
C PHE A 680 -0.20 8.94 29.40
N CYS A 681 -0.11 9.53 28.22
CA CYS A 681 -0.09 8.83 26.95
C CYS A 681 1.22 9.13 26.24
N THR A 682 1.73 8.14 25.50
CA THR A 682 2.76 8.34 24.51
C THR A 682 2.24 7.84 23.18
N ALA A 683 2.52 8.59 22.11
CA ALA A 683 2.08 8.26 20.77
C ALA A 683 3.30 8.11 19.87
N SER A 684 3.40 6.98 19.20
CA SER A 684 4.63 6.55 18.56
C SER A 684 4.49 6.34 17.05
N GLU A 685 5.64 6.36 16.38
CA GLU A 685 5.72 5.92 14.99
C GLU A 685 5.44 4.43 14.83
N ASP A 686 5.40 3.65 15.92
CA ASP A 686 5.04 2.24 15.84
C ASP A 686 3.53 2.00 15.69
N THR A 687 2.75 3.09 15.54
CA THR A 687 1.31 3.18 15.32
C THR A 687 0.51 2.97 16.59
N THR A 688 1.14 2.88 17.75
CA THR A 688 0.37 2.59 18.96
C THR A 688 0.34 3.80 19.88
N ILE A 689 -0.70 3.84 20.71
CA ILE A 689 -0.79 4.79 21.81
C ILE A 689 -0.68 3.97 23.08
N LYS A 690 0.30 4.29 23.92
CA LYS A 690 0.49 3.59 25.19
C LYS A 690 0.02 4.47 26.33
N LEU A 691 -0.88 3.94 27.15
CA LEU A 691 -1.46 4.63 28.29
C LEU A 691 -0.85 4.05 29.55
N GLY A 692 -0.22 4.90 30.35
CA GLY A 692 0.45 4.44 31.54
C GLY A 692 0.47 5.47 32.65
N TYR A 693 1.42 5.33 33.56
CA TYR A 693 1.46 6.21 34.71
C TYR A 693 2.91 6.38 35.16
N PHE A 694 3.21 7.54 35.70
CA PHE A 694 4.49 7.76 36.34
C PHE A 694 4.29 8.31 37.74
N ASN A 695 5.17 7.88 38.64
CA ASN A 695 5.21 8.38 40.00
C ASN A 695 5.87 9.77 40.03
N ASN A 696 5.27 10.69 40.77
CA ASN A 696 5.73 12.08 40.74
C ASN A 696 7.09 12.27 41.39
N ARG A 697 7.43 11.45 42.39
CA ARG A 697 8.69 11.62 43.08
C ARG A 697 9.81 10.80 42.45
N THR A 698 9.52 9.57 42.02
CA THR A 698 10.56 8.67 41.52
C THR A 698 10.68 8.66 40.01
N GLY A 699 9.69 9.17 39.27
CA GLY A 699 9.63 9.08 37.83
C GLY A 699 9.47 7.69 37.27
N LYS A 700 9.19 6.69 38.11
CA LYS A 700 9.00 5.33 37.65
C LYS A 700 7.73 5.22 36.81
N VAL A 701 7.82 4.50 35.69
CA VAL A 701 6.72 4.42 34.73
C VAL A 701 6.11 3.01 34.81
N GLN A 702 4.78 2.94 34.86
CA GLN A 702 4.06 1.67 34.73
C GLN A 702 3.12 1.76 33.53
N ASN A 703 3.06 0.65 32.79
CA ASN A 703 2.19 0.50 31.62
C ASN A 703 0.81 0.00 32.01
N PHE A 704 -0.19 0.47 31.28
CA PHE A 704 -1.52 -0.14 31.40
C PHE A 704 -1.97 -0.76 30.09
N TRP A 705 -2.07 0.03 29.03
CA TRP A 705 -2.68 -0.41 27.79
C TRP A 705 -1.84 0.07 26.62
N THR A 706 -1.96 -0.64 25.51
CA THR A 706 -1.37 -0.25 24.24
C THR A 706 -2.53 -0.23 23.24
N GLN A 707 -3.02 0.95 22.90
CA GLN A 707 -4.16 1.08 22.01
C GLN A 707 -3.73 0.98 20.55
N ARG A 708 -4.37 0.09 19.78
CA ARG A 708 -3.89 -0.27 18.44
C ARG A 708 -4.80 0.16 17.28
N LYS A 709 -5.73 1.07 17.48
CA LYS A 709 -6.64 1.42 16.38
C LYS A 709 -5.89 1.99 15.17
N HIS A 710 -4.94 2.91 15.40
CA HIS A 710 -4.30 3.62 14.28
C HIS A 710 -3.57 2.68 13.33
N VAL A 711 -3.71 2.95 12.03
CA VAL A 711 -3.06 2.16 10.99
C VAL A 711 -1.64 2.62 10.66
N SER A 712 -1.30 3.88 10.94
CA SER A 712 0.01 4.39 10.60
C SER A 712 0.54 5.18 11.79
N GLY A 713 1.75 5.71 11.62
CA GLY A 713 2.46 6.30 12.75
C GLY A 713 1.78 7.55 13.27
N LEU A 714 1.76 7.67 14.61
CA LEU A 714 1.08 8.77 15.26
C LEU A 714 1.82 10.09 15.01
N GLN A 715 1.04 11.16 14.93
CA GLN A 715 1.53 12.53 14.85
C GLN A 715 1.28 13.31 16.13
N ARG A 716 0.05 13.25 16.63
CA ARG A 716 -0.36 14.01 17.80
C ARG A 716 -1.21 13.16 18.71
N CYS A 717 -1.12 13.43 20.01
CA CYS A 717 -2.15 13.02 20.95
C CYS A 717 -2.18 14.04 22.07
N GLN A 718 -3.39 14.40 22.48
CA GLN A 718 -3.52 15.41 23.50
C GLN A 718 -4.78 15.13 24.30
N PHE A 719 -4.64 15.12 25.62
CA PHE A 719 -5.78 15.17 26.50
C PHE A 719 -6.37 16.57 26.41
N ILE A 720 -7.58 16.67 25.85
CA ILE A 720 -8.22 17.97 25.72
C ILE A 720 -8.94 18.39 27.00
N ASN A 721 -9.18 17.46 27.91
CA ASN A 721 -9.60 17.77 29.28
C ASN A 721 -9.35 16.54 30.13
N HIS A 722 -10.00 16.46 31.30
CA HIS A 722 -9.71 15.39 32.25
C HIS A 722 -10.17 14.02 31.77
N LYS A 723 -11.11 13.94 30.81
CA LYS A 723 -11.59 12.65 30.35
C LYS A 723 -11.65 12.46 28.84
N LEU A 724 -11.19 13.40 28.04
CA LEU A 724 -11.21 13.27 26.58
C LEU A 724 -9.80 13.45 26.01
N MET A 725 -9.52 12.70 24.95
CA MET A 725 -8.20 12.72 24.33
C MET A 725 -8.34 12.53 22.84
N ILE A 726 -7.57 13.30 22.06
CA ILE A 726 -7.63 13.23 20.60
C ILE A 726 -6.25 12.81 20.11
N SER A 727 -6.22 11.91 19.15
CA SER A 727 -4.99 11.51 18.53
C SER A 727 -5.12 11.55 17.01
N SER A 728 -4.02 11.70 16.29
CA SER A 728 -4.07 11.71 14.85
C SER A 728 -2.85 11.12 14.23
N SER A 729 -2.92 10.69 12.99
CA SER A 729 -1.84 9.91 12.41
C SER A 729 -1.44 10.16 10.95
N ALA A 730 -2.41 10.01 10.07
CA ALA A 730 -2.27 10.18 8.61
C ALA A 730 -3.35 9.37 8.03
N ARG A 731 -3.72 9.65 6.80
CA ARG A 731 -4.87 9.01 6.23
C ARG A 731 -6.06 9.31 7.11
N GLU A 732 -6.04 10.55 7.57
CA GLU A 732 -7.17 11.19 8.15
C GLU A 732 -7.68 10.48 9.32
N GLU A 733 -6.79 9.86 10.04
CA GLU A 733 -7.16 9.28 11.28
C GLU A 733 -7.17 10.32 12.35
N LEU A 734 -8.33 10.57 12.90
CA LEU A 734 -8.45 11.37 14.06
C LEU A 734 -9.48 10.71 14.92
N PHE A 735 -9.08 10.37 16.13
CA PHE A 735 -9.94 9.63 17.04
C PHE A 735 -10.17 10.43 18.31
N LEU A 736 -11.41 10.53 18.72
CA LEU A 736 -11.74 11.06 20.03
C LEU A 736 -11.89 9.88 21.01
N TRP A 737 -11.12 9.92 22.08
CA TRP A 737 -11.09 8.86 23.08
C TRP A 737 -11.65 9.39 24.39
N GLU A 738 -12.25 8.49 25.16
CA GLU A 738 -12.70 8.82 26.50
C GLU A 738 -11.94 7.95 27.50
N LEU A 739 -11.41 8.61 28.52
CA LEU A 739 -10.66 7.97 29.58
C LEU A 739 -11.55 7.84 30.79
N ASN A 740 -11.40 6.73 31.51
CA ASN A 740 -12.06 6.51 32.79
C ASN A 740 -11.01 6.18 33.82
N ASP A 741 -10.94 6.96 34.89
CA ASP A 741 -9.97 6.70 35.94
C ASP A 741 -10.63 6.61 37.31
N LYS A 742 -11.83 6.02 37.37
CA LYS A 742 -12.58 5.91 38.62
C LYS A 742 -12.25 4.66 39.41
N TYR A 743 -11.68 3.64 38.77
CA TYR A 743 -11.52 2.38 39.47
C TYR A 743 -10.11 2.26 40.04
N ASN A 744 -9.89 1.16 40.77
CA ASN A 744 -8.82 1.10 41.75
C ASN A 744 -7.47 0.78 41.15
N LYS A 745 -7.42 -0.05 40.11
CA LYS A 745 -6.13 -0.55 39.68
C LYS A 745 -5.63 0.01 38.37
N ARG A 746 -6.49 0.42 37.45
CA ARG A 746 -6.02 0.84 36.13
C ARG A 746 -7.03 1.81 35.56
N PRO A 747 -6.60 2.70 34.65
CA PRO A 747 -7.57 3.47 33.88
C PRO A 747 -8.08 2.65 32.71
N TYR A 748 -9.14 3.16 32.10
CA TYR A 748 -9.71 2.53 30.92
C TYR A 748 -9.84 3.59 29.83
N MET A 749 -9.74 3.16 28.58
CA MET A 749 -9.90 4.09 27.47
C MET A 749 -10.63 3.40 26.32
N THR A 750 -11.52 4.15 25.68
CA THR A 750 -12.30 3.61 24.59
C THR A 750 -12.48 4.70 23.53
N ILE A 751 -12.71 4.27 22.31
CA ILE A 751 -12.95 5.20 21.22
C ILE A 751 -14.35 5.77 21.37
N ARG A 752 -14.47 7.07 21.22
CA ARG A 752 -15.83 7.60 21.22
C ARG A 752 -16.30 7.96 19.83
N GLN A 753 -15.43 8.45 18.97
CA GLN A 753 -15.81 8.67 17.58
C GLN A 753 -14.56 8.95 16.77
N ALA A 754 -14.64 8.68 15.47
CA ALA A 754 -13.58 8.99 14.54
C ALA A 754 -13.99 10.16 13.65
N LEU A 755 -13.01 10.94 13.23
CA LEU A 755 -13.32 12.09 12.38
C LEU A 755 -13.72 11.61 10.99
N PRO A 756 -14.72 12.22 10.37
CA PRO A 756 -15.04 11.90 8.96
C PRO A 756 -13.82 12.09 8.05
N VAL A 757 -13.74 11.27 7.02
CA VAL A 757 -12.59 11.31 6.12
C VAL A 757 -13.07 11.57 4.70
N SER A 758 -12.24 12.27 3.92
CA SER A 758 -12.56 12.61 2.54
C SER A 758 -12.78 11.39 1.66
N ASP A 763 -2.53 9.75 -0.59
CA ASP A 763 -3.50 10.29 0.38
C ASP A 763 -2.85 11.41 1.20
N LEU A 764 -3.57 11.90 2.21
CA LEU A 764 -3.16 13.10 2.92
C LEU A 764 -3.31 12.88 4.41
N ARG A 765 -2.55 13.64 5.20
CA ARG A 765 -2.49 13.46 6.64
C ARG A 765 -3.03 14.69 7.38
N ILE A 766 -3.52 14.43 8.59
CA ILE A 766 -3.92 15.47 9.51
C ILE A 766 -2.66 15.85 10.29
N MET A 767 -2.10 17.00 9.95
CA MET A 767 -0.84 17.41 10.56
C MET A 767 -0.98 17.89 12.00
N ASP A 768 -2.10 18.51 12.35
CA ASP A 768 -2.28 19.04 13.70
C ASP A 768 -3.77 19.43 13.83
N PHE A 769 -4.15 19.77 15.06
CA PHE A 769 -5.54 20.11 15.39
C PHE A 769 -5.47 20.90 16.66
N ASP A 770 -6.59 21.55 16.99
CA ASP A 770 -6.79 22.19 18.29
C ASP A 770 -8.29 22.22 18.54
N VAL A 771 -8.69 22.37 19.80
CA VAL A 771 -10.09 22.33 20.19
C VAL A 771 -10.40 23.53 21.08
N LYS A 772 -11.63 24.03 20.97
CA LYS A 772 -12.17 25.01 21.91
C LYS A 772 -13.51 24.51 22.40
N PHE A 773 -13.69 24.54 23.72
CA PHE A 773 -14.91 24.01 24.32
C PHE A 773 -16.04 25.03 24.29
N ILE A 774 -17.26 24.51 24.19
CA ILE A 774 -18.47 25.32 24.13
C ILE A 774 -19.01 25.38 25.56
N SER A 775 -18.57 26.40 26.31
CA SER A 775 -18.95 26.66 27.70
C SER A 775 -19.01 25.40 28.56
N GLN A 776 -20.20 25.01 29.03
CA GLN A 776 -20.34 23.82 29.86
C GLN A 776 -20.82 22.60 29.08
N SER A 777 -20.93 22.72 27.76
CA SER A 777 -21.67 21.73 26.98
C SER A 777 -21.00 20.36 26.98
N GLY A 778 -19.67 20.32 26.99
CA GLY A 778 -19.01 19.11 26.57
C GLY A 778 -19.00 18.90 25.08
N ASP A 779 -19.72 19.73 24.32
CA ASP A 779 -19.46 19.92 22.90
C ASP A 779 -18.20 20.79 22.74
N PHE A 780 -17.61 20.76 21.54
CA PHE A 780 -16.43 21.58 21.32
C PHE A 780 -16.25 21.82 19.84
N LEU A 781 -15.47 22.86 19.50
CA LEU A 781 -15.09 23.08 18.11
C LEU A 781 -13.69 22.54 17.88
N LEU A 782 -13.48 22.01 16.69
CA LEU A 782 -12.24 21.35 16.32
C LEU A 782 -11.76 21.95 15.01
N VAL A 783 -10.49 22.34 14.97
CA VAL A 783 -9.85 22.73 13.71
C VAL A 783 -8.81 21.67 13.37
N THR A 784 -8.80 21.24 12.12
CA THR A 784 -7.78 20.33 11.62
C THR A 784 -7.14 20.96 10.39
N VAL A 785 -5.82 20.79 10.25
CA VAL A 785 -5.09 21.22 9.06
C VAL A 785 -4.38 20.02 8.46
N TYR A 786 -4.25 20.03 7.14
CA TYR A 786 -3.87 18.84 6.39
C TYR A 786 -2.62 19.08 5.55
N SER A 787 -2.08 17.97 5.04
CA SER A 787 -0.87 18.02 4.21
C SER A 787 -1.06 18.83 2.94
N ASP A 788 -2.28 18.94 2.43
CA ASP A 788 -2.56 19.62 1.18
C ASP A 788 -2.93 21.09 1.37
N SER A 789 -2.66 21.65 2.55
CA SER A 789 -2.98 23.02 2.92
C SER A 789 -4.46 23.22 3.24
N THR A 790 -5.27 22.16 3.29
CA THR A 790 -6.66 22.46 3.59
C THR A 790 -6.85 22.65 5.10
N ILE A 791 -7.89 23.38 5.44
CA ILE A 791 -8.25 23.69 6.82
C ILE A 791 -9.73 23.41 6.96
N LYS A 792 -10.11 22.71 8.02
CA LYS A 792 -11.51 22.44 8.28
C LYS A 792 -11.80 22.74 9.74
N ILE A 793 -12.99 23.28 10.00
CA ILE A 793 -13.45 23.50 11.36
C ILE A 793 -14.67 22.62 11.56
N TRP A 794 -14.74 21.97 12.72
CA TRP A 794 -15.78 20.97 13.00
C TRP A 794 -16.48 21.33 14.31
N HIS A 795 -17.75 20.96 14.39
CA HIS A 795 -18.49 20.99 15.63
C HIS A 795 -18.64 19.54 16.06
N TYR A 796 -18.15 19.22 17.27
CA TYR A 796 -18.38 17.91 17.87
C TYR A 796 -19.56 18.02 18.81
N ARG A 797 -20.62 17.30 18.50
CA ARG A 797 -21.84 17.32 19.29
C ARG A 797 -21.86 16.07 20.15
N GLU A 798 -21.85 16.27 21.48
CA GLU A 798 -21.76 15.15 22.40
C GLU A 798 -22.92 14.19 22.26
N ASN A 799 -24.16 14.70 22.39
CA ASN A 799 -25.32 13.81 22.47
C ASN A 799 -25.54 13.05 21.17
N GLN A 800 -25.32 13.69 20.04
CA GLN A 800 -25.40 12.91 18.81
C GLN A 800 -24.08 12.23 18.47
N ASN A 801 -23.03 12.50 19.25
CA ASN A 801 -21.71 11.92 19.08
C ASN A 801 -21.28 11.95 17.61
N LYS A 802 -21.29 13.17 17.03
CA LYS A 802 -20.95 13.36 15.62
C LYS A 802 -20.08 14.60 15.45
N PHE A 803 -19.29 14.58 14.39
CA PHE A 803 -18.52 15.73 13.93
C PHE A 803 -19.24 16.39 12.75
N ASP A 804 -19.65 17.65 12.91
CA ASP A 804 -20.25 18.41 11.82
C ASP A 804 -19.26 19.40 11.23
N LEU A 805 -19.01 19.30 9.92
CA LEU A 805 -18.16 20.27 9.23
C LEU A 805 -18.89 21.60 9.11
N ILE A 806 -18.32 22.67 9.67
CA ILE A 806 -18.95 23.98 9.62
C ILE A 806 -18.14 25.02 8.86
N MET A 807 -16.90 24.71 8.46
CA MET A 807 -16.08 25.61 7.66
C MET A 807 -14.97 24.81 6.98
N GLN A 808 -14.64 25.19 5.75
CA GLN A 808 -13.54 24.57 5.01
C GLN A 808 -12.89 25.60 4.10
N GLY A 809 -11.59 25.47 3.91
CA GLY A 809 -10.86 26.36 3.05
C GLY A 809 -9.48 25.81 2.80
N ARG A 810 -8.59 26.66 2.29
CA ARG A 810 -7.24 26.21 2.01
C ARG A 810 -6.30 27.41 2.11
N TYR A 811 -5.06 27.15 2.55
CA TYR A 811 -4.12 28.24 2.72
C TYR A 811 -3.46 28.57 1.38
N LYS A 812 -2.68 27.62 0.85
CA LYS A 812 -2.21 27.66 -0.52
C LYS A 812 -2.05 26.25 -1.03
N THR A 813 -0.81 25.80 -1.24
CA THR A 813 -0.60 24.42 -1.64
C THR A 813 0.33 23.63 -0.71
N CYS A 814 1.15 24.31 0.10
CA CYS A 814 2.15 23.65 0.93
C CYS A 814 1.50 23.02 2.17
N CYS A 815 2.27 22.14 2.84
CA CYS A 815 1.80 21.54 4.08
C CYS A 815 1.61 22.61 5.17
N LEU A 816 0.66 22.36 6.07
CA LEU A 816 0.43 23.21 7.24
C LEU A 816 0.73 22.37 8.46
N PHE A 817 1.66 22.83 9.29
CA PHE A 817 2.16 21.93 10.31
C PHE A 817 1.53 22.13 11.68
N ASN A 818 1.09 23.34 12.01
CA ASN A 818 0.49 23.59 13.32
C ASN A 818 -0.73 24.47 13.17
N VAL A 819 -1.62 24.39 14.14
CA VAL A 819 -2.83 25.20 14.14
C VAL A 819 -3.27 25.35 15.58
N VAL A 820 -3.86 26.49 15.88
CA VAL A 820 -4.21 26.80 17.26
C VAL A 820 -5.42 27.74 17.23
N PHE A 821 -6.32 27.55 18.17
CA PHE A 821 -7.41 28.50 18.40
C PHE A 821 -6.88 29.55 19.36
N ILE A 822 -7.12 30.82 19.06
CA ILE A 822 -6.88 31.88 20.04
C ILE A 822 -8.14 32.72 20.12
N ALA A 823 -8.67 32.84 21.32
CA ALA A 823 -9.81 33.69 21.59
C ALA A 823 -9.31 34.94 22.29
N LEU A 824 -9.54 36.08 21.66
CA LEU A 824 -9.19 37.38 22.22
C LEU A 824 -10.43 38.26 22.12
N LYS A 825 -10.76 38.94 23.22
CA LYS A 825 -11.96 39.77 23.26
C LYS A 825 -13.16 38.93 22.82
N GLU A 826 -13.86 39.34 21.76
CA GLU A 826 -15.00 38.57 21.28
C GLU A 826 -14.72 37.93 19.93
N GLU A 827 -13.45 37.73 19.60
CA GLU A 827 -13.06 37.16 18.32
C GLU A 827 -12.47 35.77 18.50
N LEU A 828 -12.83 34.87 17.59
CA LEU A 828 -12.25 33.53 17.52
C LEU A 828 -11.26 33.51 16.37
N LEU A 829 -9.98 33.40 16.70
CA LEU A 829 -8.91 33.41 15.72
C LEU A 829 -8.37 32.01 15.47
N VAL A 830 -7.95 31.76 14.23
CA VAL A 830 -7.23 30.55 13.85
C VAL A 830 -5.84 30.96 13.38
N VAL A 831 -4.81 30.40 14.00
CA VAL A 831 -3.42 30.69 13.67
C VAL A 831 -2.79 29.43 13.11
N ILE A 832 -2.27 29.51 11.88
CA ILE A 832 -1.59 28.38 11.26
C ILE A 832 -0.13 28.78 10.99
N SER A 833 0.70 27.76 10.83
CA SER A 833 2.12 27.94 10.56
C SER A 833 2.46 27.05 9.37
N PRO A 834 2.36 27.59 8.16
CA PRO A 834 2.70 26.82 6.96
C PRO A 834 4.22 26.62 6.84
N THR A 835 4.60 25.71 5.95
CA THR A 835 6.00 25.44 5.71
C THR A 835 6.73 26.60 5.03
N ASP A 836 6.03 27.66 4.61
CA ASP A 836 6.73 28.85 4.14
C ASP A 836 7.27 29.68 5.29
N GLY A 837 6.97 29.32 6.53
CA GLY A 837 7.53 30.01 7.67
C GLY A 837 6.76 31.18 8.17
N HIS A 838 5.57 31.41 7.63
CA HIS A 838 4.70 32.49 8.05
C HIS A 838 3.87 32.10 9.27
N LEU A 839 3.44 33.11 10.02
CA LEU A 839 2.30 33.03 10.92
C LEU A 839 1.13 33.65 10.16
N VAL A 840 0.05 32.89 9.97
CA VAL A 840 -1.12 33.33 9.23
C VAL A 840 -2.33 33.26 10.17
N VAL A 841 -3.09 34.36 10.25
CA VAL A 841 -4.21 34.51 11.18
C VAL A 841 -5.52 34.63 10.41
N TYR A 842 -6.54 33.91 10.87
CA TYR A 842 -7.89 34.04 10.35
C TYR A 842 -8.83 34.40 11.48
N ASN A 843 -9.79 35.29 11.19
CA ASN A 843 -10.82 35.69 12.15
C ASN A 843 -12.14 35.08 11.65
N ILE A 844 -12.56 33.97 12.26
CA ILE A 844 -13.70 33.22 11.74
C ILE A 844 -15.00 33.55 12.47
N THR A 845 -15.00 34.56 13.35
CA THR A 845 -16.12 34.85 14.24
C THR A 845 -17.45 35.00 13.48
N GLU A 846 -17.47 35.86 12.45
CA GLU A 846 -18.71 36.15 11.76
C GLU A 846 -19.21 34.98 10.92
N TYR A 847 -18.37 33.97 10.65
CA TYR A 847 -18.73 32.88 9.75
C TYR A 847 -19.03 31.57 10.46
N VAL A 848 -19.05 31.53 11.80
CA VAL A 848 -19.48 30.33 12.50
C VAL A 848 -20.59 30.69 13.47
N PRO A 849 -21.57 29.81 13.66
CA PRO A 849 -22.69 30.10 14.57
C PRO A 849 -22.33 30.01 16.04
N PHE A 850 -21.26 30.69 16.48
CA PHE A 850 -20.84 30.69 17.87
C PHE A 850 -20.42 32.09 18.29
N SER A 851 -20.44 32.35 19.59
CA SER A 851 -20.04 33.62 20.16
C SER A 851 -18.93 33.41 21.17
N VAL A 852 -18.06 34.42 21.32
CA VAL A 852 -16.91 34.34 22.22
C VAL A 852 -17.21 35.19 23.44
N ASP A 853 -17.06 34.59 24.61
CA ASP A 853 -17.19 35.34 25.87
C ASP A 853 -15.93 36.19 26.04
N PRO A 854 -16.06 37.47 26.40
CA PRO A 854 -14.87 38.34 26.45
C PRO A 854 -13.69 37.89 27.34
N ILE A 855 -13.87 37.12 28.42
CA ILE A 855 -12.67 36.65 29.17
C ILE A 855 -12.70 35.11 29.50
N SER A 856 -11.50 34.57 29.82
CA SER A 856 -10.89 33.41 29.12
C SER A 856 -11.75 32.59 28.12
N GLY A 857 -12.34 33.38 27.22
CA GLY A 857 -12.63 32.95 25.86
C GLY A 857 -13.48 31.73 25.68
N ASP A 858 -14.70 31.78 26.19
CA ASP A 858 -15.59 30.64 26.20
C ASP A 858 -16.52 30.74 25.01
N LEU A 859 -16.78 29.61 24.36
CA LEU A 859 -17.71 29.62 23.24
C LEU A 859 -19.15 29.50 23.72
N VAL A 860 -20.06 30.16 23.00
CA VAL A 860 -21.49 30.09 23.29
C VAL A 860 -22.21 29.60 22.04
N ASP A 861 -22.98 28.53 22.19
CA ASP A 861 -23.72 27.93 21.09
C ASP A 861 -24.97 28.75 20.79
N HIS A 862 -25.11 29.18 19.53
CA HIS A 862 -26.32 29.84 19.05
C HIS A 862 -27.39 28.86 18.61
N LYS A 863 -27.04 27.57 18.48
CA LYS A 863 -27.96 26.48 18.14
C LYS A 863 -28.65 26.74 16.79
N LEU A 864 -27.83 27.01 15.79
CA LEU A 864 -28.31 27.13 14.43
C LEU A 864 -27.91 25.90 13.64
N ASP A 865 -28.43 25.83 12.42
CA ASP A 865 -28.22 24.63 11.62
C ASP A 865 -26.90 24.74 10.88
N ALA A 866 -26.39 23.59 10.45
CA ALA A 866 -25.02 23.50 9.95
C ALA A 866 -24.97 23.91 8.48
N THR A 867 -24.30 25.02 8.19
CA THR A 867 -23.89 25.35 6.84
C THR A 867 -22.37 25.28 6.79
N ILE A 868 -21.84 24.92 5.63
CA ILE A 868 -20.40 24.92 5.43
C ILE A 868 -19.99 26.30 4.93
N SER A 869 -19.46 27.11 5.83
CA SER A 869 -18.89 28.39 5.45
C SER A 869 -17.58 28.18 4.72
N ASN A 870 -17.20 29.16 3.90
CA ASN A 870 -15.89 29.16 3.27
C ASN A 870 -14.92 29.91 4.17
N LEU A 871 -13.65 29.54 4.08
CA LEU A 871 -12.63 30.13 4.94
C LEU A 871 -12.33 31.56 4.47
N PRO A 872 -12.45 32.56 5.33
CA PRO A 872 -12.18 33.93 4.91
C PRO A 872 -10.70 34.11 4.58
N ALA A 873 -10.42 35.21 3.89
CA ALA A 873 -9.05 35.55 3.62
C ALA A 873 -8.36 35.88 4.95
N PRO A 874 -7.06 35.62 5.06
CA PRO A 874 -6.36 35.90 6.32
C PRO A 874 -6.42 37.38 6.64
N VAL A 875 -6.42 37.69 7.95
CA VAL A 875 -6.32 39.06 8.42
C VAL A 875 -4.90 39.45 8.77
N ALA A 876 -3.99 38.48 8.90
CA ALA A 876 -2.60 38.78 9.16
C ALA A 876 -1.73 37.68 8.56
N GLN A 877 -0.58 38.09 8.00
CA GLN A 877 0.37 37.15 7.38
C GLN A 877 1.76 37.63 7.74
N LEU A 878 2.40 36.99 8.71
CA LEU A 878 3.71 37.46 9.15
C LEU A 878 4.78 36.42 8.88
N PRO A 879 5.78 36.73 8.05
CA PRO A 879 6.92 35.81 7.89
C PRO A 879 7.79 35.84 9.14
N VAL A 880 8.12 34.65 9.64
CA VAL A 880 8.83 34.53 10.92
C VAL A 880 10.07 33.69 10.74
N HIS A 881 9.90 32.47 10.25
CA HIS A 881 10.99 31.54 10.06
C HIS A 881 11.28 31.40 8.58
N GLN A 882 12.45 30.86 8.30
CA GLN A 882 12.91 30.69 6.95
C GLN A 882 12.43 29.39 6.31
N SER A 883 11.75 28.53 7.05
CA SER A 883 11.32 27.21 6.56
C SER A 883 10.10 26.78 7.37
N GLY A 884 9.86 25.47 7.43
CA GLY A 884 8.72 24.96 8.18
C GLY A 884 8.85 25.20 9.67
N VAL A 885 7.70 25.43 10.32
CA VAL A 885 7.62 25.71 11.75
C VAL A 885 7.23 24.43 12.46
N LYS A 886 8.12 23.88 13.27
CA LYS A 886 7.86 22.59 13.89
C LYS A 886 7.07 22.68 15.19
N SER A 887 7.16 23.79 15.93
CA SER A 887 6.42 23.88 17.18
C SER A 887 5.70 25.23 17.27
N LEU A 888 4.47 25.19 17.80
CA LEU A 888 3.64 26.38 17.90
C LEU A 888 2.87 26.35 19.21
N ASP A 889 2.96 27.46 19.95
CA ASP A 889 2.32 27.62 21.25
C ASP A 889 1.96 29.09 21.41
N TYR A 890 1.07 29.38 22.35
CA TYR A 890 0.70 30.77 22.58
C TYR A 890 0.25 30.95 24.01
N VAL A 891 0.28 32.18 24.49
CA VAL A 891 -0.30 32.55 25.79
C VAL A 891 -0.95 33.91 25.65
N ALA A 892 -2.21 34.00 26.07
CA ALA A 892 -2.93 35.25 26.04
C ALA A 892 -2.77 35.98 27.37
N ASN A 893 -2.77 37.31 27.30
CA ASN A 893 -2.58 38.16 28.47
C ASN A 893 -3.83 38.12 29.37
N ALA A 894 -3.75 38.84 30.50
CA ALA A 894 -4.81 38.78 31.51
C ALA A 894 -6.14 39.31 30.99
N THR A 895 -6.09 40.34 30.14
CA THR A 895 -7.29 40.92 29.55
C THR A 895 -7.74 40.21 28.26
N ARG A 896 -6.98 39.23 27.77
CA ARG A 896 -7.28 38.55 26.51
C ARG A 896 -7.45 39.54 25.37
N THR A 897 -6.60 40.55 25.35
CA THR A 897 -6.54 41.47 24.24
C THR A 897 -5.36 41.17 23.34
N SER A 898 -4.45 40.34 23.82
CA SER A 898 -3.23 40.01 23.10
C SER A 898 -2.73 38.66 23.55
N ALA A 899 -1.93 38.06 22.69
CA ALA A 899 -1.33 36.78 23.00
C ALA A 899 0.06 36.79 22.40
N THR A 900 0.98 36.15 23.09
CA THR A 900 2.33 36.01 22.59
C THR A 900 2.47 34.60 22.03
N ILE A 901 3.08 34.51 20.85
CA ILE A 901 3.14 33.29 20.07
C ILE A 901 4.60 32.89 19.93
N LEU A 902 4.92 31.69 20.36
CA LEU A 902 6.27 31.15 20.33
C LEU A 902 6.37 30.06 19.27
N THR A 903 7.35 30.19 18.37
CA THR A 903 7.57 29.26 17.28
C THR A 903 9.00 28.76 17.30
N GLY A 904 9.15 27.46 17.10
CA GLY A 904 10.45 26.83 16.94
C GLY A 904 10.52 26.26 15.53
N GLY A 905 11.64 26.53 14.87
CA GLY A 905 11.68 26.30 13.43
C GLY A 905 12.60 25.19 12.99
N ASP A 906 12.34 24.66 11.80
CA ASP A 906 13.29 23.76 11.16
C ASP A 906 14.59 24.48 10.81
N ASP A 907 14.64 25.82 10.92
CA ASP A 907 15.86 26.60 10.71
C ASP A 907 16.67 26.79 11.99
N ASN A 908 16.43 25.95 13.00
CA ASN A 908 16.97 26.05 14.35
C ASN A 908 16.87 27.47 14.93
N GLY A 909 15.86 28.23 14.50
CA GLY A 909 15.56 29.50 15.09
C GLY A 909 14.34 29.45 16.00
N LEU A 910 14.28 30.39 16.94
CA LEU A 910 13.21 30.49 17.91
C LEU A 910 12.60 31.90 17.84
N GLY A 911 11.31 31.98 17.52
CA GLY A 911 10.65 33.25 17.29
C GLY A 911 9.60 33.53 18.34
N LEU A 912 9.44 34.81 18.69
CA LEU A 912 8.42 35.23 19.63
C LEU A 912 7.64 36.36 19.00
N SER A 913 6.34 36.15 18.82
CA SER A 913 5.51 37.13 18.15
C SER A 913 4.37 37.57 19.06
N ASN A 914 3.79 38.72 18.74
CA ASN A 914 2.70 39.31 19.50
C ASN A 914 1.50 39.40 18.58
N LEU A 915 0.36 38.90 19.07
CA LEU A 915 -0.91 39.00 18.35
C LEU A 915 -1.82 39.92 19.15
N LYS A 916 -2.19 41.05 18.56
CA LYS A 916 -2.90 42.09 19.29
C LYS A 916 -4.13 42.53 18.51
N LEU A 917 -5.16 42.89 19.27
CA LEU A 917 -6.32 43.59 18.71
C LEU A 917 -6.43 44.93 19.41
N ASP A 918 -6.76 45.97 18.64
CA ASP A 918 -6.90 47.28 19.23
C ASP A 918 -8.36 47.47 19.66
N ASP A 919 -8.72 48.69 20.02
CA ASP A 919 -10.08 48.94 20.50
C ASP A 919 -11.13 48.73 19.41
N SER A 920 -10.72 48.77 18.14
CA SER A 920 -11.61 48.53 17.01
C SER A 920 -11.57 47.08 16.55
N ASN A 921 -10.85 46.20 17.26
CA ASN A 921 -10.78 44.77 16.96
C ASN A 921 -10.07 44.46 15.64
N LYS A 922 -9.06 45.24 15.25
CA LYS A 922 -8.28 44.88 14.07
C LYS A 922 -7.03 44.13 14.50
N VAL A 923 -6.67 43.14 13.70
CA VAL A 923 -5.64 42.19 14.06
C VAL A 923 -4.31 42.73 13.56
N THR A 924 -3.32 42.80 14.44
CA THR A 924 -1.95 43.07 14.02
C THR A 924 -1.03 42.02 14.63
N LEU A 925 -0.19 41.43 13.79
CA LEU A 925 0.76 40.42 14.19
C LEU A 925 2.15 40.97 13.95
N LYS A 926 2.91 41.10 15.01
CA LYS A 926 4.19 41.79 15.06
C LYS A 926 5.17 40.81 15.69
N THR A 927 6.38 40.70 15.18
CA THR A 927 7.33 39.79 15.80
C THR A 927 8.26 40.55 16.75
N SER A 928 8.46 39.97 17.92
CA SER A 928 9.07 40.63 19.07
C SER A 928 10.54 40.30 19.25
N ASP A 929 10.99 39.16 18.78
CA ASP A 929 12.36 38.73 18.94
C ASP A 929 12.51 37.48 18.09
N PHE A 930 13.75 37.20 17.70
CA PHE A 930 14.05 36.00 16.93
C PHE A 930 15.49 35.62 17.20
N ILE A 931 15.72 34.43 17.75
CA ILE A 931 17.06 33.93 18.07
C ILE A 931 17.47 32.99 16.95
N ALA A 932 18.36 33.46 16.06
CA ALA A 932 18.65 32.72 14.82
C ALA A 932 19.35 31.39 15.08
N ALA A 933 20.18 31.32 16.12
CA ALA A 933 20.86 30.06 16.40
C ALA A 933 20.40 29.55 17.77
N ALA A 934 19.08 29.36 17.92
CA ALA A 934 18.56 28.84 19.18
C ALA A 934 18.95 27.40 19.45
N ALA A 935 19.31 26.63 18.43
CA ALA A 935 19.77 25.26 18.62
C ALA A 935 20.67 24.87 17.44
N SER A 936 21.36 23.75 17.57
CA SER A 936 22.25 23.27 16.52
C SER A 936 21.51 22.60 15.38
N SER A 937 20.27 22.16 15.61
CA SER A 937 19.49 21.45 14.62
C SER A 937 18.03 21.79 14.86
N THR A 938 17.15 21.06 14.18
CA THR A 938 15.71 21.32 14.19
C THR A 938 15.16 21.48 15.60
N ILE A 939 14.44 22.56 15.83
CA ILE A 939 13.70 22.71 17.07
C ILE A 939 12.36 21.99 16.90
N THR A 940 12.10 21.01 17.77
CA THR A 940 10.95 20.12 17.65
C THR A 940 9.83 20.40 18.64
N SER A 941 10.10 21.10 19.74
CA SER A 941 9.11 21.49 20.73
C SER A 941 9.44 22.87 21.26
N GLY A 942 8.40 23.63 21.59
CA GLY A 942 8.56 24.91 22.27
C GLY A 942 7.34 25.27 23.09
N MET A 943 7.42 25.11 24.40
CA MET A 943 6.26 25.34 25.25
C MET A 943 6.49 26.52 26.19
N LEU A 944 5.47 27.36 26.30
CA LEU A 944 5.46 28.47 27.24
C LEU A 944 4.96 27.95 28.58
N ILE A 945 5.63 28.38 29.64
CA ILE A 945 5.28 28.04 31.00
C ILE A 945 5.30 29.31 31.83
N ASN A 946 4.73 29.23 33.04
CA ASN A 946 4.72 30.31 34.01
C ASN A 946 4.16 31.60 33.38
N GLY A 947 2.92 31.51 32.93
CA GLY A 947 2.22 32.65 32.37
C GLY A 947 2.92 33.30 31.20
N GLY A 948 3.67 32.53 30.42
CA GLY A 948 4.42 33.10 29.33
C GLY A 948 5.76 33.67 29.72
N LYS A 949 6.18 33.54 30.97
CA LYS A 949 7.43 34.17 31.36
C LYS A 949 8.64 33.36 30.95
N GLU A 950 8.50 32.04 30.79
CA GLU A 950 9.62 31.17 30.44
C GLU A 950 9.25 30.23 29.31
N VAL A 951 10.26 29.55 28.78
CA VAL A 951 10.14 28.66 27.64
C VAL A 951 11.03 27.44 27.86
N ILE A 952 10.51 26.26 27.57
CA ILE A 952 11.34 25.07 27.44
C ILE A 952 11.30 24.64 25.98
N THR A 953 12.46 24.36 25.41
CA THR A 953 12.53 23.86 24.04
C THR A 953 13.19 22.50 24.00
N THR A 954 12.87 21.79 22.95
CA THR A 954 13.40 20.48 22.62
C THR A 954 13.96 20.56 21.21
N SER A 955 15.07 19.87 20.98
CA SER A 955 15.58 19.86 19.62
C SER A 955 16.36 18.58 19.37
N VAL A 956 16.54 18.33 18.09
CA VAL A 956 17.19 17.13 17.60
C VAL A 956 18.65 17.02 18.00
N ASP A 957 19.26 18.12 18.46
CA ASP A 957 20.61 18.11 19.01
C ASP A 957 20.68 17.60 20.44
N GLN A 958 19.55 17.16 21.02
CA GLN A 958 19.50 16.52 22.33
C GLN A 958 19.91 17.46 23.45
N VAL A 959 19.72 18.76 23.25
CA VAL A 959 19.96 19.77 24.28
C VAL A 959 18.61 20.32 24.69
N ILE A 960 18.25 20.18 25.96
CA ILE A 960 17.05 20.82 26.49
C ILE A 960 17.43 22.23 26.97
N ARG A 961 16.74 23.24 26.45
CA ARG A 961 17.04 24.62 26.79
C ARG A 961 15.86 25.27 27.51
N ALA A 962 16.15 26.00 28.58
CA ALA A 962 15.18 26.82 29.28
C ALA A 962 15.44 28.28 28.99
N TRP A 963 14.38 29.03 28.70
CA TRP A 963 14.51 30.43 28.35
C TRP A 963 13.71 31.28 29.33
N GLU A 964 14.06 32.56 29.39
CA GLU A 964 13.26 33.56 30.07
C GLU A 964 12.89 34.63 29.06
N ILE A 965 11.69 35.17 29.22
CA ILE A 965 11.18 36.24 28.37
C ILE A 965 11.01 37.47 29.24
N THR A 966 11.69 38.57 28.88
CA THR A 966 11.51 39.85 29.55
C THR A 966 11.36 40.92 28.48
N ALA A 967 10.24 41.67 28.56
CA ALA A 967 9.87 42.69 27.60
C ALA A 967 9.91 42.15 26.16
N GLY A 968 9.28 40.99 25.97
CA GLY A 968 9.21 40.39 24.65
C GLY A 968 10.55 39.95 24.07
N LYS A 969 11.57 39.80 24.89
CA LYS A 969 12.89 39.41 24.42
C LYS A 969 13.31 38.13 25.10
N LEU A 970 13.89 37.21 24.34
CA LEU A 970 14.25 35.89 24.83
C LEU A 970 15.72 35.86 25.22
N SER A 971 16.01 35.23 26.35
CA SER A 971 17.40 34.96 26.73
C SER A 971 17.52 33.53 27.25
N LEU A 972 18.58 32.85 26.82
CA LEU A 972 18.84 31.48 27.24
C LEU A 972 19.36 31.44 28.66
N VAL A 973 18.68 30.74 29.56
CA VAL A 973 19.09 30.71 30.96
C VAL A 973 19.62 29.36 31.45
N ASP A 974 19.27 28.24 30.81
CA ASP A 974 19.83 26.96 31.24
C ASP A 974 19.73 25.95 30.08
N LYS A 975 20.63 24.96 30.11
CA LYS A 975 20.70 23.97 29.06
C LYS A 975 21.13 22.65 29.69
N LYS A 976 20.71 21.55 29.08
CA LYS A 976 21.01 20.23 29.64
C LYS A 976 20.81 19.19 28.54
N ARG A 977 21.77 18.30 28.38
CA ARG A 977 21.69 17.27 27.37
C ARG A 977 20.82 16.11 27.85
N THR A 978 20.19 15.41 26.90
CA THR A 978 19.52 14.15 27.19
C THR A 978 20.02 13.06 26.24
N THR A 979 19.98 11.79 26.69
CA THR A 979 20.27 10.70 25.76
C THR A 979 19.17 10.46 24.75
N VAL A 980 18.00 11.04 24.95
CA VAL A 980 16.89 10.73 24.07
C VAL A 980 17.26 11.25 22.69
N ALA A 981 17.63 10.34 21.78
CA ALA A 981 17.98 10.77 20.44
C ALA A 981 16.74 11.26 19.68
N ASP A 982 16.98 12.14 18.71
CA ASP A 982 15.93 12.65 17.83
C ASP A 982 14.78 13.22 18.67
N THR A 983 15.15 14.05 19.65
CA THR A 983 14.22 14.54 20.65
C THR A 983 13.14 15.35 19.97
N GLY A 984 11.90 14.88 20.07
CA GLY A 984 10.84 15.43 19.24
C GLY A 984 9.55 15.73 19.97
N SER A 985 9.42 15.31 21.23
CA SER A 985 8.19 15.57 21.97
C SER A 985 8.51 16.02 23.39
N LEU A 986 7.60 16.82 23.93
CA LEU A 986 7.74 17.44 25.24
C LEU A 986 6.36 17.65 25.85
N GLU A 987 6.21 17.30 27.13
CA GLU A 987 4.99 17.59 27.85
C GLU A 987 5.36 18.10 29.24
N ILE A 988 4.61 19.07 29.76
CA ILE A 988 4.94 19.70 31.03
C ILE A 988 3.68 19.82 31.89
N ILE A 989 3.80 19.45 33.16
CA ILE A 989 2.72 19.60 34.12
C ILE A 989 3.27 20.30 35.36
N SER A 990 2.47 21.20 35.94
CA SER A 990 2.83 21.83 37.21
C SER A 990 2.51 20.91 38.38
N ASN A 991 3.31 21.04 39.42
CA ASN A 991 3.07 20.24 40.61
C ASN A 991 1.91 20.79 41.44
N ASP A 992 1.94 22.08 41.77
CA ASP A 992 0.77 22.77 42.34
C ASP A 992 0.74 24.25 41.94
N SER A 997 6.37 27.87 39.91
CA SER A 997 6.19 26.61 40.64
C SER A 997 7.02 25.47 39.99
N GLU A 998 7.21 24.37 40.71
CA GLU A 998 8.04 23.28 40.19
C GLU A 998 7.29 22.49 39.11
N LYS A 999 8.04 21.99 38.13
CA LYS A 999 7.45 21.36 36.97
C LYS A 999 8.00 19.96 36.74
N THR A 1000 7.18 19.10 36.16
CA THR A 1000 7.63 17.82 35.65
C THR A 1000 7.65 17.91 34.14
N LEU A 1001 8.77 17.51 33.55
CA LEU A 1001 8.95 17.50 32.11
C LEU A 1001 9.08 16.08 31.63
N LEU A 1002 8.34 15.74 30.59
CA LEU A 1002 8.44 14.46 29.91
C LEU A 1002 9.03 14.71 28.52
N ILE A 1003 10.11 14.02 28.23
CA ILE A 1003 10.95 14.25 27.06
C ILE A 1003 10.91 12.99 26.21
N GLY A 1004 10.47 13.14 24.96
CA GLY A 1004 10.32 12.01 24.06
C GLY A 1004 11.09 12.14 22.77
N GLY A 1005 11.53 10.99 22.26
CA GLY A 1005 12.17 10.87 20.97
C GLY A 1005 12.32 9.37 20.77
N VAL A 1006 13.55 8.87 20.63
CA VAL A 1006 13.79 7.43 20.77
C VAL A 1006 14.15 7.22 22.24
N GLY A 1007 13.13 6.95 23.03
CA GLY A 1007 13.24 6.89 24.47
C GLY A 1007 12.35 7.93 25.12
N LEU A 1008 12.25 7.79 26.44
CA LEU A 1008 11.47 8.71 27.27
C LEU A 1008 12.28 9.02 28.54
N SER A 1009 12.33 10.31 28.88
CA SER A 1009 12.97 10.77 30.09
C SER A 1009 12.01 11.68 30.84
N ILE A 1010 12.07 11.60 32.17
CA ILE A 1010 11.27 12.43 33.05
C ILE A 1010 12.23 13.28 33.87
N TRP A 1011 12.00 14.59 33.86
CA TRP A 1011 12.85 15.55 34.56
C TRP A 1011 12.00 16.45 35.46
N LYS A 1012 12.67 17.11 36.38
CA LYS A 1012 12.04 18.10 37.25
C LYS A 1012 12.72 19.43 37.01
N LYS A 1013 11.94 20.51 37.08
CA LYS A 1013 12.50 21.86 36.95
C LYS A 1013 12.22 22.72 38.18
N ARG B 9 8.38 5.98 -1.27
CA ARG B 9 6.99 5.54 -1.46
C ARG B 9 6.04 6.73 -1.38
N ASP B 10 6.62 7.93 -1.50
CA ASP B 10 6.04 9.28 -1.30
C ASP B 10 5.68 9.99 -2.62
N LEU B 11 5.57 11.32 -2.59
CA LEU B 11 5.50 12.09 -3.82
C LEU B 11 6.69 11.77 -4.72
N TYR B 12 7.87 12.04 -4.27
CA TYR B 12 9.01 12.07 -5.18
C TYR B 12 9.33 10.71 -5.78
N TYR B 13 8.95 9.58 -5.15
CA TYR B 13 9.25 8.30 -5.77
C TYR B 13 8.43 8.04 -7.03
N ARG B 14 7.16 8.45 -7.12
CA ARG B 14 6.57 8.36 -8.46
C ARG B 14 7.10 9.47 -9.40
N LYS B 15 7.32 10.71 -8.89
CA LYS B 15 7.79 11.75 -9.81
C LYS B 15 9.18 11.42 -10.34
N ALA B 16 9.93 10.55 -9.65
CA ALA B 16 11.19 10.07 -10.19
C ALA B 16 10.96 9.09 -11.32
N LYS B 17 10.06 8.11 -11.12
CA LYS B 17 9.74 7.17 -12.20
C LYS B 17 9.17 7.90 -13.42
N GLU B 18 8.41 8.99 -13.19
CA GLU B 18 7.82 9.74 -14.29
C GLU B 18 8.85 10.50 -15.11
N GLN B 19 9.97 10.93 -14.53
CA GLN B 19 10.96 11.64 -15.31
C GLN B 19 12.23 10.83 -15.54
N GLY B 20 12.17 9.52 -15.31
CA GLY B 20 13.32 8.69 -15.62
C GLY B 20 14.51 8.89 -14.72
N TYR B 21 14.32 9.41 -13.51
CA TYR B 21 15.41 9.57 -12.54
C TYR B 21 15.57 8.32 -11.70
N ARG B 22 16.83 7.96 -11.42
CA ARG B 22 17.09 6.66 -10.82
C ARG B 22 16.56 6.55 -9.41
N ALA B 23 16.48 7.67 -8.68
CA ALA B 23 15.96 7.66 -7.32
C ALA B 23 15.27 8.97 -7.05
N ARG B 24 14.41 8.96 -6.02
CA ARG B 24 13.73 10.19 -5.62
C ARG B 24 14.71 11.28 -5.21
N SER B 25 15.87 10.89 -4.68
CA SER B 25 16.89 11.84 -4.23
C SER B 25 17.33 12.81 -5.31
N ALA B 26 16.99 12.55 -6.58
CA ALA B 26 17.35 13.48 -7.64
C ALA B 26 16.80 14.87 -7.38
N PHE B 27 15.63 14.96 -6.75
CA PHE B 27 15.04 16.26 -6.51
C PHE B 27 15.71 17.02 -5.37
N LYS B 28 16.41 16.34 -4.46
CA LYS B 28 17.15 17.06 -3.43
C LYS B 28 18.23 17.95 -4.04
N LEU B 29 18.96 17.46 -5.05
CA LEU B 29 19.94 18.34 -5.70
C LEU B 29 19.28 19.37 -6.61
N LEU B 30 18.11 19.06 -7.20
CA LEU B 30 17.36 20.06 -7.96
C LEU B 30 16.81 21.15 -7.03
N GLN B 31 16.00 20.76 -6.04
CA GLN B 31 15.49 21.71 -5.04
C GLN B 31 16.62 22.45 -4.35
N LEU B 32 17.82 21.85 -4.27
CA LEU B 32 18.96 22.59 -3.78
C LEU B 32 19.33 23.70 -4.76
N ASN B 33 19.39 23.37 -6.04
CA ASN B 33 19.88 24.32 -7.04
C ASN B 33 18.88 25.43 -7.34
N ASP B 34 17.60 25.26 -6.98
CA ASP B 34 16.60 26.33 -6.96
C ASP B 34 17.04 27.47 -6.05
N GLN B 35 18.19 27.27 -5.40
CA GLN B 35 18.86 28.22 -4.53
C GLN B 35 20.35 27.94 -4.75
N PHE B 36 21.21 28.90 -4.42
CA PHE B 36 22.66 28.70 -4.56
C PHE B 36 23.02 28.78 -6.05
N HIS B 37 22.15 28.17 -6.87
CA HIS B 37 22.27 28.11 -8.34
C HIS B 37 23.70 27.82 -8.78
N PHE B 38 24.35 26.89 -8.07
CA PHE B 38 25.72 26.49 -8.43
C PHE B 38 25.77 25.65 -9.70
N LEU B 39 24.61 25.19 -10.20
CA LEU B 39 24.51 24.49 -11.48
C LEU B 39 23.86 25.32 -12.57
N ASP B 40 23.44 26.54 -12.28
CA ASP B 40 22.92 27.44 -13.29
C ASP B 40 23.97 28.39 -13.82
N ASP B 41 25.23 28.22 -13.43
CA ASP B 41 26.32 29.04 -13.94
C ASP B 41 26.73 28.58 -15.33
N PRO B 42 26.73 29.47 -16.34
CA PRO B 42 27.29 29.09 -17.66
C PRO B 42 28.81 28.88 -17.65
N ASN B 43 29.54 29.47 -16.69
CA ASN B 43 30.96 29.23 -16.57
C ASN B 43 31.28 27.85 -15.96
N LEU B 44 30.29 27.16 -15.39
CA LEU B 44 30.57 25.91 -14.70
C LEU B 44 31.03 24.83 -15.66
N LYS B 45 32.17 24.20 -15.35
CA LYS B 45 32.71 23.26 -16.33
C LYS B 45 33.12 21.89 -15.80
N ARG B 46 33.65 21.76 -14.58
CA ARG B 46 34.04 20.42 -14.14
C ARG B 46 33.49 20.05 -12.75
N VAL B 47 32.82 18.89 -12.67
CA VAL B 47 32.13 18.45 -11.46
C VAL B 47 32.48 17.00 -11.15
N VAL B 48 32.50 16.67 -9.85
CA VAL B 48 32.67 15.30 -9.37
C VAL B 48 31.51 14.93 -8.44
N ASP B 49 30.91 13.76 -8.69
CA ASP B 49 29.83 13.21 -7.87
C ASP B 49 30.38 11.97 -7.15
N LEU B 50 30.52 12.05 -5.83
CA LEU B 50 31.12 10.95 -5.09
C LEU B 50 30.07 10.14 -4.33
N CYS B 51 30.33 8.84 -4.26
CA CYS B 51 29.36 7.86 -3.75
C CYS B 51 28.04 8.02 -4.50
N ALA B 52 28.13 7.99 -5.84
CA ALA B 52 27.06 8.41 -6.72
C ALA B 52 25.96 7.37 -6.92
N ALA B 53 26.23 6.09 -6.66
CA ALA B 53 25.25 5.03 -6.93
C ALA B 53 23.93 5.27 -6.22
N PRO B 54 22.80 5.02 -6.91
CA PRO B 54 22.74 4.50 -8.28
C PRO B 54 22.92 5.54 -9.39
N GLY B 55 23.07 6.82 -9.06
CA GLY B 55 23.40 7.84 -10.03
C GLY B 55 22.37 8.95 -10.30
N SER B 56 21.38 9.13 -9.44
CA SER B 56 20.36 10.12 -9.74
C SER B 56 20.92 11.54 -9.67
N TRP B 57 21.87 11.82 -8.75
CA TRP B 57 22.51 13.13 -8.78
C TRP B 57 23.38 13.31 -10.02
N SER B 58 23.95 12.22 -10.54
CA SER B 58 24.72 12.33 -11.76
C SER B 58 23.82 12.58 -12.97
N GLN B 59 22.62 12.00 -12.97
CA GLN B 59 21.66 12.32 -14.01
C GLN B 59 21.33 13.80 -14.00
N VAL B 60 21.03 14.33 -12.82
CA VAL B 60 20.73 15.75 -12.67
C VAL B 60 21.89 16.57 -13.21
N LEU B 61 23.11 16.15 -12.91
CA LEU B 61 24.27 16.84 -13.43
C LEU B 61 24.32 16.75 -14.95
N SER B 62 23.95 15.59 -15.50
CA SER B 62 23.97 15.44 -16.95
C SER B 62 22.90 16.30 -17.61
N ARG B 63 21.67 16.21 -17.09
CA ARG B 63 20.57 16.97 -17.67
C ARG B 63 20.80 18.46 -17.59
N LYS B 64 21.31 18.94 -16.45
CA LYS B 64 21.48 20.38 -16.28
C LYS B 64 22.60 20.92 -17.15
N LEU B 65 23.71 20.21 -17.27
CA LEU B 65 24.87 20.75 -17.98
C LEU B 65 25.02 20.27 -19.41
N PHE B 66 24.11 19.44 -19.91
CA PHE B 66 24.18 19.10 -21.32
C PHE B 66 22.81 19.23 -21.98
N ASP B 67 21.86 18.39 -21.59
CA ASP B 67 20.54 18.40 -22.23
C ASP B 67 19.87 19.77 -22.19
N GLU B 68 20.09 20.55 -21.13
CA GLU B 68 19.43 21.85 -20.98
C GLU B 68 20.39 23.03 -21.07
N SER B 69 21.56 22.85 -21.65
CA SER B 69 22.52 23.95 -21.69
C SER B 69 22.87 24.28 -23.14
N PRO B 70 22.90 25.56 -23.50
CA PRO B 70 23.35 25.96 -24.85
C PRO B 70 24.67 25.31 -25.24
N SER B 71 24.82 25.00 -26.54
CA SER B 71 26.05 24.38 -27.03
C SER B 71 27.29 25.23 -26.74
N SER B 72 27.10 26.54 -26.50
CA SER B 72 28.20 27.47 -26.26
C SER B 72 28.86 27.29 -24.89
N ASP B 73 28.15 26.78 -23.88
CA ASP B 73 28.77 26.50 -22.59
C ASP B 73 28.94 24.99 -22.29
N LYS B 74 28.80 24.11 -23.30
CA LYS B 74 29.13 22.68 -23.18
C LYS B 74 30.63 22.34 -23.45
N GLU B 75 31.59 23.27 -23.44
CA GLU B 75 32.94 22.98 -23.91
C GLU B 75 33.81 22.67 -22.71
N ASP B 76 34.53 21.56 -22.80
CA ASP B 76 35.38 21.05 -21.72
C ASP B 76 34.60 20.60 -20.51
N ARG B 77 33.26 20.63 -20.57
CA ARG B 77 32.46 20.17 -19.45
C ARG B 77 32.63 18.67 -19.28
N LYS B 78 32.90 18.25 -18.04
CA LYS B 78 33.26 16.87 -17.76
C LYS B 78 32.71 16.49 -16.40
N ILE B 79 31.91 15.43 -16.36
CA ILE B 79 31.29 14.91 -15.14
C ILE B 79 31.89 13.55 -14.89
N VAL B 80 32.52 13.37 -13.73
CA VAL B 80 33.00 12.06 -13.31
C VAL B 80 32.30 11.71 -11.99
N SER B 81 31.67 10.54 -11.95
CA SER B 81 30.94 10.07 -10.78
C SER B 81 31.55 8.77 -10.28
N VAL B 82 31.83 8.71 -8.98
CA VAL B 82 32.60 7.63 -8.36
C VAL B 82 31.73 6.89 -7.34
N ASP B 83 31.87 5.57 -7.31
CA ASP B 83 31.32 4.72 -6.26
C ASP B 83 32.06 3.39 -6.29
N LEU B 84 32.14 2.73 -5.15
CA LEU B 84 32.75 1.43 -5.07
C LEU B 84 31.79 0.42 -5.61
N GLN B 85 30.55 0.79 -5.83
CA GLN B 85 29.59 -0.10 -6.38
C GLN B 85 29.59 0.27 -7.83
N PRO B 86 29.44 -0.70 -8.72
CA PRO B 86 29.38 -0.39 -10.16
C PRO B 86 28.07 0.28 -10.57
N MET B 87 28.17 1.25 -11.47
CA MET B 87 27.02 2.05 -11.83
C MET B 87 26.64 1.85 -13.29
N SER B 88 25.34 1.88 -13.56
CA SER B 88 24.91 1.84 -14.94
C SER B 88 25.28 3.16 -15.63
N PRO B 89 25.76 3.11 -16.87
CA PRO B 89 26.33 4.31 -17.50
C PRO B 89 25.31 5.42 -17.74
N ILE B 90 25.79 6.65 -17.70
CA ILE B 90 24.94 7.83 -17.88
C ILE B 90 25.48 8.70 -19.00
N PRO B 91 24.63 9.14 -19.94
CA PRO B 91 25.11 10.02 -21.00
C PRO B 91 25.87 11.23 -20.46
N HIS B 92 27.08 11.44 -20.99
CA HIS B 92 27.99 12.53 -20.65
C HIS B 92 28.62 12.41 -19.26
N VAL B 93 28.57 11.24 -18.64
CA VAL B 93 29.18 11.03 -17.33
C VAL B 93 30.17 9.88 -17.43
N THR B 94 31.39 10.11 -16.96
CA THR B 94 32.38 9.05 -16.85
C THR B 94 32.26 8.46 -15.44
N THR B 95 31.89 7.19 -15.37
CA THR B 95 31.64 6.50 -14.12
C THR B 95 32.85 5.67 -13.72
N LEU B 96 33.45 5.99 -12.57
CA LEU B 96 34.60 5.26 -12.06
C LEU B 96 34.15 4.36 -10.92
N GLN B 97 34.61 3.12 -10.96
CA GLN B 97 34.38 2.18 -9.87
C GLN B 97 35.68 2.13 -9.09
N ALA B 98 35.79 3.01 -8.11
CA ALA B 98 37.04 3.16 -7.41
C ALA B 98 36.74 3.73 -6.03
N ASP B 99 37.72 3.62 -5.13
CA ASP B 99 37.54 3.99 -3.75
C ASP B 99 38.05 5.41 -3.59
N ILE B 100 37.26 6.26 -2.93
CA ILE B 100 37.70 7.63 -2.74
C ILE B 100 38.96 7.72 -1.86
N THR B 101 39.30 6.67 -1.09
CA THR B 101 40.57 6.62 -0.35
C THR B 101 41.80 6.50 -1.27
N HIS B 102 41.72 5.63 -2.27
CA HIS B 102 42.79 4.81 -2.85
C HIS B 102 43.74 5.69 -3.68
N PRO B 103 44.97 5.20 -4.04
CA PRO B 103 45.95 6.13 -4.65
C PRO B 103 45.59 6.85 -5.93
N LYS B 104 45.37 6.17 -7.05
CA LYS B 104 45.38 6.99 -8.26
C LYS B 104 43.99 7.46 -8.64
N THR B 105 42.99 7.22 -7.79
CA THR B 105 41.66 7.76 -8.04
C THR B 105 41.64 9.26 -7.82
N LEU B 106 42.59 9.80 -7.06
CA LEU B 106 42.81 11.24 -7.13
C LEU B 106 43.54 11.63 -8.41
N ALA B 107 44.63 10.92 -8.75
CA ALA B 107 45.32 11.17 -10.02
C ALA B 107 44.40 10.83 -11.20
N ARG B 108 43.68 9.71 -11.11
CA ARG B 108 42.77 9.29 -12.18
C ARG B 108 41.73 10.35 -12.45
N ILE B 109 41.04 10.81 -11.40
CA ILE B 109 40.08 11.90 -11.58
C ILE B 109 40.78 13.08 -12.21
N LEU B 110 42.01 13.37 -11.77
CA LEU B 110 42.69 14.54 -12.29
C LEU B 110 43.05 14.37 -13.76
N LYS B 111 43.39 13.15 -14.20
CA LYS B 111 43.70 12.95 -15.62
C LYS B 111 42.49 13.22 -16.51
N LEU B 112 41.31 12.78 -16.08
CA LEU B 112 40.12 12.99 -16.91
C LEU B 112 39.73 14.46 -17.00
N PHE B 113 40.27 15.30 -16.13
CA PHE B 113 40.30 16.73 -16.36
C PHE B 113 41.64 17.11 -16.98
N GLY B 114 41.72 18.32 -17.55
CA GLY B 114 43.01 18.76 -18.10
C GLY B 114 43.98 19.15 -16.99
N ASN B 115 44.10 18.28 -15.99
CA ASN B 115 44.60 18.60 -14.64
C ASN B 115 44.11 19.97 -14.19
N GLU B 116 42.86 20.27 -14.54
CA GLU B 116 42.16 21.43 -14.01
C GLU B 116 41.44 20.96 -12.75
N LYS B 117 41.30 21.86 -11.80
CA LYS B 117 40.62 21.46 -10.58
C LYS B 117 39.11 21.54 -10.81
N ALA B 118 38.35 20.76 -10.04
CA ALA B 118 36.92 20.71 -10.27
C ALA B 118 36.28 21.98 -9.74
N ASP B 119 35.25 22.46 -10.45
CA ASP B 119 34.55 23.65 -9.97
C ASP B 119 33.60 23.34 -8.82
N PHE B 120 33.21 22.06 -8.64
CA PHE B 120 32.14 21.71 -7.72
C PHE B 120 32.15 20.21 -7.49
N VAL B 121 32.16 19.77 -6.24
CA VAL B 121 32.16 18.36 -5.88
C VAL B 121 30.98 18.11 -4.95
N CYS B 122 30.16 17.11 -5.28
CA CYS B 122 28.96 16.82 -4.51
C CYS B 122 28.99 15.37 -4.04
N SER B 123 28.27 15.11 -2.96
CA SER B 123 28.12 13.73 -2.52
C SER B 123 26.81 13.58 -1.77
N ASP B 124 26.01 12.60 -2.21
CA ASP B 124 24.76 12.27 -1.57
C ASP B 124 24.85 10.91 -0.86
N GLY B 125 26.07 10.45 -0.59
CA GLY B 125 26.24 9.12 -0.03
C GLY B 125 25.73 9.01 1.39
N ALA B 126 25.13 7.88 1.69
CA ALA B 126 24.79 7.57 3.06
C ALA B 126 24.61 6.07 3.20
N PRO B 127 25.17 5.47 4.25
CA PRO B 127 24.89 4.08 4.57
C PRO B 127 23.47 3.94 5.10
N ASP B 128 22.95 2.71 5.04
CA ASP B 128 21.64 2.42 5.61
C ASP B 128 21.68 2.65 7.11
N VAL B 129 20.75 3.43 7.62
CA VAL B 129 20.76 3.69 9.04
C VAL B 129 20.43 2.39 9.78
N THR B 130 21.07 2.19 10.94
CA THR B 130 20.84 1.04 11.79
C THR B 130 19.71 1.25 12.78
N GLY B 131 19.40 2.50 13.11
CA GLY B 131 18.52 2.83 14.20
C GLY B 131 19.26 3.23 15.46
N LEU B 132 20.57 3.01 15.49
CA LEU B 132 21.44 3.50 16.56
C LEU B 132 21.98 4.86 16.18
N HIS B 133 21.39 5.92 16.75
CA HIS B 133 21.68 7.27 16.26
C HIS B 133 23.14 7.68 16.41
N ASP B 134 23.78 7.37 17.53
CA ASP B 134 25.17 7.79 17.67
C ASP B 134 26.05 7.12 16.63
N LEU B 135 25.83 5.83 16.38
CA LEU B 135 26.58 5.14 15.32
C LEU B 135 26.25 5.71 13.94
N ASP B 136 24.96 5.90 13.66
CA ASP B 136 24.59 6.41 12.35
C ASP B 136 25.21 7.77 12.09
N GLU B 137 25.25 8.62 13.13
CA GLU B 137 25.78 9.96 12.93
C GLU B 137 27.29 9.94 12.77
N TYR B 138 27.97 9.09 13.53
CA TYR B 138 29.42 8.97 13.42
C TYR B 138 29.83 8.38 12.07
N VAL B 139 29.12 7.34 11.62
CA VAL B 139 29.43 6.74 10.32
C VAL B 139 29.25 7.77 9.21
N GLN B 140 28.20 8.57 9.29
CA GLN B 140 27.99 9.62 8.30
C GLN B 140 29.13 10.64 8.33
N GLN B 141 29.63 11.02 9.51
CA GLN B 141 30.70 12.00 9.49
C GLN B 141 32.01 11.35 9.09
N GLN B 142 32.09 10.02 9.18
CA GLN B 142 33.19 9.29 8.55
C GLN B 142 33.18 9.53 7.05
N LEU B 143 32.04 9.27 6.42
CA LEU B 143 31.98 9.33 4.97
C LEU B 143 32.19 10.75 4.45
N ILE B 144 31.70 11.76 5.18
CA ILE B 144 31.96 13.15 4.81
C ILE B 144 33.45 13.45 4.93
N MET B 145 34.10 12.98 5.99
CA MET B 145 35.53 13.21 6.19
C MET B 145 36.35 12.65 5.03
N SER B 146 36.23 11.34 4.79
CA SER B 146 37.00 10.72 3.71
C SER B 146 36.64 11.34 2.36
N ALA B 147 35.37 11.74 2.17
CA ALA B 147 35.02 12.51 0.98
C ALA B 147 35.79 13.82 0.93
N LEU B 148 35.94 14.48 2.08
CA LEU B 148 36.68 15.73 2.14
C LEU B 148 38.14 15.54 1.75
N GLN B 149 38.67 14.30 1.79
CA GLN B 149 40.04 14.06 1.38
C GLN B 149 40.28 14.61 -0.01
N LEU B 150 39.47 14.15 -0.96
CA LEU B 150 39.70 14.44 -2.36
C LEU B 150 39.17 15.80 -2.72
N THR B 151 38.06 16.20 -2.10
CA THR B 151 37.59 17.55 -2.31
C THR B 151 38.62 18.58 -1.87
N ALA B 152 39.45 18.24 -0.87
CA ALA B 152 40.51 19.14 -0.41
C ALA B 152 41.45 19.51 -1.56
N CYS B 153 41.73 18.54 -2.44
CA CYS B 153 42.64 18.75 -3.58
C CYS B 153 41.87 19.18 -4.81
N ILE B 154 41.16 18.24 -5.45
CA ILE B 154 40.57 18.44 -6.77
C ILE B 154 39.69 19.69 -6.88
N LEU B 155 39.18 20.18 -5.77
CA LEU B 155 38.30 21.33 -5.88
C LEU B 155 39.07 22.65 -6.05
N LYS B 156 38.61 23.44 -7.02
CA LYS B 156 39.19 24.75 -7.30
C LYS B 156 38.92 25.65 -6.10
N LYS B 157 39.95 26.35 -5.66
CA LYS B 157 39.82 27.32 -4.58
C LYS B 157 38.75 28.34 -4.92
N GLY B 158 37.79 28.50 -4.02
CA GLY B 158 36.60 29.28 -4.29
C GLY B 158 35.46 28.50 -4.91
N GLY B 159 35.52 27.16 -4.86
CA GLY B 159 34.52 26.30 -5.47
C GLY B 159 33.66 25.53 -4.47
N THR B 160 32.43 25.24 -4.88
CA THR B 160 31.41 24.64 -4.01
C THR B 160 31.70 23.17 -3.68
N PHE B 161 31.38 22.76 -2.44
CA PHE B 161 31.37 21.35 -2.03
C PHE B 161 30.07 21.05 -1.30
N VAL B 162 29.34 20.03 -1.76
CA VAL B 162 28.01 19.71 -1.24
C VAL B 162 28.00 18.28 -0.74
N ALA B 163 27.43 18.06 0.45
CA ALA B 163 27.44 16.74 1.04
C ALA B 163 26.18 16.56 1.87
N LYS B 164 25.76 15.32 2.03
CA LYS B 164 24.62 15.05 2.88
C LYS B 164 25.12 14.78 4.29
N ILE B 165 24.39 15.32 5.27
CA ILE B 165 24.78 15.21 6.67
C ILE B 165 23.64 14.59 7.46
N PHE B 166 24.00 14.06 8.62
CA PHE B 166 23.09 13.58 9.66
C PHE B 166 23.01 14.76 10.63
N ARG B 167 21.90 15.49 10.61
CA ARG B 167 21.79 16.75 11.34
C ARG B 167 21.43 16.53 12.82
N GLY B 168 22.29 15.79 13.52
CA GLY B 168 22.01 15.36 14.89
C GLY B 168 22.79 16.01 16.03
N ARG B 169 23.15 15.17 17.01
CA ARG B 169 23.70 15.66 18.27
C ARG B 169 25.05 16.35 18.09
N ASP B 170 25.91 15.84 17.19
CA ASP B 170 27.27 16.35 17.06
C ASP B 170 27.51 17.11 15.76
N ILE B 171 26.45 17.58 15.10
CA ILE B 171 26.67 18.26 13.83
C ILE B 171 27.49 19.52 14.03
N ASP B 172 27.33 20.20 15.17
CA ASP B 172 28.06 21.45 15.37
C ASP B 172 29.57 21.24 15.42
N MET B 173 30.05 20.04 15.72
CA MET B 173 31.47 19.75 15.56
C MET B 173 31.90 19.85 14.11
N LEU B 174 31.14 19.18 13.23
CA LEU B 174 31.50 19.13 11.81
C LEU B 174 31.55 20.51 11.21
N TYR B 175 30.61 21.37 11.58
CA TYR B 175 30.63 22.74 11.06
C TYR B 175 31.93 23.44 11.43
N SER B 176 32.30 23.39 12.71
CA SER B 176 33.51 24.10 13.13
C SER B 176 34.75 23.43 12.56
N GLN B 177 34.79 22.09 12.56
CA GLN B 177 35.85 21.38 11.87
C GLN B 177 35.97 21.83 10.41
N LEU B 178 34.86 22.31 9.83
CA LEU B 178 34.85 22.78 8.46
C LEU B 178 34.96 24.30 8.35
N GLY B 179 35.05 25.00 9.48
CA GLY B 179 35.21 26.44 9.43
C GLY B 179 36.52 26.87 8.82
N TYR B 180 37.58 26.09 9.05
CA TYR B 180 38.91 26.43 8.55
C TYR B 180 38.95 26.51 7.03
N LEU B 181 38.01 25.87 6.32
CA LEU B 181 38.16 25.64 4.88
C LEU B 181 37.08 26.23 3.99
N PHE B 182 36.18 27.07 4.48
CA PHE B 182 35.18 27.63 3.56
C PHE B 182 34.79 29.05 3.96
N ASP B 183 34.37 29.82 2.95
CA ASP B 183 33.93 31.19 3.18
C ASP B 183 32.64 31.24 3.96
N LYS B 184 31.61 30.55 3.47
CA LYS B 184 30.28 30.55 4.05
C LYS B 184 29.81 29.11 4.07
N ILE B 185 29.61 28.57 5.27
CA ILE B 185 29.10 27.22 5.42
C ILE B 185 27.62 27.30 5.68
N VAL B 186 26.86 26.59 4.87
CA VAL B 186 25.42 26.64 4.93
C VAL B 186 24.90 25.24 5.23
N CYS B 187 23.67 25.19 5.72
CA CYS B 187 23.03 23.93 6.02
C CYS B 187 21.63 24.04 5.48
N ALA B 188 21.17 22.99 4.79
CA ALA B 188 19.94 23.09 4.02
C ALA B 188 19.17 21.78 4.03
N LYS B 189 17.94 21.80 4.55
CA LYS B 189 17.02 20.84 3.98
C LYS B 189 16.41 21.44 2.72
N PRO B 190 16.26 20.63 1.67
CA PRO B 190 15.25 20.95 0.66
C PRO B 190 13.90 20.51 1.18
N ARG B 191 12.98 20.18 0.28
CA ARG B 191 11.62 19.83 0.67
C ARG B 191 11.21 18.44 0.20
N SER B 192 11.96 17.84 -0.72
CA SER B 192 11.90 16.41 -0.97
C SER B 192 12.62 15.61 0.11
N SER B 193 13.22 16.28 1.09
CA SER B 193 13.86 15.63 2.23
C SER B 193 12.81 15.28 3.28
N ARG B 194 12.59 13.97 3.48
CA ARG B 194 11.56 13.46 4.38
C ARG B 194 11.61 14.09 5.76
N GLY B 195 10.44 14.52 6.27
CA GLY B 195 10.36 14.97 7.65
C GLY B 195 10.85 13.92 8.63
N THR B 196 10.61 12.64 8.32
CA THR B 196 11.02 11.45 9.07
C THR B 196 12.53 11.25 9.15
N SER B 197 13.30 12.13 8.51
CA SER B 197 14.75 11.97 8.42
C SER B 197 15.45 13.12 9.14
N LEU B 198 16.57 12.78 9.77
CA LEU B 198 17.52 13.73 10.32
C LEU B 198 18.42 14.32 9.23
N GLU B 199 17.97 14.18 7.99
CA GLU B 199 18.77 14.50 6.83
C GLU B 199 18.86 16.00 6.66
N ALA B 200 20.00 16.45 6.15
CA ALA B 200 20.16 17.82 5.70
C ALA B 200 21.38 17.84 4.79
N PHE B 201 21.70 19.00 4.26
CA PHE B 201 22.81 19.12 3.34
C PHE B 201 23.69 20.28 3.74
N ILE B 202 24.99 20.04 3.71
CA ILE B 202 25.98 21.03 4.07
C ILE B 202 26.50 21.57 2.74
N VAL B 203 26.05 22.77 2.39
CA VAL B 203 26.44 23.40 1.13
C VAL B 203 27.55 24.39 1.48
N CYS B 204 28.78 23.97 1.25
CA CYS B 204 29.96 24.77 1.55
C CYS B 204 30.27 25.62 0.32
N LEU B 205 30.12 26.94 0.42
CA LEU B 205 30.42 27.83 -0.71
C LEU B 205 31.73 28.57 -0.48
N GLY B 206 32.41 28.88 -1.56
CA GLY B 206 33.74 29.47 -1.50
C GLY B 206 34.81 28.62 -0.86
N TYR B 207 35.35 27.66 -1.58
CA TYR B 207 36.42 26.85 -1.02
C TYR B 207 37.52 27.78 -0.66
N ASN B 208 37.83 27.85 0.62
CA ASN B 208 38.98 28.60 1.05
C ASN B 208 40.21 27.71 1.21
N PRO B 209 41.18 28.19 2.10
CA PRO B 209 42.46 27.53 1.94
C PRO B 209 42.61 26.25 2.70
N PRO B 210 42.92 25.13 1.91
CA PRO B 210 43.44 24.02 2.72
C PRO B 210 44.85 24.24 3.27
N SER B 211 45.28 23.26 4.05
CA SER B 211 46.57 23.18 4.70
C SER B 211 47.78 23.33 3.76
N ASN B 212 48.91 22.78 4.18
CA ASN B 212 50.18 22.93 3.47
C ASN B 212 51.19 21.87 3.93
N ASN B 233 46.88 2.94 6.08
CA ASN B 233 46.82 2.75 7.53
C ASN B 233 47.69 3.74 8.30
N LYS B 234 47.32 5.02 8.23
CA LYS B 234 48.15 6.09 8.76
C LYS B 234 47.24 7.25 9.17
N LEU B 235 47.87 8.38 9.48
CA LEU B 235 47.17 9.62 9.79
C LEU B 235 46.29 10.05 8.62
N CYS B 236 45.03 10.41 8.92
CA CYS B 236 44.04 10.85 7.93
C CYS B 236 43.39 12.15 8.38
N ILE B 237 42.51 12.69 7.52
CA ILE B 237 41.95 14.02 7.79
C ILE B 237 41.13 14.01 9.07
N SER B 238 40.40 12.91 9.31
CA SER B 238 39.58 12.78 10.51
C SER B 238 40.40 13.07 11.78
N ASP B 239 41.62 12.52 11.86
CA ASP B 239 42.49 12.74 13.00
C ASP B 239 43.22 14.09 13.00
N LYS B 240 43.49 14.70 11.83
CA LYS B 240 44.08 16.03 11.91
C LYS B 240 43.03 17.15 11.98
N LEU B 241 41.79 16.93 11.53
CA LEU B 241 40.69 17.82 11.95
C LEU B 241 40.37 17.62 13.42
N SER B 242 40.39 16.38 13.87
CA SER B 242 40.29 16.14 15.30
C SER B 242 41.51 16.70 16.02
N HIS B 243 42.65 16.80 15.33
CA HIS B 243 43.85 17.36 15.95
C HIS B 243 43.63 18.84 16.33
N TRP B 244 43.14 19.65 15.40
CA TRP B 244 43.11 21.10 15.61
C TRP B 244 41.87 21.58 16.35
N ASN B 245 40.71 21.14 15.91
CA ASN B 245 39.38 21.55 16.37
C ASN B 245 39.11 21.75 17.86
N GLU B 246 39.79 20.95 18.65
CA GLU B 246 39.14 19.77 19.18
C GLU B 246 38.27 19.88 20.47
N GLU B 247 37.17 19.11 20.41
CA GLU B 247 35.97 19.20 21.25
C GLU B 247 35.37 20.62 21.27
N GLU B 248 35.28 21.25 20.10
CA GLU B 248 34.59 22.52 19.99
C GLU B 248 33.49 22.44 18.93
N ARG B 249 32.47 23.27 19.10
CA ARG B 249 31.25 23.23 18.30
C ARG B 249 30.82 24.64 17.92
N ASN B 250 30.47 24.83 16.64
CA ASN B 250 29.94 26.06 16.08
C ASN B 250 28.64 25.74 15.35
N ILE B 251 27.80 26.75 15.16
CA ILE B 251 26.54 26.59 14.44
C ILE B 251 26.70 27.25 13.08
N ALA B 252 26.58 26.45 12.01
CA ALA B 252 26.62 26.97 10.65
C ALA B 252 25.32 27.71 10.36
N GLU B 253 25.38 28.66 9.43
CA GLU B 253 24.13 29.35 9.16
C GLU B 253 23.21 28.43 8.35
N PHE B 254 21.92 28.71 8.44
CA PHE B 254 20.91 27.85 7.84
C PHE B 254 20.30 28.50 6.60
N MET B 255 19.89 27.64 5.65
CA MET B 255 19.36 28.07 4.35
C MET B 255 18.37 27.02 3.87
N ALA B 256 17.09 27.38 3.84
CA ALA B 256 16.14 26.61 3.05
C ALA B 256 16.41 26.84 1.56
N CYS B 257 16.07 25.86 0.73
CA CYS B 257 16.62 25.85 -0.63
C CYS B 257 15.59 25.93 -1.74
N GLY B 258 14.51 25.15 -1.68
CA GLY B 258 13.57 25.14 -2.79
C GLY B 258 12.76 26.43 -2.88
N SER B 259 11.81 26.41 -3.82
CA SER B 259 10.88 27.52 -4.00
C SER B 259 9.56 27.30 -3.25
N MET C 1 -16.42 -22.15 -36.52
CA MET C 1 -16.79 -20.91 -35.84
C MET C 1 -16.50 -19.69 -36.72
N LYS C 2 -17.29 -18.63 -36.58
CA LYS C 2 -17.08 -17.40 -37.35
C LYS C 2 -16.91 -16.22 -36.41
N ASP C 3 -15.92 -15.40 -36.72
CA ASP C 3 -15.63 -14.19 -35.98
C ASP C 3 -16.56 -13.08 -36.44
N LEU C 4 -17.15 -12.36 -35.49
CA LEU C 4 -18.19 -11.37 -35.79
C LEU C 4 -17.70 -9.95 -35.54
N SER C 5 -17.29 -9.63 -34.30
CA SER C 5 -16.72 -8.33 -34.03
C SER C 5 -15.50 -8.49 -33.12
N HIS C 6 -14.68 -7.44 -33.10
CA HIS C 6 -13.50 -7.37 -32.25
C HIS C 6 -13.30 -5.94 -31.78
N TYR C 7 -13.08 -5.78 -30.46
CA TYR C 7 -12.60 -4.52 -29.93
C TYR C 7 -11.37 -4.80 -29.13
N GLY C 8 -10.26 -4.18 -29.51
CA GLY C 8 -9.00 -4.46 -28.88
C GLY C 8 -7.91 -3.59 -29.45
N PRO C 9 -6.69 -3.87 -29.08
CA PRO C 9 -5.57 -3.00 -29.45
C PRO C 9 -5.57 -2.60 -30.93
N ALA C 10 -5.52 -1.30 -31.18
CA ALA C 10 -5.52 -0.71 -32.52
C ALA C 10 -4.20 0.04 -32.67
N LEU C 11 -3.29 -0.51 -33.44
CA LEU C 11 -1.90 -0.12 -33.35
C LEU C 11 -1.51 1.08 -34.20
N CYS C 12 -2.28 1.41 -35.26
CA CYS C 12 -1.90 2.54 -36.12
C CYS C 12 -3.14 3.17 -36.73
N VAL C 13 -2.97 4.43 -37.16
CA VAL C 13 -4.06 5.18 -37.80
C VAL C 13 -3.48 6.12 -38.84
N LYS C 14 -4.18 6.27 -39.95
CA LYS C 14 -3.75 7.17 -41.02
C LYS C 14 -4.94 7.94 -41.52
N PHE C 15 -4.76 9.25 -41.69
CA PHE C 15 -5.68 10.07 -42.47
C PHE C 15 -5.43 9.89 -43.96
N TYR C 16 -6.50 9.80 -44.74
CA TYR C 16 -6.37 9.72 -46.20
C TYR C 16 -7.64 10.30 -46.80
N ASN C 17 -7.59 11.60 -47.15
CA ASN C 17 -8.64 12.27 -47.91
C ASN C 17 -10.04 11.90 -47.43
N ASP C 18 -10.40 12.33 -46.23
CA ASP C 18 -11.74 12.16 -45.67
C ASP C 18 -11.99 10.75 -45.14
N TYR C 19 -11.05 9.82 -45.31
CA TYR C 19 -11.06 8.56 -44.59
C TYR C 19 -10.06 8.58 -43.44
N VAL C 20 -10.35 7.77 -42.43
CA VAL C 20 -9.34 7.31 -41.48
C VAL C 20 -9.20 5.82 -41.70
N LEU C 21 -7.97 5.37 -41.93
CA LEU C 21 -7.66 3.96 -42.01
C LEU C 21 -6.97 3.54 -40.72
N ALA C 22 -7.50 2.50 -40.08
CA ALA C 22 -6.98 2.07 -38.80
C ALA C 22 -6.59 0.60 -38.86
N GLY C 23 -5.35 0.30 -38.51
CA GLY C 23 -4.99 -1.05 -38.14
C GLY C 23 -5.66 -1.33 -36.82
N TYR C 24 -6.45 -2.39 -36.76
CA TYR C 24 -7.34 -2.65 -35.65
C TYR C 24 -7.31 -4.16 -35.47
N GLY C 25 -6.48 -4.65 -34.56
CA GLY C 25 -6.21 -6.07 -34.50
C GLY C 25 -5.61 -6.48 -35.84
N PRO C 26 -6.06 -7.61 -36.37
CA PRO C 26 -5.58 -8.04 -37.68
C PRO C 26 -6.32 -7.40 -38.85
N PHE C 27 -7.21 -6.45 -38.59
CA PHE C 27 -8.02 -5.83 -39.64
C PHE C 27 -7.54 -4.43 -39.96
N ILE C 28 -8.03 -3.94 -41.10
CA ILE C 28 -8.11 -2.53 -41.44
C ILE C 28 -9.56 -2.10 -41.29
N HIS C 29 -9.77 -0.99 -40.58
CA HIS C 29 -11.06 -0.33 -40.53
C HIS C 29 -10.97 0.93 -41.38
N VAL C 30 -11.95 1.16 -42.24
CA VAL C 30 -12.03 2.42 -42.98
C VAL C 30 -13.26 3.16 -42.49
N TYR C 31 -13.05 4.39 -42.05
CA TYR C 31 -14.11 5.24 -41.54
C TYR C 31 -14.22 6.47 -42.41
N ASP C 32 -15.43 6.99 -42.54
CA ASP C 32 -15.62 8.37 -42.97
C ASP C 32 -15.64 9.23 -41.69
N TYR C 33 -14.55 9.97 -41.46
CA TYR C 33 -14.37 10.51 -40.13
C TYR C 33 -15.26 11.71 -39.82
N HIS C 34 -15.77 12.43 -40.82
CA HIS C 34 -16.65 13.56 -40.49
C HIS C 34 -17.99 13.08 -39.92
N SER C 35 -18.48 11.93 -40.36
CA SER C 35 -19.69 11.34 -39.80
C SER C 35 -19.41 10.18 -38.84
N ALA C 36 -18.16 9.72 -38.70
CA ALA C 36 -17.83 8.61 -37.82
C ALA C 36 -18.56 7.33 -38.24
N THR C 37 -18.65 7.08 -39.54
CA THR C 37 -19.31 5.88 -40.04
C THR C 37 -18.24 4.88 -40.45
N LEU C 38 -18.43 3.62 -40.05
CA LEU C 38 -17.49 2.58 -40.44
C LEU C 38 -17.93 2.07 -41.81
N ILE C 39 -17.08 2.31 -42.81
CA ILE C 39 -17.42 1.93 -44.18
C ILE C 39 -17.21 0.44 -44.40
N ASN C 40 -16.07 -0.11 -43.95
CA ASN C 40 -15.83 -1.55 -44.01
C ASN C 40 -14.70 -1.93 -43.06
N LYS C 41 -14.74 -3.18 -42.61
CA LYS C 41 -13.65 -3.81 -41.87
C LYS C 41 -13.16 -4.97 -42.73
N CYS C 42 -11.87 -4.97 -43.05
CA CYS C 42 -11.27 -6.00 -43.87
C CYS C 42 -10.12 -6.66 -43.09
N ARG C 43 -10.20 -7.97 -42.92
CA ARG C 43 -9.11 -8.69 -42.26
C ARG C 43 -7.93 -8.83 -43.21
N LEU C 44 -6.76 -8.30 -42.82
CA LEU C 44 -5.56 -8.43 -43.64
C LEU C 44 -4.69 -9.62 -43.28
N PHE C 45 -4.60 -9.95 -41.99
CA PHE C 45 -3.67 -10.96 -41.49
C PHE C 45 -4.42 -12.07 -40.77
N HIS C 46 -3.88 -13.29 -40.85
CA HIS C 46 -4.58 -14.42 -40.23
C HIS C 46 -4.68 -14.22 -38.72
N TYR C 47 -3.57 -13.91 -38.06
CA TYR C 47 -3.59 -13.65 -36.62
C TYR C 47 -2.81 -12.42 -36.18
N ASN C 48 -1.78 -11.97 -36.91
CA ASN C 48 -0.97 -10.86 -36.43
C ASN C 48 -1.77 -9.56 -36.45
N LYS C 49 -1.44 -8.66 -35.54
CA LYS C 49 -2.05 -7.35 -35.62
C LYS C 49 -1.32 -6.51 -36.67
N VAL C 50 -2.03 -5.50 -37.18
CA VAL C 50 -1.43 -4.54 -38.10
C VAL C 50 -0.72 -3.49 -37.26
N HIS C 51 0.63 -3.48 -37.31
CA HIS C 51 1.42 -2.48 -36.58
C HIS C 51 1.58 -1.17 -37.35
N GLY C 52 1.56 -1.21 -38.67
CA GLY C 52 1.74 0.01 -39.46
C GLY C 52 1.07 -0.13 -40.80
N LEU C 53 0.71 1.01 -41.38
CA LEU C 53 0.20 0.99 -42.73
C LEU C 53 0.47 2.32 -43.39
N SER C 54 0.59 2.32 -44.72
CA SER C 54 0.64 3.57 -45.47
C SER C 54 0.02 3.37 -46.85
N LEU C 55 -0.41 4.48 -47.44
CA LEU C 55 -1.09 4.46 -48.74
C LEU C 55 -0.27 5.16 -49.81
N SER C 56 -0.21 4.54 -50.97
CA SER C 56 0.36 5.19 -52.14
C SER C 56 -0.63 6.21 -52.68
N SER C 57 -0.09 7.17 -53.43
CA SER C 57 -0.92 8.18 -54.09
C SER C 57 -2.07 7.54 -54.89
N GLU C 58 -1.85 6.35 -55.45
CA GLU C 58 -2.79 5.65 -56.32
C GLU C 58 -3.61 4.56 -55.62
N GLY C 59 -3.71 4.58 -54.29
CA GLY C 59 -4.63 3.68 -53.60
C GLY C 59 -4.12 2.29 -53.25
N LYS C 60 -2.81 2.02 -53.36
CA LYS C 60 -2.27 0.79 -52.80
C LYS C 60 -1.97 0.98 -51.31
N ILE C 61 -2.31 -0.02 -50.51
CA ILE C 61 -2.06 -0.02 -49.07
C ILE C 61 -0.94 -1.02 -48.75
N LEU C 62 0.16 -0.51 -48.20
CA LEU C 62 1.23 -1.35 -47.64
C LEU C 62 1.04 -1.45 -46.12
N ALA C 63 0.90 -2.66 -45.61
CA ALA C 63 0.67 -2.89 -44.19
C ALA C 63 1.56 -4.01 -43.68
N TYR C 64 2.02 -3.87 -42.44
CA TYR C 64 2.90 -4.84 -41.82
C TYR C 64 2.54 -4.95 -40.36
N GLY C 65 3.02 -6.00 -39.73
CA GLY C 65 2.85 -6.22 -38.31
C GLY C 65 3.58 -7.48 -37.90
N ALA C 66 4.53 -7.37 -36.96
CA ALA C 66 5.32 -8.51 -36.50
C ALA C 66 6.09 -9.03 -37.70
N ARG C 67 5.89 -10.27 -38.14
CA ARG C 67 6.54 -10.79 -39.33
C ARG C 67 5.66 -10.75 -40.58
N SER C 68 4.42 -10.26 -40.47
CA SER C 68 3.49 -10.23 -41.59
C SER C 68 3.60 -8.93 -42.37
N VAL C 69 3.39 -9.03 -43.69
CA VAL C 69 3.36 -7.86 -44.55
C VAL C 69 2.41 -8.15 -45.69
N THR C 70 1.77 -7.10 -46.20
CA THR C 70 0.89 -7.25 -47.34
C THR C 70 0.83 -5.96 -48.13
N ILE C 71 0.55 -6.12 -49.42
CA ILE C 71 0.23 -5.01 -50.32
C ILE C 71 -1.16 -5.29 -50.88
N VAL C 72 -2.05 -4.34 -50.72
CA VAL C 72 -3.45 -4.61 -50.91
C VAL C 72 -4.07 -3.35 -51.49
N GLU C 73 -5.18 -3.53 -52.19
CA GLU C 73 -5.81 -2.44 -52.92
C GLU C 73 -6.92 -1.79 -52.07
N LEU C 74 -6.87 -0.45 -51.98
CA LEU C 74 -7.86 0.26 -51.17
C LEU C 74 -9.27 -0.06 -51.64
N GLU C 75 -9.46 -0.16 -52.97
CA GLU C 75 -10.76 -0.56 -53.51
C GLU C 75 -11.24 -1.88 -52.91
N ASP C 76 -10.36 -2.88 -52.85
CA ASP C 76 -10.77 -4.17 -52.29
C ASP C 76 -11.07 -4.05 -50.79
N VAL C 77 -10.22 -3.34 -50.05
CA VAL C 77 -10.42 -3.18 -48.61
C VAL C 77 -11.77 -2.53 -48.32
N LEU C 78 -12.23 -1.65 -49.22
CA LEU C 78 -13.53 -1.03 -49.05
C LEU C 78 -14.70 -2.00 -49.22
N LYS C 79 -14.52 -3.12 -49.92
CA LYS C 79 -15.68 -4.00 -50.15
C LYS C 79 -15.48 -5.46 -49.78
N LYS C 80 -14.28 -5.92 -49.56
CA LYS C 80 -14.08 -7.33 -49.23
C LYS C 80 -13.99 -7.48 -47.71
N GLU C 81 -14.53 -8.59 -47.20
CA GLU C 81 -14.48 -8.86 -45.77
C GLU C 81 -13.09 -9.30 -45.32
N SER C 82 -12.35 -10.01 -46.17
CA SER C 82 -11.03 -10.52 -45.82
C SER C 82 -10.17 -10.57 -47.07
N LEU C 83 -8.87 -10.33 -46.87
CA LEU C 83 -7.85 -10.41 -47.91
C LEU C 83 -6.60 -11.13 -47.38
N VAL C 84 -6.78 -12.10 -46.48
CA VAL C 84 -5.66 -12.77 -45.83
C VAL C 84 -4.79 -13.57 -46.79
N ASP C 85 -5.29 -13.88 -47.99
CA ASP C 85 -4.44 -14.66 -48.90
C ASP C 85 -3.26 -13.86 -49.40
N PHE C 86 -3.35 -12.53 -49.36
CA PHE C 86 -2.24 -11.72 -49.81
C PHE C 86 -1.18 -11.52 -48.75
N GLU C 87 -1.42 -12.04 -47.54
CA GLU C 87 -0.45 -11.87 -46.48
C GLU C 87 0.78 -12.72 -46.73
N ARG C 88 1.97 -12.12 -46.54
CA ARG C 88 3.23 -12.85 -46.61
C ARG C 88 3.98 -12.73 -45.28
N ILE C 89 4.80 -13.74 -44.99
CA ILE C 89 5.48 -13.85 -43.72
C ILE C 89 6.98 -13.67 -43.98
N ASN C 90 7.57 -12.66 -43.36
CA ASN C 90 9.00 -12.47 -43.51
C ASN C 90 9.71 -13.21 -42.37
N SER C 91 10.98 -13.53 -42.58
CA SER C 91 11.68 -14.35 -41.60
C SER C 91 11.97 -13.59 -40.31
N ASP C 92 12.15 -12.27 -40.39
CA ASP C 92 12.44 -11.43 -39.24
C ASP C 92 11.27 -10.50 -38.96
N TRP C 93 11.21 -10.02 -37.71
CA TRP C 93 10.23 -8.99 -37.34
C TRP C 93 10.41 -7.78 -38.24
N ILE C 94 9.30 -7.21 -38.71
CA ILE C 94 9.32 -6.03 -39.56
C ILE C 94 9.09 -4.81 -38.68
N THR C 95 10.09 -3.94 -38.62
CA THR C 95 9.98 -2.73 -37.81
C THR C 95 9.25 -1.62 -38.54
N GLY C 96 9.46 -1.50 -39.85
CA GLY C 96 8.82 -0.44 -40.60
C GLY C 96 8.72 -0.79 -42.07
N ALA C 97 7.92 0.00 -42.79
CA ALA C 97 7.72 -0.23 -44.21
C ALA C 97 7.29 1.08 -44.89
N THR C 98 7.86 1.35 -46.06
CA THR C 98 7.42 2.49 -46.87
C THR C 98 7.45 2.13 -48.35
N PHE C 99 6.61 2.82 -49.12
CA PHE C 99 6.67 2.73 -50.56
C PHE C 99 7.92 3.44 -51.05
N SER C 100 8.49 2.95 -52.15
CA SER C 100 9.51 3.72 -52.82
C SER C 100 8.90 5.02 -53.35
N PHE C 101 9.76 5.97 -53.69
CA PHE C 101 9.31 7.28 -54.15
C PHE C 101 8.28 7.16 -55.29
N ASP C 102 8.49 6.22 -56.22
CA ASP C 102 7.54 6.06 -57.33
C ASP C 102 6.50 4.96 -57.10
N ASN C 103 6.46 4.38 -55.90
CA ASN C 103 5.46 3.38 -55.52
C ASN C 103 5.56 2.09 -56.34
N LEU C 104 6.72 1.82 -56.93
CA LEU C 104 6.92 0.55 -57.64
C LEU C 104 7.68 -0.49 -56.82
N GLN C 105 8.41 -0.09 -55.79
CA GLN C 105 8.95 -1.02 -54.79
C GLN C 105 8.43 -0.64 -53.41
N ILE C 106 8.65 -1.55 -52.46
CA ILE C 106 8.49 -1.25 -51.05
C ILE C 106 9.82 -1.51 -50.34
N TYR C 107 10.04 -0.77 -49.24
CA TYR C 107 11.21 -0.90 -48.39
C TYR C 107 10.76 -1.42 -47.02
N LEU C 108 11.30 -2.58 -46.62
CA LEU C 108 10.98 -3.19 -45.34
C LEU C 108 12.19 -3.06 -44.43
N LEU C 109 12.01 -2.42 -43.28
CA LEU C 109 13.06 -2.35 -42.27
C LEU C 109 12.85 -3.48 -41.26
N THR C 110 13.83 -4.36 -41.12
CA THR C 110 13.73 -5.42 -40.12
C THR C 110 14.22 -4.92 -38.77
N CYS C 111 13.98 -5.74 -37.75
CA CYS C 111 14.39 -5.39 -36.39
C CYS C 111 15.90 -5.45 -36.20
N TYR C 112 16.63 -5.97 -37.17
CA TYR C 112 18.09 -6.03 -37.14
C TYR C 112 18.72 -4.98 -38.05
N ASN C 113 17.94 -3.95 -38.43
CA ASN C 113 18.43 -2.80 -39.19
C ASN C 113 18.92 -3.18 -40.58
N LYS C 114 18.26 -4.15 -41.22
CA LYS C 114 18.45 -4.42 -42.64
C LYS C 114 17.21 -3.97 -43.39
N VAL C 115 17.40 -3.42 -44.58
CA VAL C 115 16.29 -3.00 -45.42
C VAL C 115 16.14 -4.00 -46.57
N LEU C 116 14.93 -4.54 -46.73
CA LEU C 116 14.63 -5.41 -47.88
C LEU C 116 13.90 -4.59 -48.91
N ILE C 117 14.50 -4.40 -50.08
CA ILE C 117 13.82 -3.77 -51.21
C ILE C 117 13.04 -4.85 -51.96
N CYS C 118 11.72 -4.70 -52.02
CA CYS C 118 10.85 -5.72 -52.59
C CYS C 118 10.00 -5.18 -53.73
N ASP C 119 9.46 -6.09 -54.53
CA ASP C 119 8.51 -5.69 -55.56
C ASP C 119 7.11 -5.66 -54.95
N LEU C 120 6.11 -5.26 -55.75
CA LEU C 120 4.75 -5.15 -55.24
C LEU C 120 4.05 -6.52 -55.02
N ASN C 121 4.74 -7.65 -55.16
CA ASN C 121 4.27 -8.93 -54.62
C ASN C 121 4.98 -9.28 -53.33
N CYS C 122 5.75 -8.34 -52.76
CA CYS C 122 6.49 -8.52 -51.51
C CYS C 122 7.61 -9.56 -51.64
N GLU C 123 8.16 -9.71 -52.84
CA GLU C 123 9.31 -10.58 -53.02
C GLU C 123 10.57 -9.72 -53.06
N VAL C 124 11.63 -10.23 -52.45
CA VAL C 124 12.83 -9.44 -52.24
C VAL C 124 13.59 -9.30 -53.56
N LEU C 125 14.02 -8.08 -53.84
CA LEU C 125 14.92 -7.79 -54.94
C LEU C 125 16.36 -7.71 -54.47
N PHE C 126 16.63 -7.03 -53.36
CA PHE C 126 17.95 -7.05 -52.75
C PHE C 126 17.87 -6.45 -51.35
N ARG C 127 18.99 -6.51 -50.64
CA ARG C 127 19.05 -6.09 -49.26
C ARG C 127 20.15 -5.06 -49.07
N LYS C 128 19.87 -4.06 -48.26
CA LYS C 128 20.86 -3.09 -47.87
C LYS C 128 21.05 -3.21 -46.37
N SER C 129 22.29 -2.99 -45.92
CA SER C 129 22.61 -3.04 -44.51
C SER C 129 23.91 -2.29 -44.30
N LEU C 130 24.19 -1.97 -43.04
CA LEU C 130 25.45 -1.33 -42.66
C LEU C 130 26.54 -2.37 -42.38
N GLY C 131 27.75 -1.88 -42.24
CA GLY C 131 28.81 -2.68 -41.71
C GLY C 131 28.96 -2.46 -40.21
N GLY C 132 29.58 -3.43 -39.55
CA GLY C 132 29.81 -3.36 -38.12
C GLY C 132 28.90 -4.31 -37.38
N GLU C 133 28.88 -4.13 -36.05
CA GLU C 133 28.10 -5.01 -35.19
C GLU C 133 26.60 -4.84 -35.47
N ARG C 134 25.89 -5.94 -35.30
CA ARG C 134 24.45 -5.98 -35.42
C ARG C 134 23.81 -4.93 -34.51
N SER C 135 22.64 -4.44 -34.92
CA SER C 135 21.83 -3.57 -34.07
C SER C 135 20.45 -4.17 -33.95
N ILE C 136 19.96 -4.29 -32.72
CA ILE C 136 18.60 -4.74 -32.47
C ILE C 136 17.73 -3.52 -32.27
N LEU C 137 16.61 -3.45 -32.99
CA LEU C 137 15.76 -2.27 -33.02
C LEU C 137 14.45 -2.49 -32.28
N TYR C 138 14.03 -1.47 -31.53
CA TYR C 138 12.68 -1.36 -31.01
C TYR C 138 11.83 -0.39 -31.80
N SER C 139 12.43 0.34 -32.73
CA SER C 139 11.66 1.24 -33.59
C SER C 139 12.49 1.57 -34.83
N GLY C 140 11.84 2.27 -35.76
CA GLY C 140 12.51 2.82 -36.91
C GLY C 140 11.53 3.19 -37.99
N ILE C 141 11.95 4.10 -38.85
CA ILE C 141 11.21 4.39 -40.08
C ILE C 141 12.19 4.61 -41.22
N ILE C 142 11.68 4.34 -42.41
CA ILE C 142 12.36 4.68 -43.65
C ILE C 142 11.66 5.90 -44.22
N LYS C 143 12.42 6.99 -44.37
CA LYS C 143 11.93 8.28 -44.81
C LYS C 143 12.42 8.53 -46.22
N VAL C 144 11.48 8.68 -47.16
CA VAL C 144 11.76 8.84 -48.58
C VAL C 144 11.71 10.33 -48.90
N PHE C 145 12.88 10.93 -49.15
CA PHE C 145 12.94 12.35 -49.52
C PHE C 145 12.86 12.57 -51.03
N GLY C 146 13.48 11.68 -51.81
CA GLY C 146 13.42 11.74 -53.25
C GLY C 146 13.68 10.36 -53.82
N PRO C 147 13.74 10.26 -55.15
CA PRO C 147 13.92 8.92 -55.75
C PRO C 147 15.16 8.18 -55.27
N ASP C 148 16.27 8.88 -55.07
CA ASP C 148 17.50 8.23 -54.66
C ASP C 148 17.94 8.63 -53.26
N LYS C 149 17.17 9.46 -52.54
CA LYS C 149 17.53 9.97 -51.22
C LYS C 149 16.59 9.34 -50.18
N VAL C 150 16.98 8.19 -49.67
CA VAL C 150 16.17 7.43 -48.71
C VAL C 150 16.98 7.30 -47.42
N TYR C 151 16.41 7.77 -46.32
CA TYR C 151 17.07 7.67 -45.01
C TYR C 151 16.43 6.56 -44.22
N VAL C 152 17.27 5.71 -43.66
CA VAL C 152 16.86 4.68 -42.72
C VAL C 152 17.18 5.17 -41.33
N ASN C 153 16.15 5.24 -40.49
CA ASN C 153 16.26 5.89 -39.18
C ASN C 153 15.96 4.82 -38.15
N ALA C 154 16.99 4.30 -37.50
CA ALA C 154 16.88 3.10 -36.66
C ALA C 154 16.93 3.46 -35.18
N GLY C 155 15.93 2.97 -34.41
CA GLY C 155 15.93 3.17 -32.96
C GLY C 155 16.38 1.94 -32.20
N THR C 156 17.58 1.97 -31.61
CA THR C 156 18.15 0.75 -31.03
C THR C 156 17.73 0.51 -29.59
N VAL C 157 17.81 -0.77 -29.20
CA VAL C 157 17.55 -1.18 -27.83
C VAL C 157 18.50 -0.49 -26.86
N MET C 158 19.76 -0.28 -27.28
CA MET C 158 20.81 0.31 -26.48
C MET C 158 20.73 1.83 -26.38
N GLY C 159 19.76 2.47 -27.05
CA GLY C 159 19.57 3.90 -26.89
C GLY C 159 20.23 4.81 -27.90
N GLY C 160 20.73 4.28 -29.02
CA GLY C 160 21.20 5.10 -30.11
C GLY C 160 20.18 5.16 -31.23
N VAL C 161 20.16 6.29 -31.93
CA VAL C 161 19.33 6.49 -33.11
C VAL C 161 20.27 6.53 -34.32
N ILE C 162 20.23 5.48 -35.14
CA ILE C 162 21.13 5.38 -36.29
C ILE C 162 20.41 5.93 -37.52
N ILE C 163 21.01 6.94 -38.15
CA ILE C 163 20.50 7.53 -39.39
C ILE C 163 21.47 7.17 -40.51
N TRP C 164 21.03 6.37 -41.47
CA TRP C 164 21.94 6.00 -42.54
C TRP C 164 21.26 6.11 -43.90
N ASP C 165 22.09 6.30 -44.94
CA ASP C 165 21.60 6.48 -46.31
C ASP C 165 21.43 5.11 -46.96
N LEU C 166 20.23 4.87 -47.47
CA LEU C 166 19.83 3.53 -47.90
C LEU C 166 20.71 3.01 -49.02
N PHE C 167 20.86 3.77 -50.09
CA PHE C 167 21.42 3.18 -51.30
C PHE C 167 22.95 3.15 -51.26
N SER C 168 23.58 4.12 -50.59
CA SER C 168 25.01 4.02 -50.43
C SER C 168 25.45 3.16 -49.25
N GLU C 169 24.51 2.68 -48.42
CA GLU C 169 24.84 1.92 -47.21
C GLU C 169 25.90 2.65 -46.37
N THR C 170 25.65 3.92 -46.10
CA THR C 170 26.59 4.79 -45.44
C THR C 170 25.96 5.39 -44.19
N LYS C 171 26.65 5.27 -43.06
CA LYS C 171 26.18 5.88 -41.82
C LYS C 171 26.27 7.40 -41.90
N ILE C 172 25.17 8.08 -41.60
CA ILE C 172 25.12 9.53 -41.57
C ILE C 172 25.31 10.06 -40.14
N HIS C 173 24.61 9.47 -39.17
CA HIS C 173 24.69 9.92 -37.78
C HIS C 173 24.53 8.73 -36.85
N ASN C 174 25.14 8.84 -35.68
CA ASN C 174 24.80 8.00 -34.54
C ASN C 174 24.43 8.97 -33.43
N LEU C 175 23.14 9.26 -33.29
CA LEU C 175 22.64 10.22 -32.30
C LEU C 175 22.60 9.52 -30.95
N LEU C 176 23.46 9.94 -30.03
CA LEU C 176 23.51 9.42 -28.67
C LEU C 176 23.09 10.50 -27.67
N GLY C 177 22.47 10.08 -26.56
CA GLY C 177 21.96 11.03 -25.58
C GLY C 177 20.80 10.51 -24.75
N HIS C 178 19.91 9.75 -25.37
CA HIS C 178 18.83 9.06 -24.67
C HIS C 178 19.40 8.10 -23.63
N GLU C 179 18.58 7.78 -22.62
CA GLU C 179 19.03 6.85 -21.60
C GLU C 179 18.46 5.45 -21.71
N GLY C 180 17.33 5.26 -22.37
CA GLY C 180 16.84 3.91 -22.53
C GLY C 180 16.74 3.48 -23.97
N SER C 181 15.95 2.43 -24.21
CA SER C 181 15.67 1.99 -25.56
C SER C 181 14.88 3.04 -26.34
N ILE C 182 15.05 3.04 -27.66
CA ILE C 182 14.38 4.01 -28.51
C ILE C 182 13.06 3.42 -28.97
N PHE C 183 11.95 4.04 -28.59
CA PHE C 183 10.69 3.47 -28.98
C PHE C 183 10.02 4.20 -30.13
N TYR C 184 10.46 5.39 -30.51
CA TYR C 184 10.03 5.84 -31.82
C TYR C 184 11.00 6.89 -32.34
N VAL C 185 11.16 6.89 -33.66
CA VAL C 185 11.98 7.86 -34.36
C VAL C 185 11.16 8.41 -35.51
N ASN C 186 11.25 9.71 -35.75
CA ASN C 186 10.59 10.26 -36.92
C ASN C 186 11.38 11.43 -37.47
N LEU C 187 11.08 11.79 -38.72
CA LEU C 187 11.76 12.89 -39.42
C LEU C 187 10.75 13.93 -39.85
N SER C 188 11.10 15.20 -39.73
CA SER C 188 10.28 16.24 -40.31
C SER C 188 10.29 16.15 -41.84
N ASN C 189 9.19 16.57 -42.45
CA ASN C 189 9.07 16.49 -43.91
C ASN C 189 10.12 17.36 -44.63
N ASN C 190 10.48 18.52 -44.07
CA ASN C 190 11.42 19.42 -44.74
C ASN C 190 12.87 19.03 -44.56
N GLY C 191 13.16 17.86 -44.00
CA GLY C 191 14.53 17.42 -43.82
C GLY C 191 15.34 18.12 -42.76
N ARG C 192 14.73 18.97 -41.92
CA ARG C 192 15.57 19.67 -40.94
C ARG C 192 15.85 18.82 -39.70
N TYR C 193 14.87 18.02 -39.22
CA TYR C 193 14.90 17.51 -37.85
C TYR C 193 14.64 16.02 -37.75
N VAL C 194 15.23 15.43 -36.71
CA VAL C 194 14.86 14.13 -36.18
C VAL C 194 14.21 14.32 -34.81
N ALA C 195 13.18 13.51 -34.53
CA ALA C 195 12.61 13.41 -33.20
C ALA C 195 12.64 11.95 -32.77
N SER C 196 13.11 11.70 -31.56
CA SER C 196 13.16 10.38 -30.98
C SER C 196 12.60 10.42 -29.57
N CYS C 197 12.12 9.27 -29.11
CA CYS C 197 11.57 9.15 -27.78
C CYS C 197 11.97 7.78 -27.23
N SER C 198 12.07 7.71 -25.90
CA SER C 198 12.55 6.53 -25.21
C SER C 198 11.65 6.20 -24.02
N ASP C 199 11.99 5.11 -23.34
CA ASP C 199 11.37 4.87 -22.04
C ASP C 199 12.08 5.63 -20.92
N ASP C 200 13.08 6.46 -21.26
CA ASP C 200 13.55 7.45 -20.30
C ASP C 200 12.59 8.62 -20.17
N ARG C 201 11.48 8.60 -20.90
CA ARG C 201 10.37 9.53 -20.85
C ARG C 201 10.68 10.87 -21.55
N SER C 202 11.81 10.98 -22.21
CA SER C 202 12.16 12.20 -22.92
C SER C 202 11.88 12.09 -24.41
N ILE C 203 11.57 13.23 -25.02
CA ILE C 203 11.58 13.43 -26.47
C ILE C 203 12.80 14.27 -26.81
N ARG C 204 13.56 13.86 -27.81
CA ARG C 204 14.75 14.58 -28.19
C ARG C 204 14.65 15.08 -29.63
N LEU C 205 14.86 16.38 -29.82
CA LEU C 205 14.92 16.97 -31.14
C LEU C 205 16.38 17.07 -31.58
N TRP C 206 16.68 16.52 -32.76
CA TRP C 206 18.03 16.52 -33.30
C TRP C 206 18.07 17.26 -34.62
N ASP C 207 19.23 17.86 -34.90
CA ASP C 207 19.51 18.51 -36.18
C ASP C 207 19.94 17.44 -37.18
N LEU C 208 19.13 17.22 -38.22
CA LEU C 208 19.43 16.17 -39.18
C LEU C 208 20.69 16.46 -40.01
N GLU C 209 21.02 17.74 -40.26
CA GLU C 209 22.25 18.02 -41.00
C GLU C 209 23.50 17.90 -40.10
N THR C 210 23.50 18.52 -38.94
CA THR C 210 24.69 18.52 -38.09
C THR C 210 24.77 17.34 -37.12
N GLY C 211 23.67 16.59 -36.92
CA GLY C 211 23.65 15.50 -35.97
C GLY C 211 23.67 15.89 -34.49
N LYS C 212 23.42 17.16 -34.17
CA LYS C 212 23.47 17.62 -32.79
C LYS C 212 22.11 17.61 -32.13
N GLN C 213 22.11 17.35 -30.82
CA GLN C 213 20.90 17.47 -30.03
C GLN C 213 20.55 18.95 -29.81
N LEU C 214 19.32 19.32 -30.13
CA LEU C 214 18.88 20.70 -30.00
C LEU C 214 18.02 20.92 -28.78
N SER C 215 17.18 19.94 -28.41
CA SER C 215 16.19 20.16 -27.38
C SER C 215 15.79 18.83 -26.77
N VAL C 216 15.54 18.83 -25.47
CA VAL C 216 15.01 17.66 -24.77
C VAL C 216 13.73 18.08 -24.10
N GLY C 217 12.68 17.34 -24.36
CA GLY C 217 11.40 17.61 -23.77
C GLY C 217 11.00 16.54 -22.80
N TRP C 218 10.51 16.97 -21.66
CA TRP C 218 9.97 16.07 -20.68
C TRP C 218 8.59 16.56 -20.36
N SER C 219 7.55 15.83 -20.73
CA SER C 219 6.22 16.18 -20.32
C SER C 219 5.52 14.91 -19.93
N HIS C 220 5.63 13.90 -20.77
CA HIS C 220 4.99 12.64 -20.57
C HIS C 220 5.48 11.99 -19.28
N THR C 221 4.61 11.21 -18.67
CA THR C 221 4.86 10.63 -17.38
C THR C 221 5.07 9.15 -17.45
N ALA C 222 5.06 8.60 -18.63
CA ALA C 222 5.39 7.19 -18.81
C ALA C 222 6.05 7.01 -20.17
N ARG C 223 6.24 5.77 -20.59
CA ARG C 223 6.95 5.48 -21.83
C ARG C 223 6.20 6.07 -23.03
N ILE C 224 6.96 6.54 -24.02
CA ILE C 224 6.39 7.17 -25.22
C ILE C 224 6.50 6.23 -26.42
N TRP C 225 5.39 6.04 -27.13
CA TRP C 225 5.27 4.99 -28.14
C TRP C 225 5.27 5.48 -29.59
N ASN C 226 5.08 6.78 -29.83
CA ASN C 226 4.89 7.23 -31.19
C ASN C 226 4.98 8.76 -31.22
N LEU C 227 5.54 9.30 -32.30
CA LEU C 227 5.53 10.75 -32.49
C LEU C 227 5.73 11.05 -33.95
N MET C 228 5.43 12.30 -34.33
CA MET C 228 5.56 12.78 -35.70
C MET C 228 5.47 14.30 -35.73
N PHE C 229 6.02 14.87 -36.79
CA PHE C 229 5.91 16.30 -37.08
C PHE C 229 4.61 16.57 -37.84
N PHE C 230 4.09 17.79 -37.70
CA PHE C 230 2.89 18.19 -38.41
C PHE C 230 2.86 19.71 -38.50
N ASP C 231 1.88 20.21 -39.26
CA ASP C 231 1.73 21.65 -39.49
C ASP C 231 3.05 22.24 -40.04
N ASN C 232 3.42 21.75 -41.23
CA ASN C 232 4.71 22.05 -41.88
C ASN C 232 5.87 22.08 -40.89
N ASP C 233 6.00 21.00 -40.13
CA ASP C 233 7.16 20.76 -39.30
C ASP C 233 7.34 21.85 -38.24
N SER C 234 6.28 22.57 -37.88
CA SER C 234 6.39 23.56 -36.82
C SER C 234 5.95 23.00 -35.47
N LYS C 235 5.34 21.81 -35.48
CA LYS C 235 4.82 21.20 -34.26
C LYS C 235 5.14 19.72 -34.23
N LEU C 236 5.11 19.17 -33.03
CA LEU C 236 5.32 17.75 -32.83
C LEU C 236 4.19 17.20 -31.97
N ILE C 237 3.74 16.00 -32.29
CA ILE C 237 2.68 15.33 -31.55
C ILE C 237 3.20 13.98 -31.12
N SER C 238 3.02 13.67 -29.83
CA SER C 238 3.51 12.42 -29.25
C SER C 238 2.38 11.76 -28.47
N VAL C 239 2.56 10.48 -28.22
CA VAL C 239 1.47 9.62 -27.78
C VAL C 239 2.09 8.53 -26.91
N SER C 240 1.50 8.27 -25.74
CA SER C 240 2.23 7.62 -24.66
C SER C 240 1.43 6.57 -23.90
N GLU C 241 2.18 5.75 -23.16
CA GLU C 241 1.66 4.86 -22.12
C GLU C 241 0.92 5.63 -21.03
N ASP C 242 1.22 6.90 -20.84
CA ASP C 242 0.49 7.67 -19.85
C ASP C 242 -0.96 8.02 -20.32
N CYS C 243 -1.43 7.49 -21.44
CA CYS C 243 -2.76 7.71 -21.99
C CYS C 243 -2.99 9.14 -22.45
N THR C 244 -1.94 9.93 -22.57
CA THR C 244 -2.09 11.28 -23.10
C THR C 244 -1.48 11.36 -24.49
N CYS C 245 -2.04 12.28 -25.26
CA CYS C 245 -1.51 12.79 -26.51
C CYS C 245 -1.06 14.23 -26.25
N ARG C 246 0.21 14.53 -26.56
CA ARG C 246 0.79 15.83 -26.26
C ARG C 246 1.31 16.50 -27.53
N VAL C 247 0.95 17.78 -27.68
CA VAL C 247 1.35 18.61 -28.81
C VAL C 247 2.43 19.57 -28.33
N TRP C 248 3.47 19.71 -29.14
CA TRP C 248 4.64 20.51 -28.84
C TRP C 248 4.86 21.52 -29.97
N ASN C 249 5.35 22.70 -29.60
CA ASN C 249 5.75 23.68 -30.57
C ASN C 249 7.23 23.51 -30.84
N ILE C 250 7.62 23.56 -32.10
CA ILE C 250 9.03 23.70 -32.45
C ILE C 250 9.28 25.17 -32.68
N ILE C 251 10.03 25.80 -31.77
CA ILE C 251 10.28 27.23 -31.80
C ILE C 251 11.69 27.44 -32.33
N GLU C 252 11.78 28.08 -33.49
CA GLU C 252 13.06 28.27 -34.18
C GLU C 252 13.60 29.65 -33.88
N SER C 253 14.89 29.72 -33.57
CA SER C 253 15.55 31.00 -33.34
C SER C 253 16.97 30.98 -33.93
N ARG C 254 17.53 32.19 -34.14
CA ARG C 254 18.95 32.37 -34.41
C ARG C 254 19.83 31.67 -33.37
N GLU C 255 19.73 32.11 -32.11
CA GLU C 255 20.70 31.81 -31.05
C GLU C 255 20.76 30.32 -30.68
N ASN C 256 19.64 29.62 -30.72
CA ASN C 256 19.59 28.16 -30.59
C ASN C 256 18.72 27.65 -31.73
N VAL C 257 19.12 26.54 -32.36
CA VAL C 257 18.53 26.23 -33.67
C VAL C 257 17.03 26.06 -33.57
N ALA C 258 16.57 25.25 -32.62
CA ALA C 258 15.15 25.03 -32.42
C ALA C 258 14.99 24.38 -31.05
N GLU C 259 13.83 24.56 -30.45
CA GLU C 259 13.56 23.97 -29.17
C GLU C 259 12.12 23.53 -29.09
N LEU C 260 11.90 22.40 -28.41
CA LEU C 260 10.58 21.88 -28.13
C LEU C 260 9.97 22.60 -26.93
N SER C 261 8.71 22.98 -27.05
CA SER C 261 8.00 23.67 -25.98
C SER C 261 6.62 23.03 -25.85
N ILE C 262 6.29 22.51 -24.66
CA ILE C 262 5.01 21.84 -24.49
C ILE C 262 3.88 22.83 -24.71
N SER C 263 2.85 22.38 -25.44
CA SER C 263 1.75 23.25 -25.86
C SER C 263 0.39 22.79 -25.36
N ASN C 264 0.07 21.50 -25.49
CA ASN C 264 -1.25 20.98 -25.13
C ASN C 264 -1.11 19.53 -24.67
N VAL C 265 -1.95 19.16 -23.72
CA VAL C 265 -1.99 17.81 -23.18
C VAL C 265 -3.43 17.32 -23.28
N TYR C 266 -3.65 16.16 -23.88
CA TYR C 266 -4.99 15.60 -24.02
C TYR C 266 -4.98 14.18 -23.46
N GLU C 267 -5.86 13.93 -22.50
CA GLU C 267 -6.06 12.59 -21.98
C GLU C 267 -7.21 11.96 -22.75
N VAL C 268 -6.93 10.90 -23.51
CA VAL C 268 -7.86 10.47 -24.56
C VAL C 268 -8.07 8.96 -24.61
N HIS C 269 -7.29 8.19 -23.86
CA HIS C 269 -7.50 6.75 -23.85
C HIS C 269 -7.54 6.20 -22.43
N LEU C 270 -8.07 4.98 -22.33
CA LEU C 270 -8.20 4.28 -21.06
C LEU C 270 -6.89 3.58 -20.71
N ILE C 271 -6.70 3.29 -19.43
CA ILE C 271 -5.47 2.63 -18.96
C ILE C 271 -5.35 1.25 -19.67
N LYS C 272 -4.24 1.02 -20.41
CA LYS C 272 -3.25 2.07 -20.57
C LYS C 272 -2.78 2.52 -22.00
N SER C 273 -1.90 1.86 -22.74
CA SER C 273 -1.12 2.68 -23.70
C SER C 273 -1.91 3.22 -24.92
N ILE C 274 -1.36 4.30 -25.53
CA ILE C 274 -1.76 4.78 -26.86
C ILE C 274 -0.67 4.46 -27.89
N TRP C 275 -1.06 3.81 -28.99
CA TRP C 275 -0.09 3.31 -29.96
C TRP C 275 -0.03 4.11 -31.27
N GLY C 276 -1.14 4.57 -31.81
CA GLY C 276 -1.16 5.21 -33.12
C GLY C 276 -1.56 6.66 -33.03
N VAL C 277 -1.11 7.45 -34.00
CA VAL C 277 -1.47 8.86 -34.07
C VAL C 277 -1.28 9.33 -35.50
N ASP C 278 -2.12 10.27 -35.93
CA ASP C 278 -1.86 10.96 -37.18
C ASP C 278 -2.64 12.26 -37.16
N VAL C 279 -2.18 13.22 -37.97
CA VAL C 279 -2.73 14.56 -37.99
C VAL C 279 -3.12 14.93 -39.40
N LYS C 280 -4.29 15.54 -39.54
CA LYS C 280 -4.80 16.12 -40.79
C LYS C 280 -4.46 17.61 -40.76
N ASP C 281 -3.35 18.00 -41.42
CA ASP C 281 -2.88 19.39 -41.35
C ASP C 281 -3.97 20.38 -41.79
N ASP C 282 -4.75 20.01 -42.80
CA ASP C 282 -5.88 20.79 -43.26
C ASP C 282 -6.69 21.36 -42.11
N GLU C 283 -7.33 20.45 -41.37
CA GLU C 283 -8.32 20.80 -40.37
C GLU C 283 -7.73 20.92 -38.96
N MET C 284 -6.44 20.66 -38.79
CA MET C 284 -5.81 20.61 -37.46
C MET C 284 -6.56 19.64 -36.55
N ILE C 285 -6.79 18.43 -37.06
CA ILE C 285 -7.43 17.35 -36.33
C ILE C 285 -6.41 16.23 -36.13
N ALA C 286 -6.46 15.58 -34.99
CA ALA C 286 -5.65 14.40 -34.78
C ALA C 286 -6.54 13.20 -34.57
N VAL C 287 -6.00 12.02 -34.87
CA VAL C 287 -6.65 10.75 -34.61
C VAL C 287 -5.65 9.91 -33.81
N THR C 288 -6.14 9.26 -32.75
CA THR C 288 -5.29 8.37 -31.95
C THR C 288 -5.95 7.00 -31.85
N SER C 289 -5.12 5.95 -31.81
CA SER C 289 -5.61 4.58 -31.63
C SER C 289 -4.96 3.97 -30.38
N GLY C 290 -5.77 3.30 -29.56
CA GLY C 290 -5.35 2.91 -28.22
C GLY C 290 -5.35 1.41 -27.97
N ASN C 291 -4.68 1.02 -26.86
CA ASN C 291 -4.77 -0.35 -26.41
C ASN C 291 -6.20 -0.72 -26.10
N ASP C 292 -7.00 0.25 -25.68
CA ASP C 292 -8.41 0.07 -25.35
C ASP C 292 -9.31 -0.14 -26.57
N GLY C 293 -8.77 -0.14 -27.79
CA GLY C 293 -9.61 -0.31 -28.95
C GLY C 293 -10.39 0.91 -29.31
N ARG C 294 -10.11 2.04 -28.67
CA ARG C 294 -10.74 3.30 -28.97
C ARG C 294 -9.97 4.02 -30.07
N LEU C 295 -10.70 4.68 -30.97
CA LEU C 295 -10.13 5.60 -31.94
C LEU C 295 -10.66 7.00 -31.63
N LYS C 296 -9.76 7.92 -31.27
CA LYS C 296 -10.15 9.23 -30.79
C LYS C 296 -9.79 10.31 -31.80
N LEU C 297 -10.74 11.18 -32.09
CA LEU C 297 -10.50 12.36 -32.91
C LEU C 297 -10.32 13.57 -31.98
N ILE C 298 -9.25 14.33 -32.21
CA ILE C 298 -8.86 15.42 -31.31
C ILE C 298 -8.82 16.71 -32.10
N ASP C 299 -9.58 17.70 -31.65
CA ASP C 299 -9.51 19.07 -32.18
C ASP C 299 -8.25 19.73 -31.65
N LEU C 300 -7.24 19.90 -32.51
CA LEU C 300 -6.02 20.53 -32.02
C LEU C 300 -6.20 22.03 -31.80
N LEU C 301 -7.33 22.61 -32.21
CA LEU C 301 -7.65 24.03 -32.03
C LEU C 301 -8.90 24.23 -31.19
N GLN C 302 -9.10 23.37 -30.19
CA GLN C 302 -10.27 23.50 -29.32
C GLN C 302 -10.35 24.90 -28.71
N LEU C 303 -9.20 25.56 -28.50
CA LEU C 303 -9.20 26.88 -27.88
C LEU C 303 -9.00 28.03 -28.86
N LYS C 304 -8.94 27.77 -30.17
CA LYS C 304 -8.67 28.84 -31.13
C LYS C 304 -9.57 28.82 -32.33
N ARG C 305 -10.31 27.75 -32.57
CA ARG C 305 -10.90 27.53 -33.88
C ARG C 305 -11.84 28.67 -34.29
N HIS C 306 -12.71 29.10 -33.40
CA HIS C 306 -13.66 30.13 -33.75
C HIS C 306 -13.26 31.52 -33.29
N GLY C 307 -12.16 31.65 -32.55
CA GLY C 307 -11.62 32.95 -32.22
C GLY C 307 -12.20 33.62 -31.01
N ASP C 308 -13.24 33.05 -30.37
CA ASP C 308 -13.77 33.63 -29.14
C ASP C 308 -13.77 32.65 -27.97
N GLU C 309 -12.90 31.65 -28.00
CA GLU C 309 -12.95 30.58 -27.00
C GLU C 309 -12.51 31.05 -25.62
N GLU C 310 -11.51 31.95 -25.54
CA GLU C 310 -10.94 32.41 -24.26
C GLU C 310 -10.93 33.93 -24.19
N THR C 311 -11.49 34.48 -23.11
CA THR C 311 -11.55 35.92 -22.88
C THR C 311 -11.41 36.16 -21.39
N SER C 312 -10.70 37.22 -21.01
CA SER C 312 -10.64 37.53 -19.58
C SER C 312 -10.60 39.04 -19.37
N PHE C 313 -11.10 39.47 -18.22
CA PHE C 313 -11.13 40.88 -17.87
C PHE C 313 -10.72 41.02 -16.42
N SER C 314 -9.77 41.89 -16.16
CA SER C 314 -9.58 42.34 -14.79
C SER C 314 -10.58 43.43 -14.48
N LEU C 315 -10.68 43.79 -13.20
CA LEU C 315 -11.57 44.88 -12.84
C LEU C 315 -11.09 46.22 -13.41
N ASP C 316 -9.79 46.34 -13.71
CA ASP C 316 -9.30 47.54 -14.40
C ASP C 316 -9.74 47.57 -15.85
N ASP C 317 -9.64 46.45 -16.56
CA ASP C 317 -10.16 46.41 -17.92
C ASP C 317 -11.61 46.88 -17.94
N ILE C 318 -12.40 46.39 -16.99
CA ILE C 318 -13.82 46.75 -16.95
C ILE C 318 -13.98 48.23 -16.65
N ALA C 319 -13.26 48.73 -15.65
CA ALA C 319 -13.33 50.15 -15.31
C ALA C 319 -12.93 51.04 -16.47
N LYS C 320 -12.06 50.56 -17.36
CA LYS C 320 -11.70 51.37 -18.52
C LYS C 320 -12.88 51.61 -19.44
N GLN C 321 -13.91 50.77 -19.36
CA GLN C 321 -15.10 50.88 -20.19
C GLN C 321 -16.29 51.46 -19.44
N CYS C 322 -16.49 51.10 -18.17
CA CYS C 322 -17.56 51.66 -17.36
C CYS C 322 -17.18 52.98 -16.70
N GLY C 323 -15.89 53.31 -16.64
CA GLY C 323 -15.39 54.41 -15.86
C GLY C 323 -14.83 53.94 -14.54
N ASP C 324 -14.12 54.86 -13.89
CA ASP C 324 -13.47 54.57 -12.63
C ASP C 324 -14.57 54.68 -11.56
N ILE C 325 -15.31 53.58 -11.40
CA ILE C 325 -16.49 53.57 -10.54
C ILE C 325 -16.37 52.61 -9.37
N PHE C 326 -15.35 51.79 -9.29
CA PHE C 326 -15.30 50.78 -8.24
C PHE C 326 -14.57 51.30 -7.00
N GLU C 327 -15.12 50.98 -5.83
CA GLU C 327 -14.52 51.44 -4.59
C GLU C 327 -13.44 50.46 -4.16
N LYS C 328 -12.67 50.83 -3.15
CA LYS C 328 -11.60 49.98 -2.69
C LYS C 328 -12.19 48.66 -2.18
N ASN C 329 -11.57 47.55 -2.61
CA ASN C 329 -11.92 46.18 -2.23
C ASN C 329 -13.22 45.68 -2.86
N GLU C 330 -13.76 46.35 -3.88
CA GLU C 330 -14.99 45.90 -4.52
C GLU C 330 -14.67 44.93 -5.67
N SER C 331 -15.37 43.80 -5.70
CA SER C 331 -15.10 42.80 -6.73
C SER C 331 -16.40 42.15 -7.19
N ILE C 332 -16.29 41.42 -8.31
CA ILE C 332 -17.43 40.69 -8.85
C ILE C 332 -17.74 39.49 -7.97
N LYS C 333 -18.99 39.38 -7.52
CA LYS C 333 -19.39 38.31 -6.62
C LYS C 333 -20.45 37.38 -7.20
N GLY C 334 -20.94 37.65 -8.40
CA GLY C 334 -21.89 36.75 -9.03
C GLY C 334 -22.04 37.10 -10.48
N PHE C 335 -22.47 36.11 -11.27
CA PHE C 335 -22.62 36.34 -12.70
C PHE C 335 -23.51 35.28 -13.34
N GLN C 336 -24.20 35.68 -14.41
CA GLN C 336 -25.01 34.75 -15.18
C GLN C 336 -24.76 35.01 -16.66
N TRP C 337 -24.94 33.97 -17.46
CA TRP C 337 -24.86 34.10 -18.91
C TRP C 337 -26.27 34.10 -19.50
N PHE C 338 -26.53 35.08 -20.37
CA PHE C 338 -27.77 35.14 -21.10
C PHE C 338 -27.47 35.20 -22.59
N SER C 339 -28.51 35.36 -23.40
CA SER C 339 -28.32 35.40 -24.84
C SER C 339 -27.32 36.48 -25.25
N PHE C 340 -27.41 37.66 -24.62
CA PHE C 340 -26.57 38.79 -24.97
C PHE C 340 -25.20 38.76 -24.33
N GLY C 341 -25.02 37.95 -23.30
CA GLY C 341 -23.76 37.96 -22.59
C GLY C 341 -23.95 37.83 -21.09
N VAL C 342 -23.15 38.58 -20.34
CA VAL C 342 -23.04 38.37 -18.91
C VAL C 342 -23.81 39.45 -18.19
N ILE C 343 -24.52 39.06 -17.14
CA ILE C 343 -24.96 39.98 -16.11
C ILE C 343 -24.18 39.61 -14.86
N ALA C 344 -23.57 40.60 -14.22
CA ALA C 344 -22.75 40.39 -13.05
C ALA C 344 -23.14 41.40 -11.98
N ILE C 345 -22.76 41.10 -10.74
CA ILE C 345 -23.03 41.99 -9.63
C ILE C 345 -21.78 42.04 -8.77
N THR C 346 -21.49 43.22 -8.23
CA THR C 346 -20.33 43.44 -7.38
C THR C 346 -20.70 43.30 -5.91
N SER C 347 -19.65 43.21 -5.09
CA SER C 347 -19.80 43.12 -3.65
C SER C 347 -20.49 44.34 -3.05
N LEU C 348 -20.56 45.45 -3.78
CA LEU C 348 -21.29 46.62 -3.32
C LEU C 348 -22.62 46.82 -4.04
N GLY C 349 -23.11 45.80 -4.76
CA GLY C 349 -24.39 45.87 -5.41
C GLY C 349 -24.43 46.59 -6.75
N LYS C 350 -23.30 46.71 -7.44
CA LYS C 350 -23.29 47.23 -8.79
C LYS C 350 -23.61 46.10 -9.76
N ILE C 351 -24.59 46.33 -10.63
CA ILE C 351 -25.00 45.34 -11.61
C ILE C 351 -24.45 45.74 -12.97
N LEU C 352 -23.62 44.87 -13.54
CA LEU C 352 -22.86 45.15 -14.74
C LEU C 352 -23.29 44.21 -15.87
N LYS C 353 -23.15 44.69 -17.10
CA LYS C 353 -23.53 43.90 -18.27
C LYS C 353 -22.36 43.86 -19.23
N TYR C 354 -21.98 42.65 -19.64
CA TYR C 354 -20.99 42.45 -20.68
C TYR C 354 -21.70 41.93 -21.92
N SER C 355 -21.50 42.61 -23.05
CA SER C 355 -22.16 42.25 -24.30
C SER C 355 -21.25 41.32 -25.10
N ASP C 356 -21.73 40.12 -25.39
CA ASP C 356 -20.96 39.21 -26.23
C ASP C 356 -20.68 39.78 -27.63
N VAL C 357 -21.61 40.60 -28.15
CA VAL C 357 -21.45 41.13 -29.51
C VAL C 357 -20.43 42.27 -29.54
N THR C 358 -20.63 43.31 -28.71
CA THR C 358 -19.76 44.48 -28.77
C THR C 358 -18.48 44.35 -27.93
N LYS C 359 -18.36 43.35 -27.07
CA LYS C 359 -17.22 43.19 -26.16
C LYS C 359 -17.13 44.31 -25.11
N GLN C 360 -18.19 45.08 -24.89
CA GLN C 360 -18.17 46.20 -23.96
C GLN C 360 -18.90 45.88 -22.65
N TRP C 361 -18.36 46.43 -21.57
CA TRP C 361 -19.00 46.39 -20.26
C TRP C 361 -19.67 47.72 -19.99
N LYS C 362 -20.76 47.69 -19.22
CA LYS C 362 -21.38 48.94 -18.79
C LYS C 362 -22.13 48.74 -17.48
N LEU C 363 -22.13 49.77 -16.66
CA LEU C 363 -22.89 49.75 -15.42
C LEU C 363 -24.36 49.86 -15.76
N LEU C 364 -25.18 48.96 -15.22
CA LEU C 364 -26.62 48.96 -15.49
C LEU C 364 -27.42 49.68 -14.42
N LEU C 365 -27.07 49.49 -13.14
CA LEU C 365 -27.75 50.12 -12.01
C LEU C 365 -27.10 49.61 -10.72
N THR C 366 -27.41 50.29 -9.63
CA THR C 366 -26.84 49.96 -8.33
C THR C 366 -27.97 49.72 -7.35
N ASN C 367 -27.87 48.66 -6.56
CA ASN C 367 -28.87 48.39 -5.53
C ASN C 367 -28.12 48.03 -4.25
N GLU C 368 -28.01 49.00 -3.35
CA GLU C 368 -27.14 48.86 -2.19
C GLU C 368 -27.66 47.89 -1.15
N LYS C 369 -28.92 47.44 -1.27
CA LYS C 369 -29.37 46.30 -0.46
C LYS C 369 -28.44 45.09 -0.65
N PHE C 370 -27.89 44.92 -1.86
CA PHE C 370 -27.09 43.76 -2.21
C PHE C 370 -25.58 44.01 -2.14
N ASN C 371 -25.16 44.95 -1.31
CA ASN C 371 -23.78 45.04 -0.86
C ASN C 371 -23.54 44.17 0.38
N SER C 372 -24.49 43.30 0.68
CA SER C 372 -24.42 42.44 1.86
C SER C 372 -24.40 40.99 1.38
N TYR C 373 -23.27 40.57 0.82
CA TYR C 373 -23.03 39.20 0.39
C TYR C 373 -24.06 38.74 -0.63
N PRO C 374 -24.08 39.36 -1.81
CA PRO C 374 -25.07 38.96 -2.82
C PRO C 374 -24.79 37.58 -3.37
N ILE C 375 -25.89 36.87 -3.66
CA ILE C 375 -25.90 35.57 -4.32
C ILE C 375 -26.62 35.77 -5.65
N THR C 376 -26.17 35.06 -6.69
CA THR C 376 -26.72 35.21 -8.02
C THR C 376 -27.34 33.91 -8.49
N ASN C 377 -28.51 34.01 -9.11
CA ASN C 377 -29.15 32.86 -9.72
C ASN C 377 -29.77 33.35 -11.03
N GLY C 378 -30.32 32.42 -11.80
CA GLY C 378 -30.92 32.83 -13.06
C GLY C 378 -31.71 31.73 -13.74
N ILE C 379 -32.57 32.18 -14.65
CA ILE C 379 -33.23 31.31 -15.62
C ILE C 379 -32.69 31.76 -16.98
N GLN C 380 -31.59 31.14 -17.41
CA GLN C 380 -30.85 31.61 -18.57
C GLN C 380 -31.71 31.62 -19.82
N THR C 381 -32.50 30.57 -20.01
CA THR C 381 -33.39 30.48 -21.17
C THR C 381 -34.30 31.71 -21.28
N GLN C 382 -34.66 32.33 -20.16
CA GLN C 382 -35.61 33.44 -20.20
C GLN C 382 -35.03 34.76 -19.72
N ASN C 383 -33.70 34.87 -19.64
CA ASN C 383 -33.04 36.16 -19.43
C ASN C 383 -33.53 36.81 -18.14
N ILE C 384 -33.60 36.02 -17.07
CA ILE C 384 -34.05 36.49 -15.78
C ILE C 384 -32.92 36.30 -14.78
N ALA C 385 -32.48 37.39 -14.16
CA ALA C 385 -31.47 37.35 -13.13
C ALA C 385 -32.14 37.40 -11.76
N VAL C 386 -31.61 36.64 -10.82
CA VAL C 386 -32.16 36.54 -9.48
C VAL C 386 -31.04 36.92 -8.51
N PHE C 387 -31.24 38.01 -7.77
CA PHE C 387 -30.27 38.46 -6.78
C PHE C 387 -30.90 38.33 -5.40
N SER C 388 -30.14 37.76 -4.47
CA SER C 388 -30.56 37.62 -3.09
C SER C 388 -29.41 38.05 -2.20
N ASN C 389 -29.69 38.23 -0.91
CA ASN C 389 -28.66 38.61 0.04
C ASN C 389 -28.91 37.88 1.34
N ASN C 390 -28.17 38.25 2.37
CA ASN C 390 -28.30 37.62 3.67
C ASN C 390 -29.33 38.30 4.56
N LYS C 391 -30.04 39.30 4.04
CA LYS C 391 -31.07 40.06 4.75
C LYS C 391 -32.48 39.82 4.18
N SER C 392 -32.72 38.64 3.60
CA SER C 392 -34.04 38.24 3.12
C SER C 392 -34.57 39.16 2.02
N ASP C 393 -33.70 39.73 1.21
CA ASP C 393 -34.13 40.54 0.08
C ASP C 393 -33.89 39.83 -1.24
N ILE C 394 -34.81 40.01 -2.19
CA ILE C 394 -34.77 39.43 -3.52
C ILE C 394 -34.92 40.56 -4.54
N LEU C 395 -34.18 40.49 -5.64
CA LEU C 395 -34.34 41.38 -6.79
C LEU C 395 -34.36 40.53 -8.05
N LEU C 396 -35.42 40.66 -8.85
CA LEU C 396 -35.56 39.94 -10.11
C LEU C 396 -35.51 40.93 -11.25
N ILE C 397 -34.77 40.60 -12.30
CA ILE C 397 -34.69 41.46 -13.49
C ILE C 397 -34.83 40.59 -14.71
N LYS C 398 -35.65 41.05 -15.66
CA LYS C 398 -35.78 40.39 -16.95
C LYS C 398 -35.21 41.31 -18.03
N PHE C 399 -34.50 40.70 -18.99
CA PHE C 399 -33.78 41.41 -20.05
C PHE C 399 -34.30 40.98 -21.42
N SER C 400 -34.34 41.93 -22.36
CA SER C 400 -34.70 41.65 -23.75
C SER C 400 -33.61 40.85 -24.48
N LYS C 401 -34.04 40.01 -25.43
CA LYS C 401 -33.18 39.00 -26.04
C LYS C 401 -31.86 39.57 -26.58
N ASP C 402 -31.93 40.41 -27.61
CA ASP C 402 -30.72 41.02 -28.19
C ASP C 402 -30.39 42.34 -27.51
N SER C 403 -31.44 43.10 -27.20
CA SER C 403 -31.30 44.48 -26.74
C SER C 403 -30.62 44.54 -25.36
N ALA C 404 -30.98 43.63 -24.46
CA ALA C 404 -30.55 43.55 -23.05
C ALA C 404 -31.14 44.66 -22.18
N ASP C 405 -32.18 45.35 -22.67
CA ASP C 405 -32.88 46.34 -21.87
C ASP C 405 -33.61 45.65 -20.73
N ILE C 406 -33.73 46.36 -19.62
CA ILE C 406 -34.55 45.89 -18.50
C ILE C 406 -36.01 46.09 -18.86
N ILE C 407 -36.76 45.00 -18.98
CA ILE C 407 -38.16 45.07 -19.36
C ILE C 407 -39.09 44.72 -18.23
N GLU C 408 -38.60 44.09 -17.16
CA GLU C 408 -39.39 43.81 -15.97
C GLU C 408 -38.47 43.83 -14.77
N THR C 409 -39.00 44.30 -13.65
CA THR C 409 -38.21 44.28 -12.42
C THR C 409 -39.16 44.15 -11.25
N GLU C 410 -38.75 43.37 -10.26
CA GLU C 410 -39.53 43.16 -9.05
C GLU C 410 -38.58 42.94 -7.87
N GLU C 411 -39.02 43.35 -6.70
CA GLU C 411 -38.21 43.34 -5.51
C GLU C 411 -39.10 43.02 -4.32
N PHE C 412 -38.62 42.20 -3.41
CA PHE C 412 -39.40 41.96 -2.21
C PHE C 412 -38.50 41.46 -1.10
N HIS C 413 -39.07 41.45 0.10
CA HIS C 413 -38.39 41.08 1.33
C HIS C 413 -39.24 40.05 2.04
N LEU C 414 -38.63 38.98 2.54
CA LEU C 414 -39.37 37.87 3.14
C LEU C 414 -39.30 38.01 4.66
N ASP C 415 -40.39 38.49 5.25
CA ASP C 415 -40.43 38.68 6.70
C ASP C 415 -40.30 37.36 7.46
N GLU C 416 -40.69 36.22 6.86
CA GLU C 416 -40.58 34.94 7.53
C GLU C 416 -39.14 34.56 7.85
N LEU C 417 -38.18 35.17 7.16
CA LEU C 417 -36.78 34.80 7.25
C LEU C 417 -36.00 35.93 7.91
N SER C 418 -35.23 35.59 8.94
CA SER C 418 -34.43 36.61 9.62
C SER C 418 -33.13 36.85 8.87
N LYS C 419 -32.33 35.81 8.70
CA LYS C 419 -31.09 35.86 7.94
C LYS C 419 -31.20 34.81 6.85
N THR C 420 -30.66 35.08 5.67
CA THR C 420 -30.82 34.15 4.57
C THR C 420 -29.44 33.72 4.07
N ASN C 421 -29.26 32.42 3.85
CA ASN C 421 -27.96 31.91 3.47
C ASN C 421 -27.97 31.04 2.22
N ASN C 422 -29.13 30.80 1.60
CA ASN C 422 -29.13 30.02 0.37
C ASN C 422 -30.39 30.23 -0.44
N CYS C 423 -30.20 30.47 -1.74
CA CYS C 423 -31.28 30.72 -2.69
C CYS C 423 -31.10 29.80 -3.91
N LEU C 424 -32.14 29.03 -4.22
CA LEU C 424 -32.12 28.14 -5.37
C LEU C 424 -33.26 28.49 -6.30
N VAL C 425 -33.07 28.21 -7.59
CA VAL C 425 -34.12 28.44 -8.59
C VAL C 425 -34.21 27.26 -9.54
N THR C 426 -35.39 27.04 -10.08
CA THR C 426 -35.57 25.97 -11.05
C THR C 426 -36.76 26.30 -11.94
N GLU C 427 -36.72 25.74 -13.14
CA GLU C 427 -37.87 25.91 -14.02
C GLU C 427 -39.04 25.12 -13.49
N TYR C 428 -40.25 25.63 -13.74
CA TYR C 428 -41.47 24.99 -13.28
C TYR C 428 -42.36 24.60 -14.46
N ASP C 429 -42.83 25.57 -15.24
CA ASP C 429 -43.63 25.27 -16.44
C ASP C 429 -43.55 26.45 -17.40
N ASP C 430 -44.43 26.45 -18.40
CA ASP C 430 -44.34 27.42 -19.48
C ASP C 430 -44.49 28.86 -19.01
N ASP C 431 -45.12 29.09 -17.85
CA ASP C 431 -45.42 30.44 -17.40
C ASP C 431 -44.76 30.85 -16.10
N SER C 432 -44.00 29.96 -15.44
CA SER C 432 -43.46 30.36 -14.16
C SER C 432 -42.23 29.53 -13.81
N PHE C 433 -41.47 30.02 -12.84
CA PHE C 433 -40.33 29.32 -12.26
C PHE C 433 -40.49 29.33 -10.75
N LEU C 434 -39.64 28.55 -10.08
CA LEU C 434 -39.64 28.46 -8.63
C LEU C 434 -38.36 29.05 -8.06
N LEU C 435 -38.48 29.57 -6.83
CA LEU C 435 -37.36 30.14 -6.09
C LEU C 435 -37.49 29.68 -4.66
N THR C 436 -36.43 29.09 -4.10
CA THR C 436 -36.47 28.73 -2.69
C THR C 436 -35.43 29.54 -1.93
N LEU C 437 -35.78 29.89 -0.69
CA LEU C 437 -34.95 30.71 0.18
C LEU C 437 -34.98 30.08 1.56
N GLN C 438 -33.83 30.02 2.21
CA GLN C 438 -33.70 29.32 3.49
C GLN C 438 -32.89 30.18 4.44
N SER C 439 -33.06 29.90 5.74
CA SER C 439 -32.37 30.58 6.83
C SER C 439 -31.72 29.52 7.70
N PRO C 440 -30.75 29.91 8.54
CA PRO C 440 -30.16 28.94 9.46
C PRO C 440 -30.91 28.77 10.78
N ASN C 441 -31.91 29.60 11.10
CA ASN C 441 -32.68 29.37 12.32
C ASN C 441 -33.51 28.10 12.16
N PRO C 442 -33.40 27.13 13.08
CA PRO C 442 -34.03 25.82 12.86
C PRO C 442 -35.54 25.84 12.79
N ARG C 443 -36.19 26.80 13.45
CA ARG C 443 -37.64 26.85 13.44
C ARG C 443 -38.23 27.85 12.45
N GLU C 444 -37.40 28.60 11.73
CA GLU C 444 -37.93 29.31 10.57
C GLU C 444 -38.28 28.34 9.44
N LYS C 445 -39.07 28.82 8.48
CA LYS C 445 -39.61 27.96 7.45
C LYS C 445 -38.67 27.90 6.23
N PHE C 446 -38.83 26.85 5.45
CA PHE C 446 -38.22 26.76 4.13
C PHE C 446 -39.23 27.34 3.13
N VAL C 447 -38.84 28.42 2.44
CA VAL C 447 -39.77 29.20 1.63
C VAL C 447 -39.57 28.90 0.15
N CYS C 448 -40.66 28.56 -0.53
CA CYS C 448 -40.66 28.31 -1.96
C CYS C 448 -41.65 29.27 -2.61
N LEU C 449 -41.19 30.06 -3.57
CA LEU C 449 -42.01 31.01 -4.29
C LEU C 449 -42.21 30.55 -5.73
N GLU C 450 -43.45 30.60 -6.21
CA GLU C 450 -43.76 30.43 -7.63
C GLU C 450 -43.90 31.79 -8.27
N ILE C 451 -43.09 32.08 -9.27
CA ILE C 451 -42.92 33.43 -9.79
C ILE C 451 -43.21 33.42 -11.28
N SER C 452 -43.86 34.46 -11.77
CA SER C 452 -44.21 34.55 -13.18
C SER C 452 -42.98 34.76 -14.05
N LEU C 453 -42.90 34.00 -15.14
CA LEU C 453 -41.89 34.29 -16.15
C LEU C 453 -42.22 35.54 -16.96
N GLN C 454 -43.46 36.02 -16.91
CA GLN C 454 -43.82 37.16 -17.76
C GLN C 454 -43.50 38.50 -17.09
N ASN C 455 -43.89 38.68 -15.84
CA ASN C 455 -43.71 39.95 -15.13
C ASN C 455 -43.03 39.81 -13.77
N LEU C 456 -42.49 38.62 -13.46
CA LEU C 456 -41.71 38.37 -12.25
C LEU C 456 -42.50 38.63 -10.97
N LYS C 457 -43.82 38.54 -11.04
CA LYS C 457 -44.59 38.69 -9.81
C LYS C 457 -44.81 37.32 -9.14
N ILE C 458 -45.06 37.38 -7.85
CA ILE C 458 -45.27 36.17 -7.06
C ILE C 458 -46.68 35.63 -7.30
N LYS C 459 -46.76 34.37 -7.74
CA LYS C 459 -47.99 33.64 -7.98
C LYS C 459 -48.45 32.90 -6.75
N SER C 460 -47.53 32.34 -5.97
CA SER C 460 -47.90 31.65 -4.74
C SER C 460 -46.65 31.47 -3.92
N LYS C 461 -46.82 31.50 -2.60
CA LYS C 461 -45.74 31.35 -1.64
C LYS C 461 -46.06 30.17 -0.72
N HIS C 462 -45.12 29.24 -0.58
CA HIS C 462 -45.29 28.05 0.25
C HIS C 462 -44.22 28.00 1.33
N CYS C 463 -44.63 27.70 2.56
CA CYS C 463 -43.72 27.68 3.70
C CYS C 463 -43.75 26.29 4.31
N PHE C 464 -42.60 25.62 4.31
CA PHE C 464 -42.46 24.25 4.79
C PHE C 464 -41.63 24.22 6.07
N ASN C 465 -41.91 23.23 6.91
CA ASN C 465 -41.06 22.96 8.06
C ASN C 465 -39.81 22.21 7.62
N LYS C 466 -38.66 22.56 8.23
CA LYS C 466 -37.42 21.90 7.86
C LYS C 466 -37.19 20.67 8.73
N PRO C 467 -36.86 19.51 8.15
CA PRO C 467 -36.42 18.36 8.97
C PRO C 467 -35.08 18.65 9.67
N GLU C 468 -34.68 17.77 10.61
CA GLU C 468 -33.62 18.16 11.54
C GLU C 468 -32.30 18.45 10.84
N ASN C 469 -31.77 17.52 10.07
CA ASN C 469 -30.44 17.72 9.50
C ASN C 469 -30.59 18.05 8.01
N PHE C 470 -30.88 19.33 7.74
CA PHE C 470 -31.29 19.77 6.42
C PHE C 470 -30.72 21.14 6.11
N SER C 471 -29.92 21.21 5.05
CA SER C 471 -29.47 22.48 4.47
C SER C 471 -29.56 22.32 2.96
N SER C 472 -30.42 23.10 2.31
CA SER C 472 -30.69 22.90 0.89
C SER C 472 -29.47 23.22 0.04
N SER C 473 -29.22 22.38 -0.96
CA SER C 473 -28.09 22.56 -1.86
C SER C 473 -28.46 22.53 -3.34
N CYS C 474 -29.59 21.96 -3.73
CA CYS C 474 -30.03 22.05 -5.11
C CYS C 474 -31.53 21.81 -5.18
N LEU C 475 -32.11 22.12 -6.33
CA LEU C 475 -33.55 22.09 -6.46
C LEU C 475 -33.96 21.68 -7.88
N THR C 476 -34.95 20.80 -7.95
CA THR C 476 -35.62 20.51 -9.20
C THR C 476 -37.10 20.41 -8.88
N SER C 477 -37.94 20.62 -9.88
CA SER C 477 -39.38 20.51 -9.71
C SER C 477 -39.88 19.38 -10.59
N PHE C 478 -40.89 18.66 -10.12
CA PHE C 478 -41.48 17.59 -10.90
C PHE C 478 -42.95 17.55 -10.55
N ARG C 479 -43.80 17.82 -11.54
CA ARG C 479 -45.24 17.94 -11.35
C ARG C 479 -45.54 18.88 -10.20
N ASN C 480 -46.15 18.40 -9.11
CA ASN C 480 -46.54 19.29 -8.03
C ASN C 480 -45.62 19.18 -6.82
N HIS C 481 -44.46 18.57 -7.00
CA HIS C 481 -43.50 18.43 -5.92
C HIS C 481 -42.19 19.12 -6.27
N ILE C 482 -41.46 19.50 -5.23
CA ILE C 482 -40.09 19.96 -5.36
C ILE C 482 -39.21 18.92 -4.69
N LEU C 483 -38.14 18.53 -5.38
CA LEU C 483 -37.08 17.70 -4.83
C LEU C 483 -35.93 18.62 -4.42
N VAL C 484 -35.60 18.61 -3.14
CA VAL C 484 -34.59 19.51 -2.61
C VAL C 484 -33.37 18.69 -2.20
N GLY C 485 -32.27 18.88 -2.92
CA GLY C 485 -31.01 18.31 -2.48
C GLY C 485 -30.54 19.00 -1.21
N SER C 486 -30.00 18.19 -0.30
CA SER C 486 -29.50 18.66 0.98
C SER C 486 -28.13 18.03 1.25
N ARG C 487 -27.51 18.49 2.33
CA ARG C 487 -26.29 17.91 2.84
C ARG C 487 -26.55 16.49 3.37
N PHE C 488 -25.44 15.82 3.68
CA PHE C 488 -25.47 14.47 4.24
C PHE C 488 -26.14 13.49 3.31
N SER C 489 -26.07 13.76 2.01
CA SER C 489 -26.68 12.92 0.97
C SER C 489 -28.19 12.82 1.12
N THR C 490 -28.80 13.81 1.76
CA THR C 490 -30.22 13.81 1.97
C THR C 490 -30.95 14.51 0.83
N LEU C 491 -32.13 14.01 0.53
CA LEU C 491 -33.02 14.57 -0.48
C LEU C 491 -34.41 14.69 0.12
N VAL C 492 -34.96 15.90 0.18
CA VAL C 492 -36.28 16.15 0.77
C VAL C 492 -37.26 16.53 -0.35
N ILE C 493 -38.39 15.82 -0.42
CA ILE C 493 -39.44 16.06 -1.41
C ILE C 493 -40.65 16.68 -0.71
N TYR C 494 -41.01 17.89 -1.12
CA TYR C 494 -42.17 18.59 -0.60
C TYR C 494 -43.29 18.67 -1.64
N ASN C 495 -44.50 18.87 -1.14
CA ASN C 495 -45.72 18.91 -1.94
C ASN C 495 -46.17 20.37 -2.01
N LEU C 496 -46.14 20.96 -3.21
CA LEU C 496 -46.51 22.38 -3.31
C LEU C 496 -47.98 22.59 -3.02
N LEU C 497 -48.78 21.53 -3.10
CA LEU C 497 -50.20 21.65 -2.87
C LEU C 497 -50.56 21.56 -1.39
N ASP C 498 -49.64 21.10 -0.54
CA ASP C 498 -50.00 20.88 0.86
C ASP C 498 -48.73 21.03 1.71
N GLU C 499 -48.49 22.25 2.16
CA GLU C 499 -47.33 22.54 2.99
C GLU C 499 -47.46 22.02 4.41
N SER C 500 -48.56 21.33 4.72
CA SER C 500 -48.65 20.66 6.01
C SER C 500 -48.36 19.16 5.91
N GLU C 501 -48.36 18.59 4.71
CA GLU C 501 -48.00 17.18 4.55
C GLU C 501 -46.55 16.98 4.97
N GLU C 502 -46.29 15.83 5.59
CA GLU C 502 -44.91 15.55 6.01
C GLU C 502 -44.08 15.23 4.77
N PRO C 503 -42.91 15.83 4.62
CA PRO C 503 -42.11 15.59 3.42
C PRO C 503 -41.68 14.14 3.31
N PHE C 504 -41.38 13.73 2.09
CA PHE C 504 -40.77 12.44 1.83
C PHE C 504 -39.25 12.61 1.89
N ILE C 505 -38.62 11.99 2.88
CA ILE C 505 -37.22 12.22 3.17
C ILE C 505 -36.43 10.98 2.78
N ILE C 506 -35.50 11.14 1.86
CA ILE C 506 -34.57 10.09 1.48
C ILE C 506 -33.24 10.45 2.12
N ARG C 507 -32.80 9.65 3.08
CA ARG C 507 -31.56 9.94 3.81
C ARG C 507 -30.41 9.12 3.24
N ARG C 508 -29.20 9.65 3.41
CA ARG C 508 -27.98 8.92 3.12
C ARG C 508 -28.06 8.12 1.82
N LEU C 509 -28.10 8.82 0.68
CA LEU C 509 -28.07 8.17 -0.62
C LEU C 509 -26.69 7.67 -1.02
N SER C 510 -25.65 8.21 -0.40
CA SER C 510 -24.27 7.94 -0.78
C SER C 510 -23.40 8.33 0.39
N PRO C 511 -22.12 7.95 0.39
CA PRO C 511 -21.24 8.35 1.50
C PRO C 511 -20.99 9.84 1.57
N GLY C 512 -21.33 10.60 0.53
CA GLY C 512 -20.95 11.99 0.44
C GLY C 512 -21.84 12.93 1.24
N ASP C 513 -21.57 14.22 1.06
CA ASP C 513 -22.19 15.26 1.83
C ASP C 513 -23.20 16.03 0.88
N THR C 514 -22.74 17.07 0.21
CA THR C 514 -23.66 17.96 -0.48
C THR C 514 -24.25 17.37 -1.77
N THR C 515 -25.58 17.38 -1.89
CA THR C 515 -26.25 17.03 -3.13
C THR C 515 -26.14 18.19 -4.13
N THR C 516 -25.55 17.93 -5.29
CA THR C 516 -25.20 18.99 -6.24
C THR C 516 -26.18 19.14 -7.38
N SER C 517 -26.92 18.09 -7.75
CA SER C 517 -27.89 18.23 -8.82
C SER C 517 -28.91 17.10 -8.70
N ILE C 518 -30.15 17.41 -9.06
CA ILE C 518 -31.22 16.42 -9.21
C ILE C 518 -31.82 16.66 -10.58
N GLU C 519 -31.79 15.65 -11.44
CA GLU C 519 -32.18 15.85 -12.82
C GLU C 519 -33.10 14.73 -13.26
N PHE C 520 -34.30 15.10 -13.71
CA PHE C 520 -35.24 14.12 -14.22
C PHE C 520 -34.70 13.47 -15.49
N VAL C 521 -34.87 12.15 -15.58
CA VAL C 521 -34.34 11.36 -16.69
C VAL C 521 -35.48 10.80 -17.55
N GLU C 522 -36.38 10.05 -16.92
CA GLU C 522 -37.41 9.36 -17.68
C GLU C 522 -38.46 8.87 -16.70
N ASP C 523 -39.64 8.55 -17.23
CA ASP C 523 -40.75 8.01 -16.45
C ASP C 523 -41.39 6.87 -17.24
N LYS C 524 -42.01 5.96 -16.51
CA LYS C 524 -42.75 4.87 -17.11
C LYS C 524 -43.76 4.38 -16.09
N ASP C 525 -45.01 4.17 -16.53
CA ASP C 525 -46.11 3.81 -15.65
C ASP C 525 -46.25 4.82 -14.51
N ASN C 526 -46.14 4.36 -13.26
CA ASN C 526 -46.26 5.25 -12.12
C ASN C 526 -44.91 5.57 -11.49
N SER C 527 -43.83 5.49 -12.26
CA SER C 527 -42.48 5.69 -11.75
C SER C 527 -41.76 6.75 -12.57
N ALA C 528 -40.99 7.59 -11.88
CA ALA C 528 -40.11 8.53 -12.54
C ALA C 528 -38.67 8.30 -12.06
N VAL C 529 -37.71 8.45 -12.96
CA VAL C 529 -36.29 8.19 -12.66
C VAL C 529 -35.56 9.52 -12.56
N PHE C 530 -34.77 9.71 -11.51
CA PHE C 530 -34.00 10.92 -11.36
C PHE C 530 -32.52 10.63 -11.19
N SER C 531 -31.70 11.43 -11.85
CA SER C 531 -30.26 11.42 -11.59
C SER C 531 -29.97 12.34 -10.43
N VAL C 532 -29.24 11.85 -9.45
CA VAL C 532 -28.86 12.62 -8.27
C VAL C 532 -27.35 12.54 -8.08
N THR C 533 -26.66 13.68 -8.21
CA THR C 533 -25.22 13.73 -8.04
C THR C 533 -24.86 14.31 -6.67
N ASN C 534 -23.67 13.94 -6.19
CA ASN C 534 -23.13 14.35 -4.91
C ASN C 534 -21.74 14.94 -5.11
N ARG C 535 -21.44 16.02 -4.39
CA ARG C 535 -20.20 16.76 -4.62
C ARG C 535 -18.98 15.86 -4.50
N ASP C 536 -19.02 14.90 -3.59
CA ASP C 536 -17.87 14.03 -3.33
C ASP C 536 -17.68 12.93 -4.38
N GLY C 537 -18.42 12.96 -5.47
CA GLY C 537 -18.18 12.09 -6.61
C GLY C 537 -19.24 11.05 -6.89
N TYR C 538 -20.13 10.78 -5.94
CA TYR C 538 -21.11 9.72 -6.12
C TYR C 538 -22.30 10.21 -6.91
N TYR C 539 -22.85 9.35 -7.73
CA TYR C 539 -24.13 9.64 -8.33
C TYR C 539 -25.04 8.43 -8.21
N VAL C 540 -26.31 8.72 -7.99
CA VAL C 540 -27.34 7.71 -7.77
C VAL C 540 -28.49 8.04 -8.70
N PHE C 541 -29.12 7.03 -9.24
CA PHE C 541 -30.39 7.15 -9.94
C PHE C 541 -31.46 6.56 -9.04
N ILE C 542 -32.46 7.36 -8.68
CA ILE C 542 -33.54 6.88 -7.84
C ILE C 542 -34.80 6.75 -8.68
N GLU C 543 -35.65 5.83 -8.27
CA GLU C 543 -36.95 5.62 -8.89
C GLU C 543 -38.03 6.03 -7.91
N LEU C 544 -38.82 7.03 -8.28
CA LEU C 544 -39.94 7.52 -7.49
C LEU C 544 -41.22 6.95 -8.07
N THR C 545 -42.01 6.29 -7.22
CA THR C 545 -43.27 5.68 -7.66
C THR C 545 -44.44 6.22 -6.84
N LYS C 546 -45.53 6.53 -7.52
CA LYS C 546 -46.83 6.86 -6.90
C LYS C 546 -47.70 5.61 -6.79
N ASN C 547 -47.98 5.18 -5.57
CA ASN C 547 -48.83 4.00 -5.35
C ASN C 547 -50.30 4.36 -5.13
N ARG C 555 -49.44 8.26 -2.10
CA ARG C 555 -48.24 7.91 -1.32
C ARG C 555 -47.05 7.57 -2.22
N LEU C 556 -45.84 7.95 -1.81
CA LEU C 556 -44.64 7.65 -2.57
C LEU C 556 -43.81 6.56 -1.92
N SER C 557 -43.04 5.88 -2.77
CA SER C 557 -41.94 5.02 -2.36
C SER C 557 -40.81 5.26 -3.34
N TYR C 558 -39.62 4.81 -2.96
CA TYR C 558 -38.47 4.99 -3.81
C TYR C 558 -37.60 3.75 -3.77
N LYS C 559 -36.85 3.55 -4.85
CA LYS C 559 -35.89 2.48 -5.00
C LYS C 559 -34.66 3.06 -5.67
N VAL C 560 -33.47 2.63 -5.24
CA VAL C 560 -32.26 3.06 -5.92
C VAL C 560 -32.05 2.16 -7.14
N LEU C 561 -31.99 2.76 -8.33
CA LEU C 561 -31.72 1.96 -9.51
C LEU C 561 -30.26 1.89 -9.89
N HIS C 562 -29.50 2.97 -9.70
CA HIS C 562 -28.11 3.02 -10.14
C HIS C 562 -27.27 3.75 -9.11
N SER C 563 -26.05 3.25 -8.89
CA SER C 563 -25.10 3.98 -8.07
C SER C 563 -23.70 3.79 -8.65
N ASN C 564 -22.89 4.83 -8.54
CA ASN C 564 -21.50 4.76 -8.99
C ASN C 564 -20.78 5.97 -8.42
N LYS C 565 -19.46 5.99 -8.61
CA LYS C 565 -18.61 7.07 -8.20
C LYS C 565 -17.76 7.50 -9.39
N MET C 566 -17.56 8.82 -9.54
CA MET C 566 -16.60 9.31 -10.53
C MET C 566 -15.20 8.84 -10.18
N MET C 567 -14.35 8.70 -11.19
CA MET C 567 -12.98 8.24 -10.93
C MET C 567 -12.26 9.20 -9.98
N LYS C 568 -12.46 10.50 -10.11
CA LYS C 568 -11.63 11.44 -9.38
C LYS C 568 -12.36 12.78 -9.32
N GLY C 569 -12.27 13.45 -8.17
CA GLY C 569 -12.64 14.85 -8.07
C GLY C 569 -14.10 15.08 -7.69
N PHE C 570 -14.44 16.37 -7.63
CA PHE C 570 -15.77 16.82 -7.25
C PHE C 570 -16.75 16.67 -8.41
N LEU C 571 -17.98 16.25 -8.09
CA LEU C 571 -19.04 16.11 -9.10
C LEU C 571 -20.09 17.18 -8.84
N GLU C 572 -20.16 18.17 -9.72
CA GLU C 572 -21.03 19.33 -9.51
C GLU C 572 -22.33 19.24 -10.28
N GLY C 573 -22.48 18.30 -11.19
CA GLY C 573 -23.72 18.15 -11.91
C GLY C 573 -23.56 17.11 -12.99
N ALA C 574 -24.71 16.69 -13.51
CA ALA C 574 -24.77 15.69 -14.59
C ALA C 574 -26.08 15.84 -15.34
N PHE C 575 -26.04 15.55 -16.63
CA PHE C 575 -27.22 15.65 -17.48
C PHE C 575 -27.04 14.67 -18.63
N PHE C 576 -28.11 14.42 -19.36
CA PHE C 576 -28.10 13.60 -20.55
C PHE C 576 -28.11 14.49 -21.79
N ASN C 577 -27.28 14.15 -22.77
CA ASN C 577 -27.26 14.89 -24.02
C ASN C 577 -28.27 14.32 -25.01
N SER C 578 -28.26 14.84 -26.24
CA SER C 578 -29.25 14.39 -27.19
C SER C 578 -29.06 12.94 -27.62
N LYS C 579 -27.86 12.37 -27.43
CA LYS C 579 -27.64 10.97 -27.78
C LYS C 579 -27.80 10.03 -26.59
N GLY C 580 -28.31 10.50 -25.45
CA GLY C 580 -28.57 9.60 -24.35
C GLY C 580 -27.35 9.25 -23.53
N GLU C 581 -26.30 10.04 -23.63
CA GLU C 581 -25.06 9.80 -22.91
C GLU C 581 -25.02 10.67 -21.66
N TYR C 582 -24.51 10.11 -20.56
CA TYR C 582 -24.45 10.79 -19.27
C TYR C 582 -23.23 11.72 -19.29
N ILE C 583 -23.49 13.01 -19.26
CA ILE C 583 -22.43 14.01 -19.26
C ILE C 583 -22.34 14.58 -17.85
N THR C 584 -21.12 14.74 -17.36
CA THR C 584 -20.87 15.17 -16.00
C THR C 584 -19.92 16.35 -16.02
N TYR C 585 -19.96 17.16 -14.96
CA TYR C 585 -18.98 18.22 -14.81
C TYR C 585 -18.66 18.40 -13.34
N GLY C 586 -17.47 18.94 -13.09
CA GLY C 586 -16.97 19.09 -11.73
C GLY C 586 -15.54 19.57 -11.79
N PHE C 587 -14.81 19.33 -10.69
CA PHE C 587 -13.43 19.77 -10.56
C PHE C 587 -12.53 18.66 -10.02
N LYS C 588 -11.29 18.63 -10.50
CA LYS C 588 -10.22 17.78 -9.98
C LYS C 588 -9.18 18.79 -9.54
N SER C 589 -9.14 19.07 -8.24
CA SER C 589 -8.30 20.13 -7.72
C SER C 589 -8.67 21.42 -8.43
N SER C 590 -7.69 21.95 -9.14
CA SER C 590 -7.76 23.23 -9.82
C SER C 590 -8.61 23.18 -11.07
N LEU C 591 -8.81 21.99 -11.64
CA LEU C 591 -9.15 21.80 -13.04
C LEU C 591 -10.64 21.51 -13.21
N PHE C 592 -11.34 22.34 -13.97
CA PHE C 592 -12.72 22.05 -14.32
C PHE C 592 -12.75 20.97 -15.39
N TYR C 593 -13.67 20.03 -15.28
CA TYR C 593 -13.80 19.00 -16.30
C TYR C 593 -15.25 18.93 -16.78
N LEU C 594 -15.40 18.56 -18.04
CA LEU C 594 -16.67 18.19 -18.63
C LEU C 594 -16.44 16.81 -19.24
N TYR C 595 -17.14 15.80 -18.75
CA TYR C 595 -16.73 14.42 -18.97
C TYR C 595 -17.91 13.58 -19.42
N ASN C 596 -17.70 12.79 -20.48
CA ASN C 596 -18.70 11.85 -20.98
C ASN C 596 -18.56 10.54 -20.19
N GLU C 597 -19.45 10.36 -19.21
CA GLU C 597 -19.37 9.23 -18.30
C GLU C 597 -19.89 7.92 -18.91
N THR C 598 -20.73 8.00 -19.95
CA THR C 598 -21.20 6.78 -20.61
C THR C 598 -20.04 6.08 -21.31
N ASN C 599 -19.22 6.83 -22.04
CA ASN C 599 -18.12 6.26 -22.81
C ASN C 599 -16.74 6.60 -22.27
N CYS C 600 -16.65 7.34 -21.16
CA CYS C 600 -15.39 7.53 -20.43
C CYS C 600 -14.33 8.30 -21.23
N TYR C 601 -14.66 9.53 -21.62
CA TYR C 601 -13.61 10.42 -22.12
C TYR C 601 -13.95 11.87 -21.78
N GLU C 602 -12.91 12.68 -21.70
CA GLU C 602 -13.07 14.09 -21.36
C GLU C 602 -13.49 14.89 -22.58
N LEU C 603 -14.46 15.79 -22.40
CA LEU C 603 -14.90 16.69 -23.46
C LEU C 603 -14.17 18.02 -23.44
N ALA C 604 -13.79 18.51 -22.26
CA ALA C 604 -13.06 19.76 -22.16
C ALA C 604 -12.56 19.89 -20.74
N SER C 605 -11.56 20.76 -20.56
CA SER C 605 -10.96 21.00 -19.26
C SER C 605 -10.45 22.43 -19.21
N GLU C 606 -10.28 22.95 -18.01
CA GLU C 606 -9.90 24.34 -17.84
C GLU C 606 -9.32 24.53 -16.44
N VAL C 607 -8.22 25.26 -16.34
CA VAL C 607 -7.60 25.54 -15.06
C VAL C 607 -8.30 26.76 -14.47
N CYS C 608 -9.00 26.57 -13.36
CA CYS C 608 -9.68 27.65 -12.65
C CYS C 608 -8.90 28.02 -11.39
N GLY C 609 -9.53 28.81 -10.53
CA GLY C 609 -8.83 29.36 -9.37
C GLY C 609 -8.76 28.47 -8.15
N GLY C 610 -8.06 27.33 -8.27
CA GLY C 610 -7.71 26.42 -7.17
C GLY C 610 -8.76 26.17 -6.10
N SER C 611 -9.01 27.19 -5.27
CA SER C 611 -10.20 27.23 -4.44
C SER C 611 -11.47 27.18 -5.30
N HIS C 612 -11.39 27.75 -6.50
CA HIS C 612 -12.52 27.96 -7.44
C HIS C 612 -13.76 28.41 -6.69
N ARG C 613 -13.62 29.53 -5.98
CA ARG C 613 -14.73 30.01 -5.19
C ARG C 613 -15.93 30.35 -6.07
N LEU C 614 -15.71 31.06 -7.18
CA LEU C 614 -16.82 31.58 -7.97
C LEU C 614 -16.74 31.10 -9.41
N TRP C 615 -17.75 30.38 -9.84
CA TRP C 615 -17.78 29.82 -11.18
C TRP C 615 -19.23 29.57 -11.56
N ASN C 616 -19.46 29.39 -12.85
CA ASN C 616 -20.81 29.09 -13.30
C ASN C 616 -20.71 28.54 -14.70
N LEU C 617 -21.60 27.62 -15.03
CA LEU C 617 -21.65 26.98 -16.32
C LEU C 617 -23.03 27.21 -16.92
N ALA C 618 -23.08 27.50 -18.22
CA ALA C 618 -24.35 27.70 -18.89
C ALA C 618 -24.34 27.03 -20.25
N LYS C 619 -25.51 26.53 -20.68
CA LYS C 619 -25.62 25.95 -22.01
C LYS C 619 -25.86 27.04 -23.03
N ILE C 620 -25.19 26.93 -24.18
CA ILE C 620 -25.39 27.82 -25.31
C ILE C 620 -25.54 26.95 -26.54
N THR C 621 -26.07 27.55 -27.62
CA THR C 621 -26.18 26.82 -28.87
C THR C 621 -24.77 26.51 -29.37
N ASP C 622 -24.51 25.22 -29.61
CA ASP C 622 -23.23 24.69 -30.02
C ASP C 622 -22.23 24.60 -28.87
N GLY C 623 -22.70 24.63 -27.62
CA GLY C 623 -21.80 24.34 -26.53
C GLY C 623 -22.18 24.83 -25.14
N HIS C 624 -21.16 25.28 -24.42
CA HIS C 624 -21.32 25.78 -23.08
C HIS C 624 -20.41 26.97 -22.95
N VAL C 625 -20.74 27.85 -22.00
CA VAL C 625 -19.84 28.89 -21.53
C VAL C 625 -19.53 28.60 -20.08
N LEU C 626 -18.25 28.58 -19.75
CA LEU C 626 -17.79 28.42 -18.38
C LEU C 626 -17.31 29.78 -17.92
N MET C 627 -17.87 30.29 -16.83
CA MET C 627 -17.47 31.56 -16.24
C MET C 627 -16.79 31.32 -14.90
N TYR C 628 -15.69 32.02 -14.65
CA TYR C 628 -15.03 31.85 -13.35
C TYR C 628 -14.10 33.03 -13.09
N ILE C 629 -13.79 33.21 -11.81
CA ILE C 629 -12.82 34.19 -11.33
C ILE C 629 -11.53 33.45 -11.02
N LYS C 630 -10.42 33.91 -11.60
CA LYS C 630 -9.10 33.35 -11.28
C LYS C 630 -8.10 34.51 -11.26
N ALA C 631 -7.35 34.61 -10.16
CA ALA C 631 -6.23 35.54 -10.03
C ALA C 631 -6.62 36.95 -10.45
N SER C 632 -7.69 37.45 -9.83
CA SER C 632 -8.22 38.80 -10.00
C SER C 632 -8.69 39.07 -11.42
N ARG C 633 -9.02 38.03 -12.17
CA ARG C 633 -9.61 38.17 -13.49
C ARG C 633 -10.96 37.46 -13.56
N PHE C 634 -11.89 38.04 -14.30
CA PHE C 634 -13.12 37.35 -14.69
C PHE C 634 -12.83 36.69 -16.03
N HIS C 635 -13.05 35.37 -16.09
CA HIS C 635 -12.75 34.56 -17.27
C HIS C 635 -14.02 34.02 -17.94
N LEU C 636 -14.05 34.08 -19.28
CA LEU C 636 -15.07 33.43 -20.10
C LEU C 636 -14.39 32.39 -20.98
N ARG C 637 -14.70 31.13 -20.77
CA ARG C 637 -14.23 30.04 -21.61
C ARG C 637 -15.42 29.46 -22.37
N LYS C 638 -15.39 29.51 -23.70
CA LYS C 638 -16.45 28.93 -24.51
C LYS C 638 -16.02 27.52 -24.95
N ILE C 639 -16.87 26.54 -24.66
CA ILE C 639 -16.56 25.15 -24.93
C ILE C 639 -17.48 24.73 -26.06
N TYR C 640 -16.96 24.74 -27.28
CA TYR C 640 -17.77 24.44 -28.45
C TYR C 640 -17.81 22.94 -28.66
N ASN C 641 -18.95 22.47 -29.16
CA ASN C 641 -19.04 21.08 -29.63
C ASN C 641 -17.98 20.82 -30.67
N SER C 642 -17.31 19.68 -30.53
CA SER C 642 -16.32 19.21 -31.48
C SER C 642 -16.77 19.40 -32.93
N ILE C 643 -15.83 19.91 -33.75
CA ILE C 643 -15.88 19.94 -35.21
C ILE C 643 -16.08 18.57 -35.84
N VAL C 644 -15.53 17.52 -35.25
CA VAL C 644 -15.67 16.18 -35.79
C VAL C 644 -16.21 15.35 -34.64
N PRO C 645 -16.67 14.13 -34.88
CA PRO C 645 -17.09 13.27 -33.76
C PRO C 645 -15.97 13.07 -32.75
N GLU C 646 -16.35 12.76 -31.53
CA GLU C 646 -15.36 12.59 -30.50
C GLU C 646 -14.53 11.34 -30.72
N THR C 647 -15.18 10.24 -31.12
CA THR C 647 -14.52 8.96 -31.35
C THR C 647 -15.05 8.37 -32.66
N LEU C 648 -14.24 7.48 -33.26
CA LEU C 648 -14.66 6.59 -34.33
C LEU C 648 -15.01 5.21 -33.81
N GLU C 649 -14.39 4.81 -32.70
CA GLU C 649 -14.80 3.68 -31.87
C GLU C 649 -14.66 4.12 -30.43
N ASN C 650 -15.64 3.78 -29.59
CA ASN C 650 -15.55 4.21 -28.20
C ASN C 650 -14.51 3.44 -27.41
N GLY C 651 -14.37 2.13 -27.68
CA GLY C 651 -13.40 1.28 -27.02
C GLY C 651 -13.96 0.52 -25.82
N VAL C 652 -13.14 -0.39 -25.31
CA VAL C 652 -13.46 -1.19 -24.13
C VAL C 652 -12.39 -0.98 -23.08
N HIS C 653 -12.14 -1.99 -22.24
CA HIS C 653 -11.03 -1.90 -21.30
C HIS C 653 -9.69 -1.85 -22.03
N GLY C 654 -8.74 -1.12 -21.46
CA GLY C 654 -7.40 -1.12 -21.99
C GLY C 654 -6.48 -2.06 -21.24
N ARG C 655 -7.01 -2.90 -20.35
CA ARG C 655 -6.25 -3.93 -19.65
C ARG C 655 -7.00 -5.24 -19.77
N GLU C 656 -6.41 -6.30 -19.21
CA GLU C 656 -6.94 -7.65 -19.28
C GLU C 656 -8.40 -7.69 -18.86
N ILE C 657 -9.19 -8.48 -19.57
CA ILE C 657 -10.59 -8.77 -19.23
C ILE C 657 -10.57 -10.12 -18.56
N ARG C 658 -10.72 -10.14 -17.23
CA ARG C 658 -10.59 -11.37 -16.49
C ARG C 658 -11.87 -12.18 -16.46
N ASP C 659 -13.01 -11.55 -16.68
CA ASP C 659 -14.22 -12.33 -16.71
C ASP C 659 -15.26 -11.58 -17.51
N ILE C 660 -16.25 -12.34 -17.99
CA ILE C 660 -17.34 -11.83 -18.81
C ILE C 660 -18.63 -12.52 -18.37
N SER C 661 -19.72 -11.75 -18.29
CA SER C 661 -20.99 -12.38 -17.97
C SER C 661 -22.12 -11.75 -18.78
N ILE C 662 -22.91 -12.60 -19.44
CA ILE C 662 -24.10 -12.15 -20.15
C ILE C 662 -25.31 -12.32 -19.22
N CYS C 663 -26.11 -11.27 -19.14
CA CYS C 663 -27.33 -11.29 -18.32
C CYS C 663 -28.32 -12.27 -18.92
N PRO C 664 -28.71 -13.31 -18.19
CA PRO C 664 -29.46 -14.40 -18.81
C PRO C 664 -30.88 -14.00 -19.21
N VAL C 665 -31.38 -14.69 -20.23
CA VAL C 665 -32.74 -14.51 -20.72
C VAL C 665 -33.78 -14.91 -19.66
N SER C 666 -34.92 -14.22 -19.68
CA SER C 666 -35.86 -14.19 -18.56
C SER C 666 -37.29 -14.32 -19.09
N ASN C 667 -38.18 -14.73 -18.20
CA ASN C 667 -39.62 -14.49 -18.38
C ASN C 667 -40.04 -13.11 -17.90
N THR C 668 -39.11 -12.38 -17.30
CA THR C 668 -39.37 -11.00 -16.93
C THR C 668 -39.48 -10.08 -18.15
N ASN C 669 -39.85 -8.86 -17.80
CA ASN C 669 -40.21 -7.78 -18.69
C ASN C 669 -39.00 -6.94 -19.09
N THR C 670 -37.99 -7.55 -19.70
CA THR C 670 -36.87 -6.76 -20.18
C THR C 670 -37.34 -5.88 -21.33
N ASN C 671 -36.91 -4.63 -21.32
CA ASN C 671 -37.38 -3.66 -22.30
C ASN C 671 -37.16 -4.13 -23.74
N ASP C 672 -38.05 -3.69 -24.62
CA ASP C 672 -38.03 -4.12 -26.00
C ASP C 672 -36.85 -3.56 -26.79
N ASN C 673 -36.21 -2.48 -26.33
CA ASN C 673 -35.08 -1.98 -27.12
C ASN C 673 -33.88 -2.90 -27.02
N PHE C 674 -33.85 -3.76 -26.02
CA PHE C 674 -32.77 -4.72 -25.86
C PHE C 674 -33.00 -6.02 -26.63
N LYS C 675 -34.09 -6.10 -27.41
CA LYS C 675 -34.54 -7.27 -28.18
C LYS C 675 -33.48 -7.98 -28.99
N ASP C 676 -32.72 -7.16 -29.71
CA ASP C 676 -31.83 -7.58 -30.78
C ASP C 676 -30.46 -7.94 -30.26
N GLY C 677 -30.31 -8.00 -28.94
CA GLY C 677 -29.01 -8.22 -28.36
C GLY C 677 -29.11 -8.71 -26.95
N HIS C 678 -28.03 -8.45 -26.21
CA HIS C 678 -27.93 -8.91 -24.82
C HIS C 678 -27.13 -7.90 -24.02
N ILE C 679 -27.54 -7.71 -22.79
CA ILE C 679 -26.78 -6.95 -21.81
C ILE C 679 -25.71 -7.86 -21.24
N PHE C 680 -24.50 -7.31 -21.05
CA PHE C 680 -23.41 -8.12 -20.52
C PHE C 680 -22.41 -7.21 -19.82
N CYS C 681 -21.56 -7.85 -19.01
CA CYS C 681 -20.53 -7.24 -18.19
C CYS C 681 -19.15 -7.75 -18.60
N THR C 682 -18.17 -6.87 -18.49
CA THR C 682 -16.76 -7.23 -18.54
C THR C 682 -16.10 -6.78 -17.25
N ALA C 683 -15.23 -7.62 -16.71
CA ALA C 683 -14.53 -7.31 -15.46
C ALA C 683 -13.03 -7.34 -15.73
N SER C 684 -12.35 -6.24 -15.42
CA SER C 684 -11.01 -6.02 -15.91
C SER C 684 -10.01 -5.85 -14.75
N GLU C 685 -8.73 -6.08 -15.05
CA GLU C 685 -7.70 -5.76 -14.08
C GLU C 685 -7.53 -4.25 -13.88
N ASP C 686 -8.22 -3.42 -14.69
CA ASP C 686 -8.21 -1.96 -14.46
C ASP C 686 -9.14 -1.54 -13.30
N THR C 687 -9.71 -2.53 -12.60
CA THR C 687 -10.54 -2.47 -11.39
C THR C 687 -11.97 -2.06 -11.69
N THR C 688 -12.38 -1.95 -12.96
CA THR C 688 -13.72 -1.51 -13.26
C THR C 688 -14.54 -2.65 -13.84
N ILE C 689 -15.86 -2.54 -13.68
CA ILE C 689 -16.82 -3.42 -14.33
C ILE C 689 -17.57 -2.55 -15.32
N LYS C 690 -17.56 -2.94 -16.59
CA LYS C 690 -18.24 -2.18 -17.63
C LYS C 690 -19.50 -2.92 -18.05
N LEU C 691 -20.62 -2.21 -18.02
CA LEU C 691 -21.93 -2.76 -18.34
C LEU C 691 -22.34 -2.22 -19.70
N GLY C 692 -22.58 -3.13 -20.63
CA GLY C 692 -22.93 -2.73 -21.98
C GLY C 692 -23.84 -3.70 -22.69
N TYR C 693 -23.84 -3.62 -24.01
CA TYR C 693 -24.75 -4.43 -24.80
C TYR C 693 -24.10 -4.74 -26.13
N PHE C 694 -24.43 -5.90 -26.68
CA PHE C 694 -24.02 -6.24 -28.04
C PHE C 694 -25.22 -6.68 -28.86
N ASN C 695 -25.22 -6.32 -30.14
CA ASN C 695 -26.24 -6.75 -31.08
C ASN C 695 -25.98 -8.20 -31.50
N ASN C 696 -27.00 -9.04 -31.46
CA ASN C 696 -26.72 -10.47 -31.67
C ASN C 696 -26.37 -10.80 -33.12
N ARG C 697 -26.80 -9.99 -34.08
CA ARG C 697 -26.46 -10.32 -35.46
C ARG C 697 -25.13 -9.71 -35.90
N THR C 698 -24.85 -8.47 -35.48
CA THR C 698 -23.66 -7.76 -35.95
C THR C 698 -22.49 -7.83 -34.97
N GLY C 699 -22.72 -8.22 -33.71
CA GLY C 699 -21.70 -8.19 -32.68
C GLY C 699 -21.23 -6.81 -32.27
N LYS C 700 -21.89 -5.76 -32.72
CA LYS C 700 -21.53 -4.39 -32.35
C LYS C 700 -21.80 -4.15 -30.87
N VAL C 701 -20.85 -3.52 -30.18
CA VAL C 701 -20.91 -3.35 -28.73
C VAL C 701 -21.21 -1.88 -28.40
N GLN C 702 -22.13 -1.66 -27.46
CA GLN C 702 -22.38 -0.33 -26.91
C GLN C 702 -22.13 -0.34 -25.40
N ASN C 703 -21.48 0.73 -24.92
CA ASN C 703 -21.21 0.91 -23.50
C ASN C 703 -22.36 1.61 -22.82
N PHE C 704 -22.61 1.26 -21.57
CA PHE C 704 -23.52 2.04 -20.75
C PHE C 704 -22.80 2.65 -19.56
N TRP C 705 -22.23 1.82 -18.69
CA TRP C 705 -21.70 2.29 -17.43
C TRP C 705 -20.36 1.64 -17.18
N THR C 706 -19.55 2.33 -16.37
CA THR C 706 -18.27 1.80 -15.87
C THR C 706 -18.35 1.88 -14.35
N GLN C 707 -18.62 0.74 -13.72
CA GLN C 707 -18.78 0.69 -12.26
C GLN C 707 -17.42 0.65 -11.57
N ARG C 708 -17.20 1.56 -10.62
CA ARG C 708 -15.88 1.78 -10.05
C ARG C 708 -15.74 1.42 -8.57
N LYS C 709 -16.63 0.63 -7.99
CA LYS C 709 -16.51 0.36 -6.56
C LYS C 709 -15.21 -0.36 -6.23
N HIS C 710 -14.83 -1.38 -7.02
CA HIS C 710 -13.68 -2.23 -6.68
C HIS C 710 -12.37 -1.45 -6.60
N VAL C 711 -11.57 -1.77 -5.59
CA VAL C 711 -10.28 -1.12 -5.36
C VAL C 711 -9.12 -1.80 -6.10
N SER C 712 -9.24 -3.07 -6.44
CA SER C 712 -8.17 -3.79 -7.11
C SER C 712 -8.77 -4.57 -8.28
N GLY C 713 -7.88 -5.27 -9.00
CA GLY C 713 -8.28 -5.87 -10.25
C GLY C 713 -9.31 -6.97 -10.07
N LEU C 714 -10.30 -6.99 -10.97
CA LEU C 714 -11.38 -7.96 -10.89
C LEU C 714 -10.88 -9.37 -11.17
N GLN C 715 -11.50 -10.34 -10.50
CA GLN C 715 -11.24 -11.76 -10.72
C GLN C 715 -12.42 -12.45 -11.39
N ARG C 716 -13.62 -12.20 -10.88
CA ARG C 716 -14.83 -12.82 -11.38
C ARG C 716 -15.95 -11.80 -11.45
N CYS C 717 -16.86 -12.00 -12.40
CA CYS C 717 -18.18 -11.38 -12.36
C CYS C 717 -19.16 -12.34 -13.03
N GLN C 718 -20.31 -12.53 -12.40
CA GLN C 718 -21.26 -13.48 -12.96
C GLN C 718 -22.67 -13.02 -12.62
N PHE C 719 -23.50 -12.96 -13.65
CA PHE C 719 -24.93 -12.83 -13.44
C PHE C 719 -25.46 -14.13 -12.88
N ILE C 720 -25.89 -14.11 -11.62
CA ILE C 720 -26.41 -15.32 -11.01
C ILE C 720 -27.88 -15.55 -11.35
N ASN C 721 -28.57 -14.53 -11.84
CA ASN C 721 -29.91 -14.71 -12.46
C ASN C 721 -30.18 -13.47 -13.30
N HIS C 722 -31.45 -13.23 -13.62
CA HIS C 722 -31.81 -12.17 -14.56
C HIS C 722 -31.59 -10.77 -14.00
N LYS C 723 -31.54 -10.61 -12.68
CA LYS C 723 -31.37 -9.28 -12.09
C LYS C 723 -30.29 -9.17 -11.02
N LEU C 724 -29.52 -10.21 -10.74
CA LEU C 724 -28.46 -10.17 -9.74
C LEU C 724 -27.12 -10.56 -10.32
N MET C 725 -26.06 -9.93 -9.82
CA MET C 725 -24.73 -10.17 -10.32
C MET C 725 -23.73 -10.05 -9.19
N ILE C 726 -22.75 -10.95 -9.15
CA ILE C 726 -21.73 -10.97 -8.10
C ILE C 726 -20.36 -10.79 -8.76
N SER C 727 -19.52 -9.95 -8.18
CA SER C 727 -18.16 -9.78 -8.62
C SER C 727 -17.16 -9.87 -7.46
N SER C 728 -15.92 -10.19 -7.75
CA SER C 728 -14.91 -10.24 -6.73
C SER C 728 -13.58 -9.79 -7.23
N SER C 729 -12.64 -9.49 -6.35
CA SER C 729 -11.42 -8.86 -6.79
C SER C 729 -10.13 -9.32 -6.11
N ALA C 730 -10.14 -9.25 -4.78
CA ALA C 730 -9.00 -9.39 -3.86
C ALA C 730 -9.48 -8.53 -2.77
N ARG C 731 -8.64 -8.24 -1.80
CA ARG C 731 -9.11 -7.49 -0.66
C ARG C 731 -10.49 -7.92 -0.22
N GLU C 732 -10.77 -9.19 -0.38
CA GLU C 732 -11.98 -9.73 0.12
C GLU C 732 -13.15 -8.98 -0.38
N GLU C 733 -13.01 -8.39 -1.53
CA GLU C 733 -14.09 -7.69 -2.15
C GLU C 733 -15.03 -8.65 -2.83
N LEU C 734 -16.27 -8.66 -2.41
CA LEU C 734 -17.31 -9.37 -3.11
C LEU C 734 -18.54 -8.54 -3.02
N PHE C 735 -19.12 -8.20 -4.15
CA PHE C 735 -20.26 -7.30 -4.20
C PHE C 735 -21.44 -7.98 -4.89
N LEU C 736 -22.59 -7.91 -4.27
CA LEU C 736 -23.84 -8.34 -4.89
C LEU C 736 -24.49 -7.12 -5.53
N TRP C 737 -24.75 -7.20 -6.83
CA TRP C 737 -25.32 -6.08 -7.58
C TRP C 737 -26.71 -6.46 -8.06
N GLU C 738 -27.56 -5.44 -8.19
CA GLU C 738 -28.86 -5.61 -8.80
C GLU C 738 -28.94 -4.79 -10.07
N LEU C 739 -29.35 -5.44 -11.15
CA LEU C 739 -29.53 -4.83 -12.43
C LEU C 739 -31.00 -4.53 -12.65
N ASN C 740 -31.28 -3.41 -13.28
CA ASN C 740 -32.63 -3.05 -13.69
C ASN C 740 -32.58 -2.75 -15.17
N ASP C 741 -33.35 -3.49 -15.95
CA ASP C 741 -33.40 -3.28 -17.39
C ASP C 741 -34.83 -3.01 -17.86
N LYS C 742 -35.62 -2.29 -17.06
CA LYS C 742 -37.00 -2.12 -17.48
C LYS C 742 -37.21 -0.89 -18.33
N TYR C 743 -36.26 0.04 -18.35
CA TYR C 743 -36.49 1.29 -19.02
C TYR C 743 -35.92 1.28 -20.43
N ASN C 744 -36.16 2.38 -21.16
CA ASN C 744 -36.12 2.37 -22.61
C ASN C 744 -34.73 2.48 -23.17
N LYS C 745 -33.83 3.22 -22.53
CA LYS C 745 -32.58 3.55 -23.18
C LYS C 745 -31.35 2.85 -22.61
N ARG C 746 -31.36 2.49 -21.33
CA ARG C 746 -30.14 1.94 -20.73
C ARG C 746 -30.55 1.10 -19.54
N PRO C 747 -29.75 0.11 -19.17
CA PRO C 747 -29.96 -0.57 -17.88
C PRO C 747 -29.33 0.24 -16.76
N TYR C 748 -29.68 -0.12 -15.54
CA TYR C 748 -29.12 0.52 -14.37
C TYR C 748 -28.59 -0.56 -13.44
N MET C 749 -27.58 -0.22 -12.65
CA MET C 749 -27.02 -1.20 -11.73
C MET C 749 -26.61 -0.53 -10.45
N THR C 750 -26.86 -1.20 -9.34
CA THR C 750 -26.55 -0.62 -8.03
C THR C 750 -26.03 -1.71 -7.12
N ILE C 751 -25.26 -1.31 -6.15
CA ILE C 751 -24.75 -2.27 -5.19
C ILE C 751 -25.89 -2.63 -4.25
N ARG C 752 -26.07 -3.91 -3.97
CA ARG C 752 -27.07 -4.28 -2.99
C ARG C 752 -26.44 -4.67 -1.66
N GLN C 753 -25.30 -5.34 -1.67
CA GLN C 753 -24.60 -5.59 -0.41
C GLN C 753 -23.19 -6.08 -0.71
N ALA C 754 -22.30 -5.85 0.22
CA ALA C 754 -20.93 -6.33 0.14
C ALA C 754 -20.73 -7.45 1.14
N LEU C 755 -19.85 -8.39 0.80
CA LEU C 755 -19.59 -9.52 1.68
C LEU C 755 -18.83 -9.06 2.91
N PRO C 756 -19.17 -9.58 4.10
CA PRO C 756 -18.35 -9.29 5.28
C PRO C 756 -16.90 -9.68 5.05
N VAL C 757 -15.98 -8.94 5.66
CA VAL C 757 -14.56 -9.21 5.45
C VAL C 757 -13.89 -9.49 6.80
N SER C 758 -12.89 -10.38 6.76
CA SER C 758 -12.13 -10.78 7.93
C SER C 758 -11.45 -9.62 8.64
N ASP C 763 -2.57 -9.36 2.72
CA ASP C 763 -3.99 -9.69 2.82
C ASP C 763 -4.32 -10.84 1.85
N LEU C 764 -5.60 -11.18 1.70
CA LEU C 764 -5.98 -12.38 0.96
C LEU C 764 -7.13 -12.07 0.01
N ARG C 765 -7.25 -12.88 -1.03
CA ARG C 765 -8.22 -12.64 -2.10
C ARG C 765 -9.28 -13.72 -2.15
N ILE C 766 -10.45 -13.34 -2.65
CA ILE C 766 -11.52 -14.28 -2.94
C ILE C 766 -11.30 -14.78 -4.35
N MET C 767 -10.81 -16.02 -4.45
CA MET C 767 -10.45 -16.55 -5.76
C MET C 767 -11.65 -16.90 -6.63
N ASP C 768 -12.75 -17.35 -6.04
CA ASP C 768 -13.92 -17.77 -6.82
C ASP C 768 -15.08 -17.96 -5.86
N PHE C 769 -16.26 -18.20 -6.41
CA PHE C 769 -17.48 -18.34 -5.64
C PHE C 769 -18.47 -19.08 -6.51
N ASP C 770 -19.55 -19.55 -5.88
CA ASP C 770 -20.69 -20.08 -6.61
C ASP C 770 -21.91 -19.91 -5.71
N VAL C 771 -23.10 -19.94 -6.32
CA VAL C 771 -24.34 -19.68 -5.59
C VAL C 771 -25.35 -20.77 -5.93
N LYS C 772 -26.17 -21.10 -4.93
CA LYS C 772 -27.34 -21.96 -5.12
C LYS C 772 -28.55 -21.24 -4.53
N PHE C 773 -29.62 -21.17 -5.32
CA PHE C 773 -30.80 -20.45 -4.88
C PHE C 773 -31.69 -21.33 -3.98
N ILE C 774 -32.36 -20.67 -3.04
CA ILE C 774 -33.24 -21.34 -2.09
C ILE C 774 -34.64 -21.28 -2.69
N SER C 775 -35.00 -22.31 -3.46
CA SER C 775 -36.30 -22.44 -4.11
C SER C 775 -36.82 -21.13 -4.72
N GLN C 776 -37.88 -20.57 -4.14
CA GLN C 776 -38.49 -19.32 -4.62
C GLN C 776 -38.11 -18.09 -3.82
N SER C 777 -37.21 -18.21 -2.84
CA SER C 777 -36.99 -17.16 -1.86
C SER C 777 -36.38 -15.90 -2.47
N GLY C 778 -35.51 -16.05 -3.46
CA GLY C 778 -34.61 -14.95 -3.74
C GLY C 778 -33.48 -14.83 -2.76
N ASP C 779 -33.51 -15.62 -1.68
CA ASP C 779 -32.34 -15.97 -0.89
C ASP C 779 -31.50 -17.01 -1.65
N PHE C 780 -30.23 -17.10 -1.25
CA PHE C 780 -29.35 -18.07 -1.87
C PHE C 780 -28.21 -18.36 -0.93
N LEU C 781 -27.54 -19.49 -1.15
CA LEU C 781 -26.32 -19.82 -0.43
C LEU C 781 -25.12 -19.50 -1.29
N LEU C 782 -24.05 -19.07 -0.62
CA LEU C 782 -22.84 -18.61 -1.28
C LEU C 782 -21.65 -19.34 -0.69
N VAL C 783 -20.81 -19.91 -1.57
CA VAL C 783 -19.53 -20.45 -1.17
C VAL C 783 -18.45 -19.57 -1.79
N THR C 784 -17.46 -19.19 -0.97
CA THR C 784 -16.31 -18.45 -1.45
C THR C 784 -15.06 -19.20 -1.02
N VAL C 785 -14.03 -19.20 -1.86
CA VAL C 785 -12.74 -19.80 -1.52
C VAL C 785 -11.65 -18.75 -1.65
N TYR C 786 -10.63 -18.88 -0.83
CA TYR C 786 -9.69 -17.79 -0.63
C TYR C 786 -8.26 -18.24 -0.93
N SER C 787 -7.38 -17.25 -1.00
CA SER C 787 -5.95 -17.48 -1.28
C SER C 787 -5.30 -18.36 -0.23
N ASP C 788 -5.81 -18.33 1.01
CA ASP C 788 -5.18 -19.04 2.12
C ASP C 788 -5.76 -20.42 2.34
N SER C 789 -6.49 -20.96 1.37
CA SER C 789 -7.15 -22.27 1.41
C SER C 789 -8.40 -22.24 2.27
N THR C 790 -8.86 -21.09 2.76
CA THR C 790 -10.07 -21.17 3.56
C THR C 790 -11.29 -21.26 2.64
N ILE C 791 -12.37 -21.82 3.18
CA ILE C 791 -13.64 -21.99 2.50
C ILE C 791 -14.71 -21.51 3.45
N LYS C 792 -15.65 -20.71 2.95
CA LYS C 792 -16.75 -20.22 3.75
C LYS C 792 -18.05 -20.42 2.99
N ILE C 793 -19.11 -20.72 3.73
CA ILE C 793 -20.44 -20.84 3.15
C ILE C 793 -21.31 -19.77 3.81
N TRP C 794 -22.13 -19.10 3.00
CA TRP C 794 -22.89 -17.96 3.47
C TRP C 794 -24.35 -18.16 3.09
N HIS C 795 -25.24 -17.63 3.93
CA HIS C 795 -26.63 -17.48 3.59
C HIS C 795 -26.86 -16.00 3.35
N TYR C 796 -27.38 -15.67 2.18
CA TYR C 796 -27.81 -14.32 1.86
C TYR C 796 -29.32 -14.25 2.03
N ARG C 797 -29.79 -13.49 3.03
CA ARG C 797 -31.22 -13.32 3.27
C ARG C 797 -31.60 -11.99 2.67
N GLU C 798 -32.51 -12.04 1.70
CA GLU C 798 -32.89 -10.86 0.93
C GLU C 798 -33.43 -9.75 1.84
N ASN C 799 -34.42 -10.08 2.67
CA ASN C 799 -35.15 -9.05 3.41
C ASN C 799 -34.28 -8.31 4.42
N GLN C 800 -33.38 -9.00 5.14
CA GLN C 800 -32.44 -8.19 5.92
C GLN C 800 -31.22 -7.78 5.10
N ASN C 801 -31.13 -8.24 3.86
CA ASN C 801 -30.03 -7.89 2.96
C ASN C 801 -28.67 -8.05 3.65
N LYS C 802 -28.43 -9.26 4.18
CA LYS C 802 -27.19 -9.55 4.91
C LYS C 802 -26.68 -10.93 4.50
N PHE C 803 -25.37 -11.10 4.63
CA PHE C 803 -24.71 -12.39 4.44
C PHE C 803 -24.43 -13.02 5.80
N ASP C 804 -25.00 -14.20 6.05
CA ASP C 804 -24.74 -14.93 7.29
C ASP C 804 -23.77 -16.08 7.05
N LEU C 805 -22.66 -16.09 7.78
CA LEU C 805 -21.71 -17.20 7.75
C LEU C 805 -22.32 -18.43 8.43
N ILE C 806 -22.46 -19.53 7.70
CA ILE C 806 -23.00 -20.76 8.27
C ILE C 806 -22.02 -21.93 8.26
N MET C 807 -20.85 -21.80 7.63
CA MET C 807 -19.84 -22.86 7.63
C MET C 807 -18.49 -22.24 7.31
N GLN C 808 -17.45 -22.78 7.96
CA GLN C 808 -16.09 -22.31 7.79
C GLN C 808 -15.14 -23.49 7.89
N GLY C 809 -14.13 -23.48 7.04
CA GLY C 809 -13.11 -24.50 6.98
C GLY C 809 -11.88 -24.14 6.18
N ARG C 810 -11.00 -25.09 5.97
CA ARG C 810 -9.79 -24.85 5.23
C ARG C 810 -9.39 -26.12 4.53
N TYR C 811 -8.80 -26.01 3.36
CA TYR C 811 -8.36 -27.20 2.67
C TYR C 811 -7.03 -27.44 3.36
N LYS C 812 -6.06 -26.60 3.09
CA LYS C 812 -4.72 -26.83 3.54
C LYS C 812 -4.32 -25.43 3.12
N THR C 813 -3.02 -25.19 3.13
CA THR C 813 -2.47 -23.87 3.03
C THR C 813 -2.49 -23.33 1.61
N CYS C 814 -2.45 -24.20 0.62
CA CYS C 814 -2.31 -23.73 -0.75
C CYS C 814 -3.51 -22.95 -1.21
N CYS C 815 -3.35 -22.22 -2.30
CA CYS C 815 -4.44 -21.43 -2.86
C CYS C 815 -5.49 -22.32 -3.47
N LEU C 816 -6.73 -21.88 -3.42
CA LEU C 816 -7.83 -22.61 -4.05
C LEU C 816 -8.42 -21.76 -5.15
N PHE C 817 -8.44 -22.27 -6.37
CA PHE C 817 -8.72 -21.39 -7.48
C PHE C 817 -10.17 -21.44 -7.95
N ASN C 818 -10.86 -22.57 -7.78
CA ASN C 818 -12.25 -22.68 -8.23
C ASN C 818 -13.09 -23.39 -7.20
N VAL C 819 -14.38 -23.14 -7.27
CA VAL C 819 -15.33 -23.79 -6.39
C VAL C 819 -16.68 -23.77 -7.07
N VAL C 820 -17.47 -24.80 -6.80
CA VAL C 820 -18.74 -25.00 -7.49
C VAL C 820 -19.64 -25.80 -6.56
N PHE C 821 -20.92 -25.44 -6.54
CA PHE C 821 -21.94 -26.24 -5.87
C PHE C 821 -22.43 -27.29 -6.85
N ILE C 822 -22.54 -28.53 -6.39
CA ILE C 822 -23.22 -29.55 -7.18
C ILE C 822 -24.26 -30.20 -6.29
N ALA C 823 -25.50 -30.19 -6.76
CA ALA C 823 -26.60 -30.86 -6.09
C ALA C 823 -26.89 -32.13 -6.87
N LEU C 824 -26.76 -33.27 -6.20
CA LEU C 824 -27.08 -34.57 -6.76
C LEU C 824 -28.00 -35.27 -5.78
N LYS C 825 -29.12 -35.82 -6.29
CA LYS C 825 -30.11 -36.48 -5.43
C LYS C 825 -30.47 -35.51 -4.32
N GLU C 826 -30.28 -35.88 -3.05
CA GLU C 826 -30.60 -34.99 -1.94
C GLU C 826 -29.36 -34.50 -1.22
N GLU C 827 -28.22 -34.50 -1.92
CA GLU C 827 -26.95 -34.07 -1.34
C GLU C 827 -26.50 -32.76 -1.98
N LEU C 828 -25.97 -31.88 -1.13
CA LEU C 828 -25.34 -30.63 -1.56
C LEU C 828 -23.84 -30.80 -1.46
N LEU C 829 -23.16 -30.84 -2.60
CA LEU C 829 -21.73 -31.05 -2.69
C LEU C 829 -20.99 -29.74 -2.96
N VAL C 830 -19.79 -29.63 -2.41
CA VAL C 830 -18.87 -28.54 -2.73
C VAL C 830 -17.63 -29.16 -3.35
N VAL C 831 -17.28 -28.70 -4.55
CA VAL C 831 -16.14 -29.21 -5.31
C VAL C 831 -15.12 -28.07 -5.45
N ILE C 832 -13.90 -28.30 -4.95
CA ILE C 832 -12.83 -27.31 -5.10
C ILE C 832 -11.70 -27.89 -5.95
N SER C 833 -10.88 -26.98 -6.46
CA SER C 833 -9.73 -27.35 -7.29
C SER C 833 -8.54 -26.59 -6.75
N PRO C 834 -7.80 -27.20 -5.81
CA PRO C 834 -6.60 -26.55 -5.25
C PRO C 834 -5.48 -26.52 -6.28
N THR C 835 -4.47 -25.72 -5.97
CA THR C 835 -3.31 -25.64 -6.84
C THR C 835 -2.50 -26.93 -6.86
N ASP C 836 -2.82 -27.91 -6.00
CA ASP C 836 -2.16 -29.21 -6.15
C ASP C 836 -2.74 -30.01 -7.29
N GLY C 837 -3.80 -29.53 -7.94
CA GLY C 837 -4.32 -30.22 -9.10
C GLY C 837 -5.33 -31.29 -8.80
N HIS C 838 -5.76 -31.40 -7.55
CA HIS C 838 -6.78 -32.36 -7.16
C HIS C 838 -8.18 -31.80 -7.42
N LEU C 839 -9.14 -32.71 -7.55
CA LEU C 839 -10.55 -32.42 -7.35
C LEU C 839 -10.89 -32.93 -5.95
N VAL C 840 -11.38 -32.04 -5.10
CA VAL C 840 -11.71 -32.36 -3.71
C VAL C 840 -13.18 -32.06 -3.49
N VAL C 841 -13.91 -33.03 -2.92
CA VAL C 841 -15.37 -32.98 -2.78
C VAL C 841 -15.76 -32.96 -1.31
N TYR C 842 -16.70 -32.09 -0.96
CA TYR C 842 -17.28 -32.08 0.37
C TYR C 842 -18.78 -32.27 0.25
N ASN C 843 -19.35 -33.04 1.18
CA ASN C 843 -20.80 -33.22 1.29
C ASN C 843 -21.22 -32.49 2.55
N ILE C 844 -21.82 -31.31 2.38
CA ILE C 844 -22.12 -30.45 3.53
C ILE C 844 -23.58 -30.59 3.97
N THR C 845 -24.31 -31.57 3.43
CA THR C 845 -25.76 -31.68 3.64
C THR C 845 -26.12 -31.71 5.13
N GLU C 846 -25.51 -32.61 5.90
CA GLU C 846 -25.90 -32.73 7.31
C GLU C 846 -25.51 -31.52 8.13
N TYR C 847 -24.61 -30.66 7.64
CA TYR C 847 -24.08 -29.58 8.45
C TYR C 847 -24.61 -28.19 8.09
N VAL C 848 -25.58 -28.08 7.19
CA VAL C 848 -26.23 -26.79 6.93
C VAL C 848 -27.74 -26.95 7.09
N PRO C 849 -28.45 -25.94 7.61
CA PRO C 849 -29.89 -26.02 7.82
C PRO C 849 -30.72 -25.89 6.54
N PHE C 850 -30.36 -26.68 5.52
CA PHE C 850 -31.07 -26.67 4.24
C PHE C 850 -31.24 -28.09 3.73
N SER C 851 -32.23 -28.27 2.86
CA SER C 851 -32.53 -29.54 2.23
C SER C 851 -32.48 -29.41 0.72
N VAL C 852 -32.13 -30.50 0.05
CA VAL C 852 -31.98 -30.53 -1.40
C VAL C 852 -33.16 -31.28 -1.97
N ASP C 853 -33.84 -30.65 -2.93
CA ASP C 853 -34.92 -31.30 -3.64
C ASP C 853 -34.31 -32.31 -4.62
N PRO C 854 -34.82 -33.55 -4.69
CA PRO C 854 -34.13 -34.57 -5.50
C PRO C 854 -33.88 -34.22 -6.98
N ILE C 855 -34.73 -33.41 -7.64
CA ILE C 855 -34.37 -33.00 -9.03
C ILE C 855 -34.56 -31.48 -9.32
N SER C 856 -33.88 -31.05 -10.39
CA SER C 856 -33.06 -29.83 -10.51
C SER C 856 -32.54 -29.15 -9.22
N GLY C 857 -32.45 -29.92 -8.13
CA GLY C 857 -31.56 -29.61 -7.04
C GLY C 857 -31.79 -28.27 -6.39
N ASP C 858 -33.00 -28.06 -5.90
CA ASP C 858 -33.40 -26.77 -5.35
C ASP C 858 -33.26 -26.84 -3.85
N LEU C 859 -32.78 -25.76 -3.25
CA LEU C 859 -32.62 -25.72 -1.79
C LEU C 859 -33.94 -25.36 -1.12
N VAL C 860 -34.17 -25.97 0.06
CA VAL C 860 -35.35 -25.67 0.88
C VAL C 860 -34.87 -25.21 2.25
N ASP C 861 -35.35 -24.03 2.65
CA ASP C 861 -34.97 -23.40 3.91
C ASP C 861 -35.72 -24.07 5.06
N HIS C 862 -34.97 -24.53 6.07
CA HIS C 862 -35.53 -25.05 7.31
C HIS C 862 -35.81 -23.96 8.33
N LYS C 863 -35.37 -22.72 8.10
CA LYS C 863 -35.65 -21.58 8.97
C LYS C 863 -35.18 -21.84 10.41
N LEU C 864 -33.91 -22.19 10.53
CA LEU C 864 -33.25 -22.34 11.82
C LEU C 864 -32.26 -21.22 12.05
N ASP C 865 -31.70 -21.20 13.26
CA ASP C 865 -30.81 -20.13 13.66
C ASP C 865 -29.41 -20.43 13.15
N ALA C 866 -28.62 -19.36 13.04
CA ALA C 866 -27.32 -19.45 12.36
C ALA C 866 -26.26 -19.94 13.35
N THR C 867 -25.75 -21.14 13.12
CA THR C 867 -24.54 -21.60 13.75
C THR C 867 -23.47 -21.77 12.68
N ILE C 868 -22.22 -21.51 13.07
CA ILE C 868 -21.09 -21.70 12.16
C ILE C 868 -20.61 -23.13 12.34
N SER C 869 -21.04 -24.01 11.45
CA SER C 869 -20.53 -25.37 11.45
C SER C 869 -19.10 -25.39 10.91
N ASN C 870 -18.35 -26.41 11.29
CA ASN C 870 -17.02 -26.57 10.74
C ASN C 870 -17.09 -27.40 9.46
N LEU C 871 -16.11 -27.19 8.58
CA LEU C 871 -16.12 -27.88 7.29
C LEU C 871 -15.76 -29.34 7.49
N PRO C 872 -16.59 -30.27 7.04
CA PRO C 872 -16.28 -31.70 7.20
C PRO C 872 -15.07 -32.10 6.36
N ALA C 873 -14.53 -33.25 6.69
CA ALA C 873 -13.44 -33.80 5.89
C ALA C 873 -13.97 -34.15 4.49
N PRO C 874 -13.12 -34.07 3.48
CA PRO C 874 -13.58 -34.38 2.12
C PRO C 874 -14.02 -35.82 2.04
N VAL C 875 -15.02 -36.07 1.17
CA VAL C 875 -15.43 -37.42 0.87
C VAL C 875 -14.75 -37.97 -0.37
N ALA C 876 -14.10 -37.11 -1.15
CA ALA C 876 -13.38 -37.54 -2.34
C ALA C 876 -12.22 -36.59 -2.61
N GLN C 877 -11.10 -37.16 -3.04
CA GLN C 877 -9.90 -36.38 -3.35
C GLN C 877 -9.27 -37.03 -4.57
N LEU C 878 -9.44 -36.44 -5.75
CA LEU C 878 -8.92 -37.08 -6.93
C LEU C 878 -7.84 -36.22 -7.58
N PRO C 879 -6.60 -36.72 -7.68
CA PRO C 879 -5.57 -35.98 -8.43
C PRO C 879 -5.87 -36.06 -9.92
N VAL C 880 -5.84 -34.90 -10.58
CA VAL C 880 -6.25 -34.82 -11.98
C VAL C 880 -5.16 -34.15 -12.80
N HIS C 881 -4.79 -32.93 -12.42
CA HIS C 881 -3.82 -32.12 -13.11
C HIS C 881 -2.54 -32.07 -12.30
N GLN C 882 -1.48 -31.67 -12.97
CA GLN C 882 -0.17 -31.65 -12.36
C GLN C 882 0.13 -30.35 -11.62
N SER C 883 -0.75 -29.37 -11.72
CA SER C 883 -0.52 -28.04 -11.15
C SER C 883 -1.89 -27.40 -10.89
N GLY C 884 -1.93 -26.07 -10.83
CA GLY C 884 -3.19 -25.40 -10.57
C GLY C 884 -4.20 -25.56 -11.69
N VAL C 885 -5.47 -25.60 -11.31
CA VAL C 885 -6.59 -25.78 -12.25
C VAL C 885 -7.19 -24.41 -12.52
N LYS C 886 -7.11 -23.95 -13.77
CA LYS C 886 -7.57 -22.61 -14.07
C LYS C 886 -9.06 -22.54 -14.38
N SER C 887 -9.66 -23.60 -14.91
CA SER C 887 -11.07 -23.54 -15.21
C SER C 887 -11.76 -24.78 -14.67
N LEU C 888 -12.99 -24.59 -14.17
CA LEU C 888 -13.79 -25.63 -13.56
C LEU C 888 -15.25 -25.46 -13.99
N ASP C 889 -15.86 -26.54 -14.47
CA ASP C 889 -17.24 -26.52 -14.92
C ASP C 889 -17.85 -27.91 -14.71
N TYR C 890 -19.17 -27.99 -14.73
CA TYR C 890 -19.80 -29.29 -14.54
C TYR C 890 -21.16 -29.31 -15.22
N VAL C 891 -21.65 -30.51 -15.48
CA VAL C 891 -23.01 -30.74 -15.95
C VAL C 891 -23.52 -32.01 -15.29
N ALA C 892 -24.68 -31.92 -14.64
CA ALA C 892 -25.29 -33.08 -14.03
C ALA C 892 -26.24 -33.73 -15.03
N ASN C 893 -26.34 -35.05 -14.94
CA ASN C 893 -27.18 -35.85 -15.83
C ASN C 893 -28.66 -35.60 -15.54
N ALA C 894 -29.53 -36.22 -16.34
CA ALA C 894 -30.96 -35.97 -16.22
C ALA C 894 -31.51 -36.42 -14.87
N THR C 895 -30.94 -37.50 -14.31
CA THR C 895 -31.38 -38.03 -13.03
C THR C 895 -30.76 -37.30 -11.84
N ARG C 896 -29.81 -36.41 -12.08
CA ARG C 896 -29.05 -35.74 -11.01
C ARG C 896 -28.46 -36.76 -10.05
N THR C 897 -27.99 -37.87 -10.60
CA THR C 897 -27.26 -38.86 -9.83
C THR C 897 -25.77 -38.76 -10.08
N SER C 898 -25.38 -38.02 -11.11
CA SER C 898 -23.98 -37.87 -11.50
C SER C 898 -23.79 -36.54 -12.20
N ALA C 899 -22.53 -36.11 -12.23
CA ALA C 899 -22.17 -34.92 -12.94
C ALA C 899 -20.81 -35.15 -13.55
N THR C 900 -20.61 -34.60 -14.74
CA THR C 900 -19.32 -34.68 -15.38
C THR C 900 -18.62 -33.35 -15.17
N ILE C 901 -17.35 -33.41 -14.81
CA ILE C 901 -16.59 -32.24 -14.39
C ILE C 901 -15.44 -32.04 -15.37
N LEU C 902 -15.39 -30.86 -15.98
CA LEU C 902 -14.36 -30.50 -16.93
C LEU C 902 -13.39 -29.49 -16.31
N THR C 903 -12.09 -29.83 -16.35
CA THR C 903 -11.05 -28.97 -15.79
C THR C 903 -10.01 -28.66 -16.86
N GLY C 904 -9.59 -27.40 -16.89
CA GLY C 904 -8.50 -26.96 -17.75
C GLY C 904 -7.35 -26.50 -16.87
N GLY C 905 -6.15 -26.95 -17.22
CA GLY C 905 -5.06 -26.81 -16.28
C GLY C 905 -3.97 -25.84 -16.69
N ASP C 906 -3.23 -25.36 -15.71
CA ASP C 906 -2.00 -24.63 -15.98
C ASP C 906 -0.95 -25.51 -16.63
N ASP C 907 -1.16 -26.83 -16.66
CA ASP C 907 -0.29 -27.79 -17.35
C ASP C 907 -0.68 -28.01 -18.81
N ASN C 908 -1.45 -27.11 -19.39
CA ASN C 908 -2.07 -27.23 -20.71
C ASN C 908 -2.73 -28.60 -20.96
N GLY C 909 -3.21 -29.24 -19.90
CA GLY C 909 -4.01 -30.44 -20.01
C GLY C 909 -5.48 -30.17 -19.78
N LEU C 910 -6.33 -31.03 -20.36
CA LEU C 910 -7.78 -30.92 -20.25
C LEU C 910 -8.35 -32.22 -19.69
N GLY C 911 -9.03 -32.14 -18.55
CA GLY C 911 -9.51 -33.31 -17.84
C GLY C 911 -11.02 -33.41 -17.82
N LEU C 912 -11.52 -34.64 -17.86
CA LEU C 912 -12.94 -34.91 -17.77
C LEU C 912 -13.14 -35.96 -16.70
N SER C 913 -13.87 -35.61 -15.66
CA SER C 913 -14.07 -36.50 -14.53
C SER C 913 -15.55 -36.71 -14.32
N ASN C 914 -15.87 -37.80 -13.62
CA ASN C 914 -17.24 -38.20 -13.34
C ASN C 914 -17.42 -38.19 -11.84
N LEU C 915 -18.47 -37.52 -11.38
CA LEU C 915 -18.83 -37.50 -9.96
C LEU C 915 -20.17 -38.23 -9.82
N LYS C 916 -20.18 -39.34 -9.10
CA LYS C 916 -21.35 -40.19 -9.02
C LYS C 916 -21.70 -40.51 -7.56
N LEU C 917 -22.99 -40.69 -7.31
CA LEU C 917 -23.47 -41.27 -6.06
C LEU C 917 -24.22 -42.54 -6.38
N ASP C 918 -24.04 -43.56 -5.54
CA ASP C 918 -24.71 -44.83 -5.77
C ASP C 918 -26.06 -44.83 -5.05
N ASP C 919 -26.68 -46.01 -4.94
CA ASP C 919 -27.98 -46.10 -4.28
C ASP C 919 -27.88 -45.75 -2.79
N SER C 920 -26.68 -45.90 -2.21
CA SER C 920 -26.44 -45.59 -0.80
C SER C 920 -25.89 -44.19 -0.61
N ASN C 921 -25.82 -43.38 -1.66
CA ASN C 921 -25.39 -41.97 -1.60
C ASN C 921 -23.94 -41.80 -1.17
N LYS C 922 -23.04 -42.71 -1.52
CA LYS C 922 -21.66 -42.42 -1.22
C LYS C 922 -20.96 -41.92 -2.48
N VAL C 923 -20.01 -41.00 -2.29
CA VAL C 923 -19.43 -40.22 -3.37
C VAL C 923 -18.24 -40.98 -3.94
N THR C 924 -18.20 -41.13 -5.26
CA THR C 924 -17.01 -41.62 -5.94
C THR C 924 -16.68 -40.68 -7.08
N LEU C 925 -15.41 -40.27 -7.13
CA LEU C 925 -14.91 -39.35 -8.15
C LEU C 925 -13.82 -40.05 -8.94
N LYS C 926 -14.07 -40.27 -10.23
CA LYS C 926 -13.19 -41.05 -11.10
C LYS C 926 -12.92 -40.24 -12.36
N THR C 927 -11.72 -40.37 -12.90
CA THR C 927 -11.38 -39.60 -14.08
C THR C 927 -11.65 -40.38 -15.36
N SER C 928 -12.26 -39.69 -16.32
CA SER C 928 -12.82 -40.31 -17.50
C SER C 928 -11.91 -40.19 -18.71
N ASP C 929 -11.11 -39.13 -18.75
CA ASP C 929 -10.21 -38.87 -19.86
C ASP C 929 -9.33 -37.71 -19.44
N PHE C 930 -8.16 -37.61 -20.06
CA PHE C 930 -7.23 -36.52 -19.82
C PHE C 930 -6.40 -36.33 -21.07
N ILE C 931 -6.47 -35.14 -21.68
CA ILE C 931 -5.69 -34.83 -22.88
C ILE C 931 -4.51 -33.99 -22.43
N ALA C 932 -3.33 -34.61 -22.38
CA ALA C 932 -2.16 -33.96 -21.77
C ALA C 932 -1.69 -32.74 -22.56
N ALA C 933 -1.84 -32.76 -23.88
CA ALA C 933 -1.38 -31.64 -24.68
C ALA C 933 -2.59 -30.98 -25.34
N ALA C 934 -3.55 -30.55 -24.52
CA ALA C 934 -4.76 -29.90 -25.03
C ALA C 934 -4.47 -28.50 -25.59
N ALA C 935 -3.40 -27.85 -25.18
CA ALA C 935 -3.06 -26.53 -25.70
C ALA C 935 -1.55 -26.32 -25.57
N SER C 936 -1.03 -25.30 -26.25
CA SER C 936 0.40 -25.01 -26.17
C SER C 936 0.77 -24.29 -24.88
N SER C 937 -0.20 -23.70 -24.17
CA SER C 937 0.06 -22.97 -22.95
C SER C 937 -1.15 -23.12 -22.02
N THR C 938 -1.18 -22.31 -20.96
CA THR C 938 -2.21 -22.37 -19.93
C THR C 938 -3.61 -22.37 -20.53
N ILE C 939 -4.42 -23.35 -20.13
CA ILE C 939 -5.83 -23.33 -20.48
C ILE C 939 -6.54 -22.46 -19.44
N THR C 940 -7.21 -21.39 -19.91
CA THR C 940 -7.80 -20.41 -19.02
C THR C 940 -9.31 -20.48 -18.91
N SER C 941 -10.01 -21.12 -19.85
CA SER C 941 -11.45 -21.31 -19.79
C SER C 941 -11.79 -22.68 -20.31
N GLY C 942 -12.82 -23.29 -19.72
CA GLY C 942 -13.34 -24.54 -20.24
C GLY C 942 -14.82 -24.70 -19.91
N MET C 943 -15.69 -24.45 -20.89
CA MET C 943 -17.13 -24.46 -20.62
C MET C 943 -17.80 -25.60 -21.37
N LEU C 944 -18.65 -26.33 -20.65
CA LEU C 944 -19.46 -27.38 -21.24
C LEU C 944 -20.72 -26.75 -21.80
N ILE C 945 -21.08 -27.18 -23.00
CA ILE C 945 -22.28 -26.71 -23.69
C ILE C 945 -23.01 -27.91 -24.25
N ASN C 946 -24.26 -27.67 -24.66
CA ASN C 946 -25.12 -28.67 -25.30
C ASN C 946 -25.21 -29.92 -24.42
N GLY C 947 -25.75 -29.72 -23.22
CA GLY C 947 -25.98 -30.80 -22.28
C GLY C 947 -24.74 -31.58 -21.91
N GLY C 948 -23.57 -30.96 -21.95
CA GLY C 948 -22.34 -31.66 -21.67
C GLY C 948 -21.75 -32.39 -22.86
N LYS C 949 -22.35 -32.27 -24.04
CA LYS C 949 -21.86 -33.05 -25.16
C LYS C 949 -20.64 -32.41 -25.81
N GLU C 950 -20.45 -31.09 -25.69
CA GLU C 950 -19.31 -30.43 -26.31
C GLU C 950 -18.63 -29.49 -25.33
N VAL C 951 -17.46 -29.00 -25.73
CA VAL C 951 -16.61 -28.17 -24.90
C VAL C 951 -16.00 -27.08 -25.76
N ILE C 952 -15.99 -25.86 -25.25
CA ILE C 952 -15.19 -24.77 -25.81
C ILE C 952 -14.14 -24.41 -24.79
N THR C 953 -12.87 -24.32 -25.22
CA THR C 953 -11.81 -23.92 -24.33
C THR C 953 -11.11 -22.70 -24.90
N THR C 954 -10.49 -21.98 -23.98
CA THR C 954 -9.73 -20.78 -24.24
C THR C 954 -8.36 -20.97 -23.61
N SER C 955 -7.33 -20.47 -24.28
CA SER C 955 -6.00 -20.60 -23.70
C SER C 955 -5.12 -19.47 -24.16
N VAL C 956 -4.05 -19.30 -23.41
CA VAL C 956 -3.10 -18.21 -23.59
C VAL C 956 -2.35 -18.29 -24.91
N ASP C 957 -2.42 -19.42 -25.62
CA ASP C 957 -1.87 -19.54 -26.96
C ASP C 957 -2.76 -18.95 -28.04
N GLN C 958 -3.89 -18.33 -27.67
CA GLN C 958 -4.79 -17.63 -28.59
C GLN C 958 -5.44 -18.58 -29.60
N VAL C 959 -5.61 -19.84 -29.23
CA VAL C 959 -6.31 -20.82 -30.05
C VAL C 959 -7.60 -21.17 -29.34
N ILE C 960 -8.73 -20.92 -29.97
CA ILE C 960 -10.02 -21.38 -29.46
C ILE C 960 -10.26 -22.81 -29.97
N ARG C 961 -10.50 -23.74 -29.06
CA ARG C 961 -10.72 -25.13 -29.43
C ARG C 961 -12.13 -25.57 -29.06
N ALA C 962 -12.80 -26.26 -29.99
CA ALA C 962 -14.09 -26.89 -29.76
C ALA C 962 -13.90 -28.40 -29.70
N TRP C 963 -14.51 -29.03 -28.71
CA TRP C 963 -14.36 -30.47 -28.49
C TRP C 963 -15.74 -31.10 -28.45
N GLU C 964 -15.80 -32.39 -28.65
CA GLU C 964 -17.00 -33.10 -28.29
C GLU C 964 -16.61 -34.36 -27.55
N ILE C 965 -17.54 -34.78 -26.68
CA ILE C 965 -17.40 -35.83 -25.69
C ILE C 965 -18.28 -36.99 -26.13
N THR C 966 -17.70 -38.17 -26.25
CA THR C 966 -18.44 -39.39 -26.58
C THR C 966 -17.97 -40.46 -25.61
N ALA C 967 -18.90 -41.02 -24.84
CA ALA C 967 -18.62 -42.04 -23.84
C ALA C 967 -17.49 -41.60 -22.91
N GLY C 968 -17.62 -40.38 -22.37
CA GLY C 968 -16.64 -39.84 -21.45
C GLY C 968 -15.25 -39.59 -22.03
N LYS C 969 -15.13 -39.54 -23.34
CA LYS C 969 -13.84 -39.34 -23.98
C LYS C 969 -13.90 -38.10 -24.87
N LEU C 970 -12.82 -37.30 -24.80
CA LEU C 970 -12.75 -36.02 -25.48
C LEU C 970 -12.02 -36.14 -26.81
N SER C 971 -12.56 -35.50 -27.83
CA SER C 971 -11.87 -35.38 -29.12
C SER C 971 -11.96 -33.96 -29.63
N LEU C 972 -10.84 -33.44 -30.13
CA LEU C 972 -10.77 -32.09 -30.66
C LEU C 972 -11.42 -32.04 -32.03
N VAL C 973 -12.43 -31.20 -32.19
CA VAL C 973 -13.15 -31.16 -33.45
C VAL C 973 -12.99 -29.87 -34.24
N ASP C 974 -12.61 -28.76 -33.61
CA ASP C 974 -12.35 -27.54 -34.38
C ASP C 974 -11.47 -26.61 -33.57
N LYS C 975 -10.75 -25.75 -34.27
CA LYS C 975 -9.80 -24.82 -33.67
C LYS C 975 -9.79 -23.54 -34.51
N LYS C 976 -9.50 -22.42 -33.88
CA LYS C 976 -9.50 -21.12 -34.55
C LYS C 976 -8.72 -20.12 -33.70
N ARG C 977 -7.85 -19.36 -34.34
CA ARG C 977 -7.03 -18.37 -33.64
C ARG C 977 -7.83 -17.09 -33.39
N THR C 978 -7.46 -16.36 -32.32
CA THR C 978 -7.97 -15.02 -32.09
C THR C 978 -6.81 -14.06 -31.90
N THR C 979 -7.00 -12.77 -32.25
CA THR C 979 -5.97 -11.79 -31.88
C THR C 979 -5.95 -11.50 -30.40
N VAL C 980 -6.99 -11.89 -29.67
CA VAL C 980 -7.10 -11.48 -28.29
C VAL C 980 -5.95 -12.13 -27.54
N ALA C 981 -4.92 -11.34 -27.23
CA ALA C 981 -3.77 -11.88 -26.54
C ALA C 981 -4.14 -12.24 -25.10
N ASP C 982 -3.38 -13.19 -24.54
CA ASP C 982 -3.53 -13.60 -23.15
C ASP C 982 -4.98 -13.98 -22.86
N THR C 983 -5.52 -14.81 -23.75
CA THR C 983 -6.95 -15.12 -23.74
C THR C 983 -7.31 -15.81 -22.44
N GLY C 984 -8.19 -15.19 -21.65
CA GLY C 984 -8.40 -15.64 -20.30
C GLY C 984 -9.84 -15.78 -19.85
N SER C 985 -10.80 -15.29 -20.65
CA SER C 985 -12.21 -15.33 -20.26
C SER C 985 -13.07 -15.76 -21.44
N LEU C 986 -14.20 -16.38 -21.12
CA LEU C 986 -15.11 -16.94 -22.11
C LEU C 986 -16.52 -16.88 -21.55
N GLU C 987 -17.47 -16.45 -22.37
CA GLU C 987 -18.88 -16.52 -21.98
C GLU C 987 -19.66 -17.00 -23.19
N ILE C 988 -20.68 -17.82 -22.95
CA ILE C 988 -21.46 -18.42 -24.04
C ILE C 988 -22.95 -18.31 -23.73
N ILE C 989 -23.72 -17.92 -24.75
CA ILE C 989 -25.17 -17.78 -24.67
C ILE C 989 -25.80 -18.57 -25.82
N SER C 990 -26.91 -19.23 -25.56
CA SER C 990 -27.67 -19.86 -26.64
C SER C 990 -28.59 -18.84 -27.31
N ASN C 991 -28.83 -19.06 -28.60
CA ASN C 991 -29.75 -18.18 -29.31
C ASN C 991 -31.20 -18.56 -29.02
N ASP C 992 -31.53 -19.83 -29.14
CA ASP C 992 -32.82 -20.31 -28.65
C ASP C 992 -32.73 -21.79 -28.21
N SER C 997 -28.11 -25.50 -30.02
CA SER C 997 -28.36 -24.92 -31.34
C SER C 997 -27.22 -23.94 -31.52
N GLU C 998 -27.44 -22.85 -32.26
CA GLU C 998 -26.37 -21.88 -32.50
C GLU C 998 -26.04 -21.05 -31.25
N LYS C 999 -24.76 -20.72 -31.09
CA LYS C 999 -24.26 -20.07 -29.88
C LYS C 999 -23.51 -18.78 -30.21
N THR C 1000 -23.53 -17.86 -29.26
CA THR C 1000 -22.68 -16.68 -29.30
C THR C 1000 -21.58 -16.86 -28.26
N LEU C 1001 -20.33 -16.63 -28.67
CA LEU C 1001 -19.20 -16.71 -27.78
C LEU C 1001 -18.57 -15.34 -27.62
N LEU C 1002 -18.30 -14.95 -26.38
CA LEU C 1002 -17.57 -13.75 -26.07
C LEU C 1002 -16.23 -14.16 -25.49
N ILE C 1003 -15.16 -13.65 -26.10
CA ILE C 1003 -13.79 -14.05 -25.88
C ILE C 1003 -13.04 -12.86 -25.34
N GLY C 1004 -12.47 -12.99 -24.14
CA GLY C 1004 -11.80 -11.88 -23.48
C GLY C 1004 -10.35 -12.18 -23.13
N GLY C 1005 -9.55 -11.12 -23.13
CA GLY C 1005 -8.15 -11.13 -22.71
C GLY C 1005 -7.68 -9.69 -22.73
N VAL C 1006 -6.67 -9.38 -23.54
CA VAL C 1006 -6.40 -7.98 -23.86
C VAL C 1006 -7.17 -7.72 -25.16
N GLY C 1007 -8.40 -7.27 -24.99
CA GLY C 1007 -9.34 -7.14 -26.07
C GLY C 1007 -10.54 -8.03 -25.86
N LEU C 1008 -11.53 -7.84 -26.73
CA LEU C 1008 -12.77 -8.61 -26.73
C LEU C 1008 -13.19 -8.96 -28.15
N SER C 1009 -13.59 -10.21 -28.35
CA SER C 1009 -14.09 -10.67 -29.63
C SER C 1009 -15.42 -11.40 -29.41
N ILE C 1010 -16.32 -11.25 -30.38
CA ILE C 1010 -17.61 -11.92 -30.38
C ILE C 1010 -17.66 -12.84 -31.59
N TRP C 1011 -17.98 -14.11 -31.35
CA TRP C 1011 -18.00 -15.14 -32.38
C TRP C 1011 -19.34 -15.87 -32.37
N LYS C 1012 -19.60 -16.58 -33.45
CA LYS C 1012 -20.76 -17.44 -33.59
C LYS C 1012 -20.31 -18.88 -33.81
N LYS C 1013 -21.07 -19.82 -33.25
CA LYS C 1013 -20.77 -21.24 -33.47
C LYS C 1013 -21.97 -21.98 -34.06
N ARG D 9 6.05 -7.07 -4.53
CA ARG D 9 5.19 -6.36 -3.59
C ARG D 9 4.44 -7.34 -2.66
N ASP D 10 4.60 -8.63 -2.92
CA ASP D 10 3.87 -9.74 -2.32
C ASP D 10 4.71 -10.45 -1.24
N LEU D 11 4.33 -11.71 -0.96
CA LEU D 11 5.06 -12.66 -0.13
C LEU D 11 6.56 -12.67 -0.48
N TYR D 12 6.88 -13.00 -1.74
CA TYR D 12 8.26 -13.31 -2.09
C TYR D 12 9.18 -12.10 -2.04
N TYR D 13 8.68 -10.91 -2.36
CA TYR D 13 9.55 -9.74 -2.22
C TYR D 13 9.79 -9.41 -0.75
N ARG D 14 8.79 -9.70 0.11
CA ARG D 14 9.02 -9.71 1.54
C ARG D 14 10.05 -10.76 1.95
N LYS D 15 9.87 -12.03 1.54
CA LYS D 15 10.80 -13.07 1.99
C LYS D 15 12.17 -12.94 1.36
N ALA D 16 12.28 -12.23 0.25
CA ALA D 16 13.60 -12.02 -0.35
C ALA D 16 14.42 -11.07 0.51
N LYS D 17 13.81 -9.97 0.95
CA LYS D 17 14.51 -9.05 1.84
C LYS D 17 14.89 -9.75 3.15
N GLU D 18 14.07 -10.69 3.62
CA GLU D 18 14.35 -11.41 4.85
C GLU D 18 15.54 -12.37 4.72
N GLN D 19 15.80 -12.88 3.51
CA GLN D 19 16.89 -13.82 3.31
C GLN D 19 18.06 -13.21 2.57
N GLY D 20 18.08 -11.89 2.41
CA GLY D 20 19.22 -11.26 1.78
C GLY D 20 19.37 -11.56 0.30
N TYR D 21 18.28 -11.94 -0.39
CA TYR D 21 18.31 -12.18 -1.82
C TYR D 21 17.97 -10.91 -2.59
N ARG D 22 18.66 -10.70 -3.71
CA ARG D 22 18.56 -9.40 -4.39
C ARG D 22 17.20 -9.17 -5.00
N ALA D 23 16.48 -10.23 -5.38
CA ALA D 23 15.14 -10.08 -5.94
C ALA D 23 14.29 -11.28 -5.56
N ARG D 24 12.97 -11.08 -5.64
CA ARG D 24 12.04 -12.19 -5.37
C ARG D 24 12.28 -13.36 -6.31
N SER D 25 12.78 -13.09 -7.52
CA SER D 25 13.03 -14.15 -8.51
C SER D 25 13.97 -15.24 -8.03
N ALA D 26 14.69 -15.03 -6.92
CA ALA D 26 15.57 -16.08 -6.44
C ALA D 26 14.80 -17.37 -6.16
N PHE D 27 13.55 -17.24 -5.74
CA PHE D 27 12.78 -18.42 -5.38
C PHE D 27 12.34 -19.22 -6.62
N LYS D 28 12.26 -18.59 -7.78
CA LYS D 28 11.97 -19.32 -9.00
C LYS D 28 13.04 -20.37 -9.30
N LEU D 29 14.32 -20.03 -9.13
CA LEU D 29 15.35 -21.06 -9.32
C LEU D 29 15.43 -22.04 -8.15
N LEU D 30 15.09 -21.61 -6.93
CA LEU D 30 15.00 -22.57 -5.83
C LEU D 30 13.82 -23.52 -6.03
N GLN D 31 12.60 -22.96 -6.13
CA GLN D 31 11.40 -23.76 -6.39
C GLN D 31 11.52 -24.59 -7.65
N LEU D 32 12.36 -24.17 -8.60
CA LEU D 32 12.66 -25.03 -9.74
C LEU D 32 13.43 -26.24 -9.26
N ASN D 33 14.47 -26.01 -8.46
CA ASN D 33 15.35 -27.11 -8.08
C ASN D 33 14.71 -28.05 -7.05
N ASP D 34 13.62 -27.65 -6.39
CA ASP D 34 12.81 -28.59 -5.61
C ASP D 34 12.31 -29.76 -6.45
N GLN D 35 12.66 -29.74 -7.74
CA GLN D 35 12.44 -30.80 -8.71
C GLN D 35 13.45 -30.60 -9.83
N PHE D 36 13.93 -31.68 -10.44
CA PHE D 36 15.02 -31.64 -11.42
C PHE D 36 16.41 -31.63 -10.80
N HIS D 37 16.47 -31.36 -9.50
CA HIS D 37 17.63 -31.49 -8.63
C HIS D 37 18.94 -31.36 -9.42
N PHE D 38 18.96 -30.43 -10.38
CA PHE D 38 20.16 -30.17 -11.17
C PHE D 38 21.22 -29.41 -10.38
N LEU D 39 20.86 -28.83 -9.23
CA LEU D 39 21.85 -28.17 -8.39
C LEU D 39 22.09 -28.91 -7.08
N ASP D 40 21.39 -30.01 -6.84
CA ASP D 40 21.61 -30.87 -5.68
C ASP D 40 22.60 -32.00 -5.99
N ASP D 41 23.19 -31.97 -7.18
CA ASP D 41 24.20 -32.95 -7.56
C ASP D 41 25.54 -32.64 -6.92
N PRO D 42 26.16 -33.57 -6.17
CA PRO D 42 27.53 -33.34 -5.68
C PRO D 42 28.60 -33.33 -6.78
N ASN D 43 28.35 -33.94 -7.95
CA ASN D 43 29.30 -33.90 -9.05
C ASN D 43 29.34 -32.56 -9.76
N LEU D 44 28.35 -31.70 -9.53
CA LEU D 44 28.21 -30.47 -10.31
C LEU D 44 29.36 -29.50 -10.05
N LYS D 45 29.96 -28.99 -11.11
CA LYS D 45 31.19 -28.22 -10.93
C LYS D 45 31.17 -26.86 -11.60
N ARG D 46 30.56 -26.72 -12.78
CA ARG D 46 30.64 -25.45 -13.52
C ARG D 46 29.29 -24.91 -13.99
N VAL D 47 29.06 -23.64 -13.70
CA VAL D 47 27.78 -22.96 -13.90
C VAL D 47 28.00 -21.62 -14.60
N VAL D 48 27.07 -21.27 -15.48
CA VAL D 48 27.04 -19.93 -16.06
C VAL D 48 25.64 -19.34 -15.92
N ASP D 49 25.57 -18.12 -15.40
CA ASP D 49 24.32 -17.36 -15.23
C ASP D 49 24.37 -16.17 -16.17
N LEU D 50 23.55 -16.16 -17.23
CA LEU D 50 23.61 -15.07 -18.17
C LEU D 50 22.41 -14.14 -18.02
N CYS D 51 22.67 -12.86 -18.29
CA CYS D 51 21.74 -11.78 -17.99
C CYS D 51 21.37 -11.82 -16.50
N ALA D 52 22.42 -11.90 -15.68
CA ALA D 52 22.27 -12.24 -14.28
C ALA D 52 21.79 -11.08 -13.41
N ALA D 53 21.94 -9.84 -13.86
CA ALA D 53 21.61 -8.66 -13.05
C ALA D 53 20.15 -8.68 -12.58
N PRO D 54 19.92 -8.30 -11.31
CA PRO D 54 20.94 -7.84 -10.35
C PRO D 54 21.75 -8.94 -9.65
N GLY D 55 21.44 -10.21 -9.91
CA GLY D 55 22.22 -11.33 -9.41
C GLY D 55 21.55 -12.29 -8.42
N SER D 56 20.23 -12.29 -8.31
CA SER D 56 19.60 -13.16 -7.31
C SER D 56 19.75 -14.64 -7.67
N TRP D 57 19.72 -15.00 -8.96
CA TRP D 57 20.00 -16.38 -9.32
C TRP D 57 21.46 -16.75 -9.05
N SER D 58 22.36 -15.79 -9.16
CA SER D 58 23.77 -16.07 -8.86
C SER D 58 23.97 -16.26 -7.38
N GLN D 59 23.21 -15.53 -6.55
CA GLN D 59 23.24 -15.79 -5.11
C GLN D 59 22.81 -17.21 -4.81
N VAL D 60 21.68 -17.64 -5.38
CA VAL D 60 21.18 -19.00 -5.17
C VAL D 60 22.25 -20.00 -5.58
N LEU D 61 22.91 -19.73 -6.70
CA LEU D 61 24.01 -20.58 -7.15
C LEU D 61 25.15 -20.57 -6.14
N SER D 62 25.44 -19.41 -5.58
CA SER D 62 26.52 -19.33 -4.59
C SER D 62 26.14 -20.09 -3.33
N ARG D 63 24.94 -19.82 -2.82
CA ARG D 63 24.50 -20.46 -1.59
C ARG D 63 24.44 -21.97 -1.74
N LYS D 64 23.86 -22.45 -2.85
CA LYS D 64 23.69 -23.88 -3.01
C LYS D 64 25.01 -24.61 -3.17
N LEU D 65 25.96 -24.06 -3.91
CA LEU D 65 27.20 -24.77 -4.23
C LEU D 65 28.40 -24.40 -3.36
N PHE D 66 28.26 -23.50 -2.39
CA PHE D 66 29.38 -23.26 -1.48
C PHE D 66 28.89 -23.26 -0.03
N ASP D 67 28.07 -22.27 0.31
CA ASP D 67 27.56 -22.16 1.68
C ASP D 67 26.88 -23.44 2.15
N GLU D 68 26.21 -24.17 1.25
CA GLU D 68 25.41 -25.32 1.64
C GLU D 68 26.01 -26.64 1.19
N SER D 69 27.28 -26.67 0.80
CA SER D 69 27.84 -27.89 0.25
C SER D 69 29.05 -28.37 1.05
N PRO D 70 29.14 -29.66 1.35
CA PRO D 70 30.35 -30.20 1.98
C PRO D 70 31.62 -29.76 1.26
N SER D 71 32.69 -29.54 2.03
CA SER D 71 33.97 -29.08 1.49
C SER D 71 34.54 -30.05 0.43
N SER D 72 34.07 -31.30 0.43
CA SER D 72 34.57 -32.34 -0.49
C SER D 72 34.08 -32.13 -1.93
N ASP D 73 32.92 -31.53 -2.14
CA ASP D 73 32.45 -31.23 -3.49
C ASP D 73 32.56 -29.74 -3.88
N LYS D 74 33.31 -28.91 -3.12
CA LYS D 74 33.62 -27.53 -3.53
C LYS D 74 34.87 -27.38 -4.45
N GLU D 75 35.40 -28.42 -5.06
CA GLU D 75 36.70 -28.29 -5.70
C GLU D 75 36.52 -28.19 -7.20
N ASP D 76 37.19 -27.18 -7.73
CA ASP D 76 37.10 -26.70 -9.10
C ASP D 76 35.76 -26.06 -9.38
N ARG D 77 34.87 -25.91 -8.38
CA ARG D 77 33.57 -25.28 -8.63
C ARG D 77 33.78 -23.81 -8.98
N LYS D 78 33.11 -23.37 -10.05
CA LYS D 78 33.34 -22.04 -10.60
C LYS D 78 32.02 -21.49 -11.15
N ILE D 79 31.61 -20.31 -10.66
CA ILE D 79 30.38 -19.67 -11.08
C ILE D 79 30.76 -18.38 -11.82
N VAL D 80 30.32 -18.27 -13.07
CA VAL D 80 30.51 -17.06 -13.86
C VAL D 80 29.13 -16.50 -14.18
N SER D 81 28.91 -15.25 -13.85
CA SER D 81 27.64 -14.59 -14.10
C SER D 81 27.87 -13.37 -14.98
N VAL D 82 27.12 -13.28 -16.08
CA VAL D 82 27.33 -12.31 -17.14
C VAL D 82 26.09 -11.42 -17.29
N ASP D 83 26.32 -10.14 -17.49
CA ASP D 83 25.29 -9.17 -17.86
C ASP D 83 25.99 -7.95 -18.44
N LEU D 84 25.32 -7.30 -19.39
CA LEU D 84 25.86 -6.06 -19.92
C LEU D 84 25.73 -4.91 -18.94
N GLN D 85 24.91 -5.01 -18.04
CA GLN D 85 24.88 -4.07 -16.95
C GLN D 85 25.81 -4.56 -15.83
N PRO D 86 26.47 -3.65 -15.12
CA PRO D 86 27.39 -4.04 -14.03
C PRO D 86 26.67 -4.53 -12.78
N MET D 87 27.27 -5.53 -12.14
CA MET D 87 26.65 -6.20 -11.00
C MET D 87 27.48 -6.03 -9.74
N SER D 88 26.80 -5.92 -8.61
CA SER D 88 27.53 -5.91 -7.36
C SER D 88 28.09 -7.30 -7.09
N PRO D 89 29.33 -7.40 -6.59
CA PRO D 89 29.99 -8.70 -6.52
C PRO D 89 29.29 -9.66 -5.54
N ILE D 90 29.43 -10.94 -5.84
CA ILE D 90 28.81 -12.01 -5.06
C ILE D 90 29.88 -12.99 -4.62
N PRO D 91 29.93 -13.39 -3.35
CA PRO D 91 30.91 -14.38 -2.91
C PRO D 91 30.90 -15.65 -3.73
N HIS D 92 32.08 -16.04 -4.21
CA HIS D 92 32.34 -17.23 -5.02
C HIS D 92 31.78 -17.14 -6.43
N VAL D 93 31.46 -15.94 -6.89
CA VAL D 93 30.94 -15.72 -8.22
C VAL D 93 31.85 -14.74 -8.94
N THR D 94 32.30 -15.10 -10.13
CA THR D 94 33.04 -14.19 -11.00
C THR D 94 32.06 -13.47 -11.91
N THR D 95 32.02 -12.14 -11.77
CA THR D 95 31.09 -11.30 -12.49
C THR D 95 31.72 -10.71 -13.74
N LEU D 96 31.18 -11.04 -14.91
CA LEU D 96 31.67 -10.46 -16.16
C LEU D 96 30.64 -9.47 -16.67
N GLN D 97 31.11 -8.27 -17.02
CA GLN D 97 30.29 -7.24 -17.65
C GLN D 97 30.59 -7.28 -19.13
N ALA D 98 29.78 -8.03 -19.85
CA ALA D 98 30.12 -8.25 -21.22
C ALA D 98 28.85 -8.62 -21.97
N ASP D 99 28.96 -8.67 -23.29
CA ASP D 99 27.83 -8.99 -24.12
C ASP D 99 27.89 -10.47 -24.45
N ILE D 100 26.76 -11.16 -24.30
CA ILE D 100 26.75 -12.56 -24.63
C ILE D 100 26.99 -12.80 -26.12
N THR D 101 26.89 -11.77 -26.97
CA THR D 101 27.26 -11.86 -28.40
C THR D 101 28.76 -12.08 -28.66
N HIS D 102 29.62 -11.24 -28.02
CA HIS D 102 30.89 -10.58 -28.40
C HIS D 102 32.08 -11.52 -28.39
N PRO D 103 33.33 -11.04 -28.67
CA PRO D 103 34.38 -11.95 -29.18
C PRO D 103 34.88 -13.04 -28.23
N LYS D 104 35.63 -12.68 -27.22
CA LYS D 104 36.23 -13.62 -26.31
C LYS D 104 35.34 -13.86 -25.11
N THR D 105 34.10 -13.34 -25.11
CA THR D 105 33.20 -13.69 -24.02
C THR D 105 32.85 -15.15 -24.05
N LEU D 106 33.01 -15.77 -25.21
CA LEU D 106 33.04 -17.21 -25.23
C LEU D 106 34.42 -17.70 -24.77
N ALA D 107 35.50 -17.08 -25.28
CA ALA D 107 36.84 -17.45 -24.82
C ALA D 107 37.09 -17.06 -23.35
N ARG D 108 36.73 -15.83 -22.93
CA ARG D 108 36.93 -15.46 -21.52
C ARG D 108 36.22 -16.42 -20.61
N ILE D 109 34.92 -16.62 -20.83
CA ILE D 109 34.20 -17.58 -20.02
C ILE D 109 34.94 -18.91 -20.05
N LEU D 110 35.45 -19.30 -21.22
CA LEU D 110 36.10 -20.60 -21.33
C LEU D 110 37.42 -20.64 -20.57
N LYS D 111 38.15 -19.52 -20.54
CA LYS D 111 39.40 -19.46 -19.77
C LYS D 111 39.16 -19.62 -18.27
N LEU D 112 38.13 -18.96 -17.73
CA LEU D 112 37.89 -19.05 -16.30
C LEU D 112 37.48 -20.45 -15.87
N PHE D 113 37.11 -21.31 -16.81
CA PHE D 113 37.12 -22.74 -16.58
C PHE D 113 38.43 -23.35 -17.10
N GLY D 114 38.73 -24.57 -16.68
CA GLY D 114 39.93 -25.20 -17.21
C GLY D 114 39.77 -25.64 -18.66
N ASN D 115 39.28 -24.74 -19.51
CA ASN D 115 38.62 -25.04 -20.79
C ASN D 115 37.80 -26.30 -20.71
N GLU D 116 37.16 -26.47 -19.57
CA GLU D 116 36.15 -27.48 -19.37
C GLU D 116 34.80 -26.86 -19.71
N LYS D 117 33.91 -27.66 -20.25
CA LYS D 117 32.64 -27.06 -20.57
C LYS D 117 31.76 -27.05 -19.33
N ALA D 118 30.78 -26.14 -19.33
CA ALA D 118 29.95 -25.92 -18.15
C ALA D 118 28.95 -27.07 -18.00
N ASP D 119 28.69 -27.44 -16.75
CA ASP D 119 27.72 -28.51 -16.52
C ASP D 119 26.27 -28.01 -16.68
N PHE D 120 26.05 -26.70 -16.58
CA PHE D 120 24.71 -26.13 -16.47
C PHE D 120 24.77 -24.63 -16.71
N VAL D 121 23.92 -24.13 -17.61
CA VAL D 121 23.83 -22.71 -17.95
C VAL D 121 22.39 -22.26 -17.74
N CYS D 122 22.20 -21.19 -16.98
CA CYS D 122 20.88 -20.71 -16.65
C CYS D 122 20.74 -19.25 -17.09
N SER D 123 19.50 -18.84 -17.35
CA SER D 123 19.26 -17.44 -17.65
C SER D 123 17.86 -17.07 -17.22
N ASP D 124 17.75 -16.01 -16.43
CA ASP D 124 16.48 -15.47 -15.98
C ASP D 124 16.21 -14.11 -16.62
N GLY D 125 16.91 -13.79 -17.69
CA GLY D 125 16.80 -12.47 -18.27
C GLY D 125 15.45 -12.24 -18.93
N ALA D 126 14.93 -11.03 -18.78
CA ALA D 126 13.77 -10.59 -19.52
C ALA D 126 13.73 -9.08 -19.55
N PRO D 127 13.45 -8.49 -20.71
CA PRO D 127 13.21 -7.04 -20.77
C PRO D 127 11.89 -6.67 -20.13
N ASP D 128 11.75 -5.39 -19.79
CA ASP D 128 10.48 -4.90 -19.29
C ASP D 128 9.43 -5.02 -20.38
N VAL D 129 8.29 -5.63 -20.04
CA VAL D 129 7.25 -5.80 -21.04
C VAL D 129 6.64 -4.44 -21.37
N THR D 130 6.28 -4.27 -22.64
CA THR D 130 5.65 -3.05 -23.13
C THR D 130 4.13 -3.09 -23.00
N GLY D 131 3.56 -4.29 -22.94
CA GLY D 131 2.12 -4.46 -23.02
C GLY D 131 1.68 -4.87 -24.41
N LEU D 132 2.57 -4.79 -25.39
CA LEU D 132 2.32 -5.31 -26.73
C LEU D 132 2.79 -6.75 -26.75
N HIS D 133 1.85 -7.68 -26.67
CA HIS D 133 2.21 -9.08 -26.42
C HIS D 133 3.07 -9.68 -27.52
N ASP D 134 2.74 -9.44 -28.79
CA ASP D 134 3.55 -10.05 -29.85
C ASP D 134 4.97 -9.52 -29.80
N LEU D 135 5.15 -8.22 -29.57
CA LEU D 135 6.50 -7.70 -29.42
C LEU D 135 7.20 -8.27 -28.18
N ASP D 136 6.51 -8.28 -27.04
CA ASP D 136 7.14 -8.82 -25.85
C ASP D 136 7.54 -10.26 -26.06
N GLU D 137 6.71 -11.03 -26.76
CA GLU D 137 7.08 -12.42 -26.94
C GLU D 137 8.22 -12.57 -27.93
N TYR D 138 8.23 -11.79 -29.01
CA TYR D 138 9.33 -11.89 -29.97
C TYR D 138 10.66 -11.49 -29.32
N VAL D 139 10.66 -10.41 -28.54
CA VAL D 139 11.88 -9.97 -27.87
C VAL D 139 12.40 -11.03 -26.92
N GLN D 140 11.50 -11.68 -26.18
CA GLN D 140 11.92 -12.74 -25.27
C GLN D 140 12.54 -13.90 -26.04
N GLN D 141 12.00 -14.26 -27.20
CA GLN D 141 12.62 -15.36 -27.93
C GLN D 141 13.90 -14.92 -28.64
N GLN D 142 14.08 -13.60 -28.84
CA GLN D 142 15.38 -13.08 -29.23
C GLN D 142 16.43 -13.40 -28.16
N LEU D 143 16.14 -13.03 -26.91
CA LEU D 143 17.13 -13.20 -25.86
C LEU D 143 17.43 -14.68 -25.60
N ILE D 144 16.43 -15.55 -25.70
CA ILE D 144 16.69 -16.98 -25.58
C ILE D 144 17.59 -17.47 -26.70
N MET D 145 17.33 -17.01 -27.93
CA MET D 145 18.15 -17.42 -29.07
C MET D 145 19.60 -17.02 -28.88
N SER D 146 19.85 -15.72 -28.70
CA SER D 146 21.22 -15.24 -28.51
C SER D 146 21.87 -15.86 -27.28
N ALA D 147 21.10 -16.10 -26.21
CA ALA D 147 21.65 -16.86 -25.10
C ALA D 147 22.02 -18.28 -25.54
N LEU D 148 21.19 -18.89 -26.38
CA LEU D 148 21.49 -20.24 -26.89
C LEU D 148 22.77 -20.26 -27.71
N GLN D 149 23.25 -19.11 -28.18
CA GLN D 149 24.51 -19.09 -28.92
C GLN D 149 25.60 -19.74 -28.09
N LEU D 150 25.81 -19.22 -26.88
CA LEU D 150 26.95 -19.65 -26.09
C LEU D 150 26.66 -20.93 -25.36
N THR D 151 25.42 -21.13 -24.95
CA THR D 151 25.06 -22.41 -24.37
C THR D 151 25.32 -23.54 -25.37
N ALA D 152 25.19 -23.26 -26.68
CA ALA D 152 25.48 -24.27 -27.70
C ALA D 152 26.89 -24.82 -27.55
N CYS D 153 27.84 -23.95 -27.20
CA CYS D 153 29.25 -24.34 -27.06
C CYS D 153 29.54 -24.74 -25.62
N ILE D 154 29.64 -23.75 -24.72
CA ILE D 154 30.14 -23.96 -23.37
C ILE D 154 29.42 -25.07 -22.61
N LEU D 155 28.20 -25.43 -23.01
CA LEU D 155 27.45 -26.43 -22.26
C LEU D 155 27.99 -27.83 -22.53
N LYS D 156 28.24 -28.58 -21.44
CA LYS D 156 28.71 -29.95 -21.58
C LYS D 156 27.63 -30.81 -22.20
N LYS D 157 28.05 -31.67 -23.13
CA LYS D 157 27.15 -32.62 -23.77
C LYS D 157 26.43 -33.43 -22.70
N GLY D 158 25.10 -33.41 -22.73
CA GLY D 158 24.32 -34.02 -21.68
C GLY D 158 24.05 -33.13 -20.48
N GLY D 159 24.27 -31.82 -20.60
CA GLY D 159 24.09 -30.89 -19.48
C GLY D 159 22.90 -29.97 -19.69
N THR D 160 22.26 -29.63 -18.58
CA THR D 160 21.02 -28.90 -18.60
C THR D 160 21.21 -27.41 -18.92
N PHE D 161 20.24 -26.83 -19.63
CA PHE D 161 20.13 -25.39 -19.91
C PHE D 161 18.75 -24.88 -19.53
N VAL D 162 18.70 -23.81 -18.72
CA VAL D 162 17.47 -23.27 -18.16
C VAL D 162 17.31 -21.82 -18.59
N ALA D 163 16.10 -21.45 -18.99
CA ALA D 163 15.84 -20.09 -19.46
C ALA D 163 14.40 -19.71 -19.12
N LYS D 164 14.15 -18.41 -18.99
CA LYS D 164 12.79 -17.94 -18.79
C LYS D 164 12.18 -17.66 -20.15
N ILE D 165 10.91 -18.05 -20.30
CA ILE D 165 10.19 -17.93 -21.55
C ILE D 165 8.91 -17.13 -21.33
N PHE D 166 8.39 -16.59 -22.44
CA PHE D 166 7.09 -15.95 -22.53
C PHE D 166 6.18 -17.06 -23.08
N ARG D 167 5.35 -17.63 -22.22
CA ARG D 167 4.60 -18.85 -22.59
C ARG D 167 3.31 -18.50 -23.35
N GLY D 168 3.47 -17.83 -24.49
CA GLY D 168 2.38 -17.28 -25.27
C GLY D 168 2.00 -17.94 -26.59
N ARG D 169 1.69 -17.10 -27.59
CA ARG D 169 1.09 -17.57 -28.82
C ARG D 169 2.05 -18.45 -29.64
N ASP D 170 3.35 -18.12 -29.65
CA ASP D 170 4.32 -18.79 -30.50
C ASP D 170 5.30 -19.66 -29.74
N ILE D 171 4.99 -20.05 -28.51
CA ILE D 171 5.96 -20.83 -27.74
C ILE D 171 6.22 -22.17 -28.41
N ASP D 172 5.21 -22.76 -29.05
CA ASP D 172 5.38 -24.07 -29.66
C ASP D 172 6.39 -24.05 -30.79
N MET D 173 6.67 -22.89 -31.38
CA MET D 173 7.77 -22.76 -32.33
C MET D 173 9.11 -23.00 -31.64
N LEU D 174 9.32 -22.32 -30.52
CA LEU D 174 10.59 -22.40 -29.80
C LEU D 174 10.87 -23.82 -29.33
N TYR D 175 9.84 -24.52 -28.84
CA TYR D 175 10.02 -25.90 -28.41
C TYR D 175 10.54 -26.76 -29.55
N SER D 176 9.91 -26.65 -30.72
CA SER D 176 10.33 -27.49 -31.84
C SER D 176 11.69 -27.03 -32.34
N GLN D 177 11.92 -25.72 -32.43
CA GLN D 177 13.24 -25.20 -32.75
C GLN D 177 14.28 -25.73 -31.78
N LEU D 178 13.89 -26.11 -30.58
CA LEU D 178 14.79 -26.68 -29.58
C LEU D 178 14.74 -28.19 -29.52
N GLY D 179 13.91 -28.83 -30.34
CA GLY D 179 13.88 -30.28 -30.35
C GLY D 179 15.19 -30.87 -30.86
N TYR D 180 15.84 -30.18 -31.77
CA TYR D 180 17.08 -30.67 -32.36
C TYR D 180 18.19 -30.87 -31.31
N LEU D 181 18.11 -30.18 -30.16
CA LEU D 181 19.25 -30.09 -29.26
C LEU D 181 19.06 -30.63 -27.84
N PHE D 182 17.97 -31.32 -27.53
CA PHE D 182 17.86 -31.79 -26.15
C PHE D 182 17.13 -33.12 -26.08
N ASP D 183 17.46 -33.89 -25.04
CA ASP D 183 16.83 -35.18 -24.81
C ASP D 183 15.37 -35.01 -24.40
N LYS D 184 15.13 -34.21 -23.37
CA LYS D 184 13.81 -33.99 -22.81
C LYS D 184 13.67 -32.49 -22.59
N ILE D 185 12.74 -31.86 -23.30
CA ILE D 185 12.45 -30.45 -23.14
C ILE D 185 11.24 -30.31 -22.24
N VAL D 186 11.39 -29.55 -21.17
CA VAL D 186 10.38 -29.40 -20.16
C VAL D 186 9.99 -27.93 -20.09
N CYS D 187 8.81 -27.69 -19.54
CA CYS D 187 8.32 -26.33 -19.37
C CYS D 187 7.71 -26.27 -17.99
N ALA D 188 8.06 -25.23 -17.23
CA ALA D 188 7.74 -25.21 -15.81
C ALA D 188 7.39 -23.81 -15.33
N LYS D 189 6.19 -23.64 -14.81
CA LYS D 189 6.08 -22.58 -13.81
C LYS D 189 6.50 -23.14 -12.46
N PRO D 190 7.25 -22.38 -11.67
CA PRO D 190 7.25 -22.61 -10.23
C PRO D 190 5.97 -22.05 -9.66
N ARG D 191 5.99 -21.64 -8.41
CA ARG D 191 4.80 -21.10 -7.77
C ARG D 191 5.05 -19.71 -7.21
N SER D 192 6.29 -19.28 -7.15
CA SER D 192 6.68 -17.89 -7.00
C SER D 192 6.53 -17.10 -8.30
N SER D 193 6.13 -17.77 -9.39
CA SER D 193 5.82 -17.08 -10.63
C SER D 193 4.37 -16.59 -10.56
N ARG D 194 4.21 -15.27 -10.47
CA ARG D 194 2.90 -14.64 -10.31
C ARG D 194 1.90 -15.08 -11.39
N GLY D 195 0.68 -15.41 -10.96
CA GLY D 195 -0.36 -15.78 -11.90
C GLY D 195 -0.62 -14.76 -13.00
N THR D 196 -0.46 -13.45 -12.68
CA THR D 196 -0.61 -12.29 -13.59
C THR D 196 0.48 -12.26 -14.73
N SER D 197 1.38 -13.23 -14.79
CA SER D 197 2.45 -13.26 -15.78
C SER D 197 2.27 -14.45 -16.70
N LEU D 198 2.64 -14.24 -17.97
CA LEU D 198 2.77 -15.28 -18.97
C LEU D 198 4.08 -16.05 -18.82
N GLU D 199 4.69 -15.91 -17.65
CA GLU D 199 6.03 -16.40 -17.40
C GLU D 199 6.05 -17.90 -17.27
N ALA D 200 7.14 -18.50 -17.70
CA ALA D 200 7.41 -19.90 -17.41
C ALA D 200 8.89 -20.13 -17.65
N PHE D 201 9.32 -21.36 -17.44
CA PHE D 201 10.72 -21.68 -17.61
C PHE D 201 10.85 -22.92 -18.47
N ILE D 202 11.79 -22.86 -19.39
CA ILE D 202 12.07 -23.97 -20.29
C ILE D 202 13.30 -24.65 -19.71
N VAL D 203 13.10 -25.81 -19.08
CA VAL D 203 14.20 -26.52 -18.46
C VAL D 203 14.60 -27.63 -19.41
N CYS D 204 15.67 -27.39 -20.16
CA CYS D 204 16.17 -28.33 -21.15
C CYS D 204 17.16 -29.27 -20.45
N LEU D 205 16.82 -30.56 -20.37
CA LEU D 205 17.69 -31.52 -19.75
C LEU D 205 18.39 -32.34 -20.79
N GLY D 206 19.61 -32.74 -20.51
CA GLY D 206 20.41 -33.49 -21.44
C GLY D 206 20.73 -32.79 -22.73
N TYR D 207 21.77 -31.95 -22.76
CA TYR D 207 22.16 -31.31 -23.99
C TYR D 207 22.40 -32.38 -25.01
N ASN D 208 22.54 -32.00 -26.26
CA ASN D 208 22.73 -32.97 -27.30
C ASN D 208 23.26 -32.37 -28.56
N PRO D 209 23.27 -33.27 -29.64
CA PRO D 209 24.12 -32.82 -30.74
C PRO D 209 23.80 -31.46 -31.30
N PRO D 210 24.67 -30.44 -30.92
CA PRO D 210 24.54 -29.26 -31.78
C PRO D 210 25.09 -29.56 -33.16
N SER D 211 25.04 -28.56 -34.03
CA SER D 211 25.48 -28.64 -35.41
C SER D 211 26.93 -29.07 -35.57
N ASN D 212 27.49 -28.76 -36.73
CA ASN D 212 28.87 -29.12 -37.08
C ASN D 212 29.43 -28.18 -38.14
N ASN D 233 27.21 -8.93 -37.67
CA ASN D 233 26.14 -8.61 -38.62
C ASN D 233 26.15 -9.67 -39.74
N LYS D 234 25.77 -10.89 -39.36
CA LYS D 234 25.96 -12.08 -40.17
C LYS D 234 24.82 -13.06 -39.88
N LEU D 235 24.92 -14.27 -40.45
CA LEU D 235 24.00 -15.34 -40.09
C LEU D 235 24.18 -15.69 -38.61
N CYS D 236 23.06 -15.87 -37.89
CA CYS D 236 23.08 -16.23 -36.47
C CYS D 236 22.14 -17.41 -36.21
N ILE D 237 22.09 -17.87 -34.95
CA ILE D 237 21.28 -19.06 -34.63
C ILE D 237 19.81 -18.82 -34.93
N SER D 238 19.31 -17.61 -34.68
CA SER D 238 17.92 -17.31 -34.96
C SER D 238 17.57 -17.64 -36.40
N ASP D 239 18.44 -17.23 -37.35
CA ASP D 239 18.20 -17.46 -38.77
C ASP D 239 18.46 -18.91 -39.19
N LYS D 240 19.41 -19.61 -38.55
CA LYS D 240 19.63 -21.01 -38.90
C LYS D 240 18.70 -21.95 -38.13
N LEU D 241 18.19 -21.56 -36.95
CA LEU D 241 17.05 -22.29 -36.41
C LEU D 241 15.80 -22.00 -37.22
N SER D 242 15.62 -20.74 -37.64
CA SER D 242 14.53 -20.40 -38.56
C SER D 242 14.74 -21.07 -39.93
N HIS D 243 15.98 -21.37 -40.30
CA HIS D 243 16.23 -22.03 -41.60
C HIS D 243 15.62 -23.44 -41.63
N TRP D 244 15.92 -24.27 -40.62
CA TRP D 244 15.54 -25.68 -40.73
C TRP D 244 14.11 -25.95 -40.26
N ASN D 245 13.75 -25.41 -39.11
CA ASN D 245 12.46 -25.63 -38.43
C ASN D 245 11.15 -25.66 -39.23
N GLU D 246 11.09 -24.86 -40.30
CA GLU D 246 10.40 -23.59 -40.20
C GLU D 246 8.84 -23.54 -40.50
N GLU D 247 8.23 -22.67 -39.67
CA GLU D 247 6.79 -22.52 -39.36
C GLU D 247 6.13 -23.84 -38.92
N GLU D 248 6.83 -24.58 -38.08
CA GLU D 248 6.28 -25.79 -37.49
C GLU D 248 6.36 -25.67 -35.97
N ARG D 249 5.43 -26.33 -35.28
CA ARG D 249 5.23 -26.17 -33.85
C ARG D 249 5.02 -27.52 -33.20
N ASN D 250 5.71 -27.73 -32.06
CA ASN D 250 5.57 -28.90 -31.21
C ASN D 250 5.26 -28.41 -29.81
N ILE D 251 4.66 -29.27 -29.00
CA ILE D 251 4.35 -28.92 -27.63
C ILE D 251 5.29 -29.69 -26.70
N ALA D 252 6.11 -28.94 -25.95
CA ALA D 252 7.02 -29.52 -24.98
C ALA D 252 6.25 -30.13 -23.82
N GLU D 253 6.89 -31.06 -23.13
CA GLU D 253 6.25 -31.67 -21.99
C GLU D 253 6.23 -30.65 -20.85
N PHE D 254 5.24 -30.79 -19.97
CA PHE D 254 5.06 -29.83 -18.89
C PHE D 254 5.44 -30.46 -17.55
N MET D 255 5.96 -29.63 -16.65
CA MET D 255 6.45 -30.10 -15.36
C MET D 255 6.27 -28.97 -14.35
N ALA D 256 5.36 -29.14 -13.39
CA ALA D 256 5.38 -28.29 -12.20
C ALA D 256 6.61 -28.65 -11.38
N CYS D 257 7.12 -27.70 -10.60
CA CYS D 257 8.46 -27.83 -10.05
C CYS D 257 8.55 -27.87 -8.54
N GLY D 258 7.88 -26.96 -7.84
CA GLY D 258 8.03 -26.88 -6.40
C GLY D 258 7.35 -28.03 -5.68
N SER D 259 7.38 -27.93 -4.34
CA SER D 259 6.70 -28.89 -3.48
C SER D 259 5.31 -28.41 -3.08
S SO4 E . 18.62 11.87 30.38
O1 SO4 E . 19.88 11.75 29.62
O2 SO4 E . 17.65 12.66 29.64
O3 SO4 E . 18.11 10.55 30.73
O4 SO4 E . 18.89 12.59 31.62
S SO4 F . -0.82 -15.80 38.71
O1 SO4 F . 0.45 -15.34 38.10
O2 SO4 F . -1.91 -15.97 37.74
O3 SO4 F . -0.61 -17.08 39.41
O4 SO4 F . -1.25 -14.78 39.65
N1 EPE G . -9.39 -10.54 39.86
C2 EPE G . -10.80 -10.21 39.55
C3 EPE G . -11.77 -11.13 40.27
N4 EPE G . -11.42 -12.53 40.07
C5 EPE G . -10.02 -12.93 40.14
C6 EPE G . -9.06 -11.93 39.47
C7 EPE G . -12.48 -13.51 40.33
C8 EPE G . -11.93 -14.84 40.83
O8 EPE G . -12.18 -14.93 42.22
C9 EPE G . -8.53 -9.62 39.10
C10 EPE G . -9.21 -8.27 38.88
S EPE G . -8.12 -6.86 39.18
O1S EPE G . -6.78 -7.18 38.67
O2S EPE G . -8.70 -5.65 38.58
O3S EPE G . -8.01 -6.66 40.62
S SO4 H . -10.55 -12.46 -33.77
O1 SO4 H . -11.27 -13.16 -34.82
O2 SO4 H . -10.99 -11.08 -33.78
O3 SO4 H . -9.10 -12.52 -34.05
O4 SO4 H . -10.84 -13.13 -32.52
S SO4 I . -26.38 18.01 -27.17
O1 SO4 I . -25.87 19.07 -28.03
O2 SO4 I . -27.82 17.90 -27.38
O3 SO4 I . -25.71 16.75 -27.51
O4 SO4 I . -26.18 18.34 -25.75
N1 EPE J . -33.41 13.87 -21.11
C2 EPE J . -32.98 15.09 -21.85
C3 EPE J . -33.36 16.38 -21.09
N4 EPE J . -34.67 16.31 -20.44
C5 EPE J . -35.19 15.05 -19.94
C6 EPE J . -34.85 13.87 -20.85
C7 EPE J . -35.36 17.56 -20.11
C8 EPE J . -36.81 17.32 -19.67
O8 EPE J . -37.10 18.00 -18.45
C9 EPE J . -33.03 12.68 -21.87
C10 EPE J . -32.88 11.50 -20.90
S EPE J . -32.82 9.94 -21.81
O1S EPE J . -33.85 9.97 -22.85
O2S EPE J . -31.52 9.90 -22.51
O3S EPE J . -33.09 8.79 -20.94
#